data_3T0U
#
_entry.id   3T0U
#
_cell.length_a   139.447
_cell.length_b   153.673
_cell.length_c   223.476
_cell.angle_alpha   90.00
_cell.angle_beta   90.00
_cell.angle_gamma   90.00
#
_symmetry.space_group_name_H-M   'C 2 2 21'
#
loop_
_entity.id
_entity.type
_entity.pdbx_description
1 polymer 'Peroxisomal primary amine oxidase'
2 non-polymer 'COPPER (I) ION'
3 non-polymer GLYCEROL
4 non-polymer 'PHOSPHATE ION'
5 water water
#
_entity_poly.entity_id   1
_entity_poly.type   'polypeptide(L)'
_entity_poly.pdbx_seq_one_letter_code
;MERLRQIASQATAASAAPARPAHPLDPLSTAEIKAATNTVKSYFAGKKISFNTVTLREPARKAYIQWKEQGGPLPPRLAY
YVILEAGKPGVKEGLVDLASLSVIETRALETVQPILTVEDLCSTEEVIRNDPAVIEQCVLSGIPANEMHKVYCDPWTIGY
DERWGTGKRLQQALVYYRSDEDDSQYSHPLDFCPIVDTEEKKVIFIDIPNRRRKVSKHKHANFYPKHMIEKVGAMRPEAP
PINVTQPEGVSFKMTGNVMEWSNFKFHIGFNYREGIVLSDVSYNDHGNVRPIFHRISLSEMIVPYGSPEFPHQRKHALDI
GEYGAGYMTNPLSLGCDCKGVIHYLDAHFSDRAGDPITVKNAVCIHEEDDGLLFKHSDFRDNFATSLVTRATKLVVSQIF
TAANYEYCLYWVFMQDGAIRLDIRLTGILNTYILGDDEEAGPWGTRVYPNVNAHNHQHLFSLRIDPRIDGDGNSAAACDA
KSSPYPLGSPENMYGNAFYSEKTTFKTVKDSLTNYESATGRSWDIFNPNKVNPYSGKPPSYKLVSTQCPPLLAKEGSLVA
KRAPWASHSVNVVPYKDNRLYPSGDHVPQWSGDGVRGMREWIGDGSENIDNTDILFFHTFGITHFPAPEDFPLMPAEPIT
LMLRPRHFFTENPGLDIQPSYAMTTSEAKRAVHKETKDKTSRLAFEGSCCGK
;
_entity_poly.pdbx_strand_id   A,B,C
#
loop_
_chem_comp.id
_chem_comp.type
_chem_comp.name
_chem_comp.formula
CU1 non-polymer 'COPPER (I) ION' 'Cu 1'
GOL non-polymer GLYCEROL 'C3 H8 O3'
PO4 non-polymer 'PHOSPHATE ION' 'O4 P -3'
#
# COMPACT_ATOMS: atom_id res chain seq x y z
N ALA A 16 26.03 43.80 -47.05
CA ALA A 16 26.07 42.31 -47.32
C ALA A 16 25.70 41.49 -46.08
N ALA A 17 25.23 42.15 -45.02
CA ALA A 17 24.74 41.44 -43.82
C ALA A 17 23.57 40.54 -44.18
N PRO A 18 23.52 39.33 -43.59
CA PRO A 18 22.45 38.39 -43.99
C PRO A 18 21.08 38.84 -43.49
N ALA A 19 20.00 38.43 -44.15
CA ALA A 19 18.65 38.82 -43.74
C ALA A 19 18.33 38.24 -42.34
N ARG A 20 17.64 39.02 -41.50
CA ARG A 20 17.24 38.58 -40.16
C ARG A 20 16.18 37.50 -40.30
N PRO A 21 16.05 36.62 -39.28
CA PRO A 21 15.04 35.55 -39.34
C PRO A 21 13.66 36.08 -39.01
N ALA A 22 12.65 35.26 -39.27
CA ALA A 22 11.29 35.54 -38.82
C ALA A 22 11.21 35.71 -37.30
N HIS A 23 12.04 34.99 -36.55
CA HIS A 23 11.85 34.83 -35.09
C HIS A 23 13.24 34.72 -34.45
N PRO A 24 13.48 35.39 -33.31
CA PRO A 24 14.82 35.45 -32.74
C PRO A 24 15.42 34.07 -32.39
N LEU A 25 14.58 33.06 -32.20
CA LEU A 25 15.10 31.73 -31.82
C LEU A 25 15.28 30.83 -33.03
N ASP A 26 14.98 31.34 -34.23
CA ASP A 26 15.21 30.52 -35.42
C ASP A 26 16.69 30.15 -35.52
N PRO A 27 17.00 28.92 -35.96
CA PRO A 27 18.41 28.54 -36.20
C PRO A 27 19.00 29.41 -37.29
N LEU A 28 20.32 29.53 -37.33
CA LEU A 28 21.00 30.26 -38.41
C LEU A 28 20.62 29.71 -39.79
N SER A 29 20.25 30.60 -40.71
CA SER A 29 20.02 30.23 -42.11
C SER A 29 21.35 29.90 -42.78
N THR A 30 21.30 29.32 -43.98
CA THR A 30 22.55 29.06 -44.69
C THR A 30 23.28 30.38 -44.98
N ALA A 31 22.54 31.43 -45.32
CA ALA A 31 23.14 32.75 -45.54
C ALA A 31 23.86 33.27 -44.28
N GLU A 32 23.24 33.09 -43.12
CA GLU A 32 23.85 33.51 -41.86
C GLU A 32 25.10 32.70 -41.53
N ILE A 33 25.05 31.39 -41.78
CA ILE A 33 26.21 30.55 -41.53
C ILE A 33 27.38 31.01 -42.44
N LYS A 34 27.11 31.21 -43.73
CA LYS A 34 28.16 31.70 -44.67
C LYS A 34 28.72 33.08 -44.24
N ALA A 35 27.84 33.95 -43.79
CA ALA A 35 28.24 35.27 -43.32
C ALA A 35 29.15 35.14 -42.14
N ALA A 36 28.79 34.26 -41.21
CA ALA A 36 29.61 34.03 -40.03
C ALA A 36 31.00 33.50 -40.41
N THR A 37 31.05 32.48 -41.26
CA THR A 37 32.35 31.91 -41.61
C THR A 37 33.22 32.85 -42.48
N ASN A 38 32.59 33.63 -43.36
CA ASN A 38 33.32 34.69 -44.05
C ASN A 38 33.97 35.65 -43.05
N THR A 39 33.20 36.05 -42.04
CA THR A 39 33.66 37.02 -41.06
C THR A 39 34.84 36.48 -40.27
N VAL A 40 34.74 35.21 -39.87
CA VAL A 40 35.81 34.57 -39.09
C VAL A 40 37.08 34.38 -39.91
N LYS A 41 36.94 33.92 -41.17
CA LYS A 41 38.10 33.80 -42.08
C LYS A 41 38.84 35.14 -42.25
N SER A 42 38.07 36.22 -42.41
CA SER A 42 38.65 37.55 -42.53
C SER A 42 39.35 37.95 -41.25
N TYR A 43 38.74 37.67 -40.09
CA TYR A 43 39.35 38.06 -38.83
C TYR A 43 40.67 37.34 -38.65
N PHE A 44 40.71 36.05 -39.00
CA PHE A 44 41.94 35.27 -38.98
C PHE A 44 42.67 35.31 -40.34
N ALA A 45 42.76 36.50 -40.94
CA ALA A 45 43.32 36.62 -42.30
C ALA A 45 44.71 36.01 -42.36
N GLY A 46 44.97 35.23 -43.40
CA GLY A 46 46.29 34.63 -43.61
C GLY A 46 46.58 33.40 -42.76
N LYS A 47 45.60 32.96 -41.96
CA LYS A 47 45.77 31.75 -41.16
C LYS A 47 44.95 30.62 -41.77
N LYS A 48 45.47 29.42 -41.63
CA LYS A 48 44.79 28.23 -42.12
C LYS A 48 43.90 27.72 -40.99
N ILE A 49 42.59 27.91 -41.12
CA ILE A 49 41.64 27.50 -40.11
C ILE A 49 40.59 26.55 -40.69
N SER A 50 39.96 25.76 -39.82
CA SER A 50 38.86 24.91 -40.24
C SER A 50 37.72 25.03 -39.22
N PHE A 51 36.48 24.92 -39.69
CA PHE A 51 35.34 25.21 -38.85
C PHE A 51 34.85 23.93 -38.21
N ASN A 52 34.68 23.98 -36.89
CA ASN A 52 34.16 22.82 -36.17
C ASN A 52 32.66 22.95 -35.89
N THR A 53 32.24 24.13 -35.47
CA THR A 53 30.84 24.42 -35.08
C THR A 53 30.56 25.86 -35.54
N VAL A 54 29.46 26.08 -36.25
CA VAL A 54 28.89 27.41 -36.42
C VAL A 54 27.40 27.32 -36.16
N THR A 55 26.93 27.97 -35.09
CA THR A 55 25.55 27.73 -34.62
C THR A 55 25.00 29.00 -33.98
N LEU A 56 23.68 29.10 -33.90
CA LEU A 56 23.06 30.27 -33.27
C LEU A 56 23.57 30.35 -31.82
N ARG A 57 23.93 31.56 -31.39
CA ARG A 57 24.03 31.88 -29.98
C ARG A 57 22.70 32.52 -29.56
N GLU A 58 21.92 31.79 -28.79
CA GLU A 58 20.53 32.20 -28.50
C GLU A 58 20.53 33.48 -27.66
N PRO A 59 19.52 34.34 -27.87
CA PRO A 59 19.42 35.59 -27.10
C PRO A 59 19.47 35.28 -25.61
N ALA A 60 19.88 36.26 -24.80
CA ALA A 60 19.70 36.18 -23.34
C ALA A 60 18.24 35.94 -22.98
N ARG A 61 17.99 35.17 -21.94
CA ARG A 61 16.62 34.84 -21.55
C ARG A 61 15.78 36.12 -21.32
N LYS A 62 16.37 37.07 -20.59
CA LYS A 62 15.67 38.32 -20.27
C LYS A 62 15.35 39.08 -21.53
N ALA A 63 16.33 39.16 -22.42
CA ALA A 63 16.17 39.90 -23.65
C ALA A 63 15.03 39.31 -24.49
N TYR A 64 14.98 37.98 -24.57
CA TYR A 64 13.92 37.33 -25.35
C TYR A 64 12.56 37.62 -24.75
N ILE A 65 12.45 37.41 -23.44
CA ILE A 65 11.16 37.57 -22.76
C ILE A 65 10.65 39.01 -22.85
N GLN A 66 11.56 39.97 -22.74
CA GLN A 66 11.15 41.39 -22.86
C GLN A 66 10.73 41.71 -24.27
N TRP A 67 11.39 41.08 -25.24
CA TRP A 67 11.00 41.30 -26.63
C TRP A 67 9.61 40.73 -26.87
N LYS A 68 9.39 39.55 -26.30
CA LYS A 68 8.17 38.78 -26.55
C LYS A 68 6.95 39.42 -25.87
N GLU A 69 7.15 39.94 -24.67
CA GLU A 69 6.04 40.32 -23.81
C GLU A 69 5.99 41.79 -23.42
N GLN A 70 7.10 42.52 -23.54
CA GLN A 70 7.13 43.90 -23.07
C GLN A 70 7.45 44.93 -24.15
N GLY A 71 7.36 44.54 -25.41
CA GLY A 71 7.70 45.47 -26.50
C GLY A 71 9.18 45.84 -26.53
N GLY A 72 10.03 44.92 -26.08
CA GLY A 72 11.48 45.17 -26.03
C GLY A 72 12.10 45.12 -27.43
N PRO A 73 13.36 45.54 -27.54
CA PRO A 73 14.10 45.48 -28.81
C PRO A 73 14.39 44.03 -29.24
N LEU A 74 14.44 43.79 -30.54
CA LEU A 74 14.84 42.51 -31.07
C LEU A 74 16.25 42.24 -30.58
N PRO A 75 16.51 41.05 -30.00
CA PRO A 75 17.92 40.77 -29.63
C PRO A 75 18.82 40.70 -30.87
N PRO A 76 20.11 41.01 -30.71
CA PRO A 76 21.02 40.92 -31.86
C PRO A 76 21.18 39.46 -32.33
N ARG A 77 21.34 39.23 -33.63
CA ARG A 77 21.57 37.86 -34.15
C ARG A 77 23.04 37.58 -34.02
N LEU A 78 23.38 36.54 -33.29
CA LEU A 78 24.79 36.22 -32.99
C LEU A 78 25.07 34.78 -33.43
N ALA A 79 26.28 34.53 -33.92
CA ALA A 79 26.74 33.19 -34.27
C ALA A 79 27.87 32.82 -33.32
N TYR A 80 27.74 31.68 -32.67
CA TYR A 80 28.86 31.05 -31.95
C TYR A 80 29.66 30.16 -32.92
N TYR A 81 30.99 30.30 -32.92
CA TYR A 81 31.87 29.42 -33.70
C TYR A 81 32.97 28.77 -32.87
N VAL A 82 33.36 27.57 -33.33
CA VAL A 82 34.55 26.88 -32.85
C VAL A 82 35.37 26.54 -34.10
N ILE A 83 36.66 26.91 -34.07
CA ILE A 83 37.57 26.58 -35.17
C ILE A 83 38.84 25.91 -34.66
N LEU A 84 39.53 25.22 -35.57
CA LEU A 84 40.88 24.73 -35.36
C LEU A 84 41.82 25.53 -36.27
N GLU A 85 43.05 25.71 -35.84
CA GLU A 85 44.08 26.38 -36.64
C GLU A 85 45.25 25.43 -36.81
N ALA A 86 45.66 25.23 -38.06
CA ALA A 86 46.78 24.37 -38.41
C ALA A 86 47.98 24.68 -37.52
N GLY A 87 48.51 23.64 -36.90
CA GLY A 87 49.70 23.80 -36.04
C GLY A 87 49.46 24.39 -34.66
N LYS A 88 48.21 24.60 -34.27
CA LYS A 88 47.89 25.13 -32.95
C LYS A 88 47.12 24.10 -32.15
N PRO A 89 47.42 23.96 -30.85
CA PRO A 89 46.72 22.99 -30.01
C PRO A 89 45.30 23.45 -29.66
N GLY A 90 44.40 22.50 -29.43
CA GLY A 90 43.05 22.88 -28.96
C GLY A 90 42.25 23.63 -30.03
N VAL A 91 41.50 24.64 -29.61
CA VAL A 91 40.51 25.32 -30.45
C VAL A 91 40.57 26.82 -30.19
N LYS A 92 39.92 27.58 -31.05
CA LYS A 92 39.51 28.92 -30.73
C LYS A 92 38.02 28.98 -30.86
N GLU A 93 37.38 29.79 -30.01
CA GLU A 93 35.93 29.98 -30.10
C GLU A 93 35.58 31.46 -30.02
N GLY A 94 34.37 31.81 -30.40
CA GLY A 94 33.92 33.19 -30.24
C GLY A 94 32.55 33.44 -30.79
N LEU A 95 32.20 34.73 -30.88
CA LEU A 95 30.91 35.17 -31.35
C LEU A 95 31.08 36.12 -32.54
N VAL A 96 30.18 36.03 -33.49
CA VAL A 96 30.08 36.97 -34.60
C VAL A 96 28.77 37.68 -34.48
N ASP A 97 28.82 39.01 -34.54
CA ASP A 97 27.60 39.80 -34.60
C ASP A 97 27.23 39.90 -36.09
N LEU A 98 26.11 39.31 -36.43
CA LEU A 98 25.81 39.07 -37.85
C LEU A 98 25.42 40.38 -38.56
N ALA A 99 24.80 41.29 -37.82
CA ALA A 99 24.32 42.55 -38.43
C ALA A 99 25.52 43.41 -38.85
N SER A 100 26.58 43.37 -38.05
CA SER A 100 27.78 44.16 -38.35
C SER A 100 28.91 43.35 -39.03
N LEU A 101 28.65 42.08 -39.34
CA LEU A 101 29.69 41.19 -39.84
C LEU A 101 31.02 41.39 -39.08
N SER A 102 30.99 41.25 -37.76
CA SER A 102 32.21 41.42 -36.98
CA SER A 102 32.19 41.46 -36.95
C SER A 102 32.33 40.38 -35.89
N VAL A 103 33.57 39.96 -35.62
CA VAL A 103 33.86 39.09 -34.45
C VAL A 103 33.82 39.95 -33.18
N ILE A 104 33.00 39.60 -32.21
CA ILE A 104 32.82 40.50 -31.08
C ILE A 104 33.40 39.88 -29.80
N GLU A 105 33.77 38.61 -29.87
CA GLU A 105 34.28 37.94 -28.70
C GLU A 105 35.10 36.79 -29.25
N THR A 106 36.22 36.48 -28.60
CA THR A 106 37.15 35.47 -29.11
C THR A 106 37.95 34.92 -27.94
N ARG A 107 38.26 33.63 -27.95
CA ARG A 107 39.29 33.11 -27.05
C ARG A 107 39.86 31.79 -27.48
N ALA A 108 41.11 31.54 -27.10
CA ALA A 108 41.82 30.33 -27.48
C ALA A 108 41.77 29.39 -26.29
N LEU A 109 41.49 28.11 -26.54
CA LEU A 109 41.46 27.11 -25.47
C LEU A 109 42.39 26.01 -25.91
N GLU A 110 43.62 26.05 -25.42
CA GLU A 110 44.65 25.22 -26.00
C GLU A 110 44.58 23.78 -25.45
N THR A 111 43.80 23.56 -24.40
CA THR A 111 43.82 22.26 -23.72
C THR A 111 42.47 21.55 -23.67
N VAL A 112 41.59 21.86 -24.63
CA VAL A 112 40.37 21.08 -24.80
C VAL A 112 40.32 20.50 -26.22
N GLN A 113 39.39 19.58 -26.44
CA GLN A 113 39.13 19.10 -27.81
C GLN A 113 37.63 19.19 -28.04
N PRO A 114 37.21 19.49 -29.28
CA PRO A 114 35.82 19.77 -29.50
C PRO A 114 35.06 18.56 -30.06
N ILE A 115 33.76 18.76 -30.25
CA ILE A 115 32.85 17.78 -30.79
C ILE A 115 33.38 17.22 -32.11
N LEU A 116 33.25 15.91 -32.31
CA LEU A 116 33.71 15.28 -33.55
C LEU A 116 32.63 15.33 -34.62
N THR A 117 32.94 15.95 -35.76
CA THR A 117 31.91 16.19 -36.78
C THR A 117 31.85 14.99 -37.71
N VAL A 118 30.85 14.97 -38.60
CA VAL A 118 30.74 13.89 -39.57
C VAL A 118 32.01 13.80 -40.44
N GLU A 119 32.55 14.94 -40.85
CA GLU A 119 33.80 14.93 -41.60
C GLU A 119 34.95 14.34 -40.80
N ASP A 120 35.00 14.69 -39.52
CA ASP A 120 36.09 14.22 -38.65
C ASP A 120 36.04 12.70 -38.59
N LEU A 121 34.85 12.14 -38.53
CA LEU A 121 34.71 10.71 -38.34
C LEU A 121 34.77 9.92 -39.66
N CYS A 122 34.31 10.56 -40.75
CA CYS A 122 34.32 9.93 -42.06
C CYS A 122 35.74 9.64 -42.62
N SER A 123 36.78 10.17 -41.99
CA SER A 123 38.15 10.08 -42.50
C SER A 123 38.95 8.88 -41.94
N THR A 124 38.46 8.29 -40.85
CA THR A 124 39.25 7.36 -40.04
C THR A 124 39.47 5.98 -40.70
N GLU A 125 38.47 5.48 -41.43
CA GLU A 125 38.59 4.16 -42.08
C GLU A 125 39.73 4.12 -43.09
N GLU A 126 39.86 5.15 -43.90
CA GLU A 126 40.96 5.24 -44.85
C GLU A 126 42.30 5.27 -44.10
N VAL A 127 42.34 5.92 -42.94
CA VAL A 127 43.57 5.99 -42.18
C VAL A 127 44.00 4.62 -41.73
N ILE A 128 43.09 3.89 -41.08
CA ILE A 128 43.46 2.57 -40.57
C ILE A 128 43.70 1.53 -41.67
N ARG A 129 42.97 1.61 -42.79
CA ARG A 129 43.14 0.62 -43.84
C ARG A 129 44.52 0.72 -44.48
N ASN A 130 45.10 1.90 -44.45
CA ASN A 130 46.38 2.15 -45.11
C ASN A 130 47.54 2.20 -44.15
N ASP A 131 47.30 1.97 -42.87
CA ASP A 131 48.38 2.06 -41.91
C ASP A 131 49.12 0.71 -41.80
N PRO A 132 50.45 0.72 -41.93
CA PRO A 132 51.12 -0.58 -41.96
C PRO A 132 51.00 -1.36 -40.64
N ALA A 133 51.02 -0.67 -39.50
CA ALA A 133 50.89 -1.39 -38.23
C ALA A 133 49.47 -2.01 -38.09
N VAL A 134 48.44 -1.28 -38.52
CA VAL A 134 47.09 -1.89 -38.54
C VAL A 134 47.04 -3.08 -39.52
N ILE A 135 47.56 -2.91 -40.73
CA ILE A 135 47.59 -4.01 -41.68
C ILE A 135 48.24 -5.26 -41.10
N GLU A 136 49.33 -5.08 -40.36
CA GLU A 136 50.02 -6.23 -39.76
C GLU A 136 49.16 -6.93 -38.72
N GLN A 137 48.42 -6.14 -37.94
CA GLN A 137 47.49 -6.72 -36.96
C GLN A 137 46.33 -7.47 -37.61
N CYS A 138 45.86 -6.99 -38.75
CA CYS A 138 44.86 -7.73 -39.53
C CYS A 138 45.41 -9.08 -40.03
N VAL A 139 46.65 -9.07 -40.51
CA VAL A 139 47.29 -10.30 -40.99
C VAL A 139 47.38 -11.30 -39.86
N LEU A 140 47.86 -10.83 -38.70
CA LEU A 140 47.98 -11.70 -37.53
C LEU A 140 46.61 -12.22 -37.11
N SER A 141 45.59 -11.41 -37.36
CA SER A 141 44.24 -11.74 -36.93
C SER A 141 43.55 -12.62 -37.98
N GLY A 142 44.27 -12.99 -39.07
CA GLY A 142 43.74 -13.94 -40.04
C GLY A 142 43.12 -13.31 -41.29
N ILE A 143 43.38 -12.03 -41.52
CA ILE A 143 42.88 -11.34 -42.71
C ILE A 143 44.08 -10.95 -43.59
N PRO A 144 44.13 -11.42 -44.84
CA PRO A 144 45.31 -11.08 -45.64
C PRO A 144 45.47 -9.59 -45.90
N ALA A 145 46.73 -9.16 -46.05
CA ALA A 145 47.05 -7.75 -46.28
C ALA A 145 46.34 -7.16 -47.50
N ASN A 146 46.06 -7.98 -48.51
CA ASN A 146 45.38 -7.46 -49.70
C ASN A 146 43.86 -7.40 -49.59
N GLU A 147 43.34 -7.72 -48.40
CA GLU A 147 41.89 -7.68 -48.18
CA GLU A 147 41.89 -7.68 -48.18
C GLU A 147 41.47 -6.60 -47.19
N MET A 148 42.26 -5.52 -47.10
CA MET A 148 41.92 -4.42 -46.18
C MET A 148 40.62 -3.73 -46.54
N HIS A 149 40.14 -3.90 -47.78
CA HIS A 149 38.86 -3.31 -48.18
C HIS A 149 37.71 -3.97 -47.39
N LYS A 150 38.00 -5.11 -46.77
CA LYS A 150 36.99 -5.83 -45.97
C LYS A 150 37.04 -5.44 -44.49
N VAL A 151 38.01 -4.62 -44.10
CA VAL A 151 38.15 -4.20 -42.70
C VAL A 151 37.48 -2.84 -42.55
N TYR A 152 36.68 -2.68 -41.50
CA TYR A 152 35.91 -1.47 -41.28
C TYR A 152 36.16 -1.02 -39.85
N CYS A 153 35.81 0.20 -39.51
CA CYS A 153 35.81 0.54 -38.11
C CYS A 153 34.74 1.56 -37.80
N ASP A 154 34.23 1.50 -36.57
CA ASP A 154 33.38 2.57 -36.09
C ASP A 154 34.31 3.57 -35.41
N PRO A 155 34.33 4.83 -35.90
CA PRO A 155 35.26 5.80 -35.35
C PRO A 155 34.62 6.45 -34.13
N TRP A 156 35.18 6.18 -32.95
CA TRP A 156 34.67 6.75 -31.71
C TRP A 156 35.61 7.85 -31.28
N THR A 157 35.09 8.85 -30.57
CA THR A 157 35.88 9.60 -29.59
C THR A 157 36.77 8.60 -28.80
N ILE A 158 38.03 8.94 -28.55
CA ILE A 158 38.82 8.15 -27.59
C ILE A 158 38.16 8.22 -26.22
N GLY A 159 37.29 9.21 -26.01
CA GLY A 159 36.60 9.40 -24.71
C GLY A 159 37.53 10.06 -23.71
N TYR A 160 38.34 9.25 -23.05
CA TYR A 160 39.47 9.77 -22.28
C TYR A 160 40.51 8.70 -22.17
N ASP A 161 41.74 9.07 -22.47
CA ASP A 161 42.86 8.16 -22.28
C ASP A 161 43.99 8.92 -21.60
N GLU A 162 44.34 8.47 -20.39
CA GLU A 162 45.30 9.16 -19.55
C GLU A 162 46.73 9.12 -20.09
N ARG A 163 46.97 8.34 -21.14
CA ARG A 163 48.29 8.37 -21.80
C ARG A 163 48.52 9.65 -22.63
N TRP A 164 47.44 10.32 -23.05
CA TRP A 164 47.59 11.49 -23.94
C TRP A 164 46.78 12.71 -23.53
N GLY A 165 45.81 12.54 -22.63
CA GLY A 165 45.03 13.69 -22.15
C GLY A 165 44.35 14.39 -23.33
N THR A 166 44.47 15.72 -23.42
CA THR A 166 43.94 16.49 -24.56
C THR A 166 45.08 16.95 -25.47
N GLY A 167 46.27 16.39 -25.26
CA GLY A 167 47.47 16.90 -25.93
C GLY A 167 47.47 16.63 -27.43
N LYS A 168 46.71 15.63 -27.87
CA LYS A 168 46.46 15.41 -29.31
C LYS A 168 44.97 15.19 -29.44
N ARG A 169 44.42 15.44 -30.61
CA ARG A 169 43.02 15.14 -30.85
C ARG A 169 42.88 13.73 -31.40
N LEU A 170 42.17 12.87 -30.67
CA LEU A 170 42.30 11.41 -30.87
C LEU A 170 40.94 10.76 -31.07
N GLN A 171 40.96 9.71 -31.89
CA GLN A 171 39.85 8.76 -31.99
C GLN A 171 40.35 7.37 -31.70
N GLN A 172 39.43 6.49 -31.35
CA GLN A 172 39.74 5.07 -31.24
C GLN A 172 38.86 4.35 -32.25
N ALA A 173 39.44 3.37 -32.94
CA ALA A 173 38.74 2.73 -34.03
C ALA A 173 38.33 1.36 -33.55
N LEU A 174 37.02 1.14 -33.38
CA LEU A 174 36.52 -0.20 -33.05
C LEU A 174 36.37 -0.97 -34.34
N VAL A 175 37.17 -2.03 -34.49
CA VAL A 175 37.46 -2.59 -35.81
C VAL A 175 36.59 -3.81 -36.03
N TYR A 176 36.05 -3.93 -37.26
CA TYR A 176 35.21 -5.06 -37.63
C TYR A 176 35.57 -5.56 -39.03
N TYR A 177 35.05 -6.75 -39.37
CA TYR A 177 35.33 -7.39 -40.66
C TYR A 177 34.01 -7.65 -41.35
N ARG A 178 33.98 -7.41 -42.67
CA ARG A 178 32.85 -7.86 -43.50
C ARG A 178 33.33 -8.82 -44.57
N SER A 179 32.65 -9.97 -44.69
CA SER A 179 32.94 -10.92 -45.78
C SER A 179 32.44 -10.38 -47.12
N ASP A 180 31.39 -9.58 -47.04
CA ASP A 180 30.74 -9.02 -48.22
C ASP A 180 30.25 -7.65 -47.77
N GLU A 181 30.27 -6.66 -48.67
CA GLU A 181 29.95 -5.29 -48.26
C GLU A 181 28.50 -5.14 -47.72
N ASP A 182 27.60 -6.06 -48.07
CA ASP A 182 26.23 -5.99 -47.56
C ASP A 182 26.04 -6.63 -46.17
N ASP A 183 27.12 -7.18 -45.61
CA ASP A 183 27.03 -7.84 -44.30
C ASP A 183 26.79 -6.76 -43.25
N SER A 184 26.17 -7.15 -42.13
CA SER A 184 26.30 -6.39 -40.90
C SER A 184 27.56 -6.85 -40.18
N GLN A 185 28.47 -5.91 -39.97
CA GLN A 185 29.82 -6.25 -39.56
C GLN A 185 29.90 -6.70 -38.09
N TYR A 186 28.84 -6.50 -37.31
CA TYR A 186 28.94 -6.58 -35.85
C TYR A 186 29.05 -8.00 -35.31
N SER A 187 28.85 -9.00 -36.16
CA SER A 187 29.15 -10.39 -35.72
C SER A 187 30.64 -10.68 -35.76
N HIS A 188 31.42 -9.76 -36.34
CA HIS A 188 32.85 -10.00 -36.57
C HIS A 188 33.81 -8.87 -36.12
N PRO A 189 33.76 -8.48 -34.85
CA PRO A 189 34.74 -7.54 -34.31
C PRO A 189 36.13 -8.17 -34.32
N LEU A 190 37.16 -7.34 -34.51
CA LEU A 190 38.52 -7.82 -34.29
C LEU A 190 39.00 -7.50 -32.88
N ASP A 191 40.19 -8.01 -32.51
CA ASP A 191 40.58 -7.97 -31.10
C ASP A 191 41.33 -6.72 -30.62
N PHE A 192 41.72 -5.87 -31.56
CA PHE A 192 42.68 -4.80 -31.31
C PHE A 192 42.06 -3.42 -31.58
N CYS A 193 42.65 -2.39 -31.01
CA CYS A 193 42.03 -1.05 -31.08
C CYS A 193 43.04 0.01 -31.46
N PRO A 194 43.03 0.45 -32.73
CA PRO A 194 43.97 1.50 -33.16
C PRO A 194 43.56 2.86 -32.57
N ILE A 195 44.55 3.66 -32.19
CA ILE A 195 44.32 5.04 -31.71
C ILE A 195 44.81 5.97 -32.83
N VAL A 196 43.93 6.86 -33.28
CA VAL A 196 44.18 7.71 -34.45
C VAL A 196 44.26 9.21 -34.08
N ASP A 197 45.33 9.86 -34.50
CA ASP A 197 45.41 11.32 -34.43
C ASP A 197 44.57 11.93 -35.55
N THR A 198 43.44 12.52 -35.16
CA THR A 198 42.41 13.02 -36.10
C THR A 198 42.96 14.09 -37.05
N GLU A 199 43.84 14.93 -36.54
CA GLU A 199 44.27 16.09 -37.32
C GLU A 199 45.49 15.75 -38.18
N GLU A 200 46.36 14.86 -37.70
CA GLU A 200 47.48 14.35 -38.50
C GLU A 200 47.08 13.21 -39.44
N LYS A 201 45.94 12.57 -39.17
CA LYS A 201 45.51 11.41 -39.93
C LYS A 201 46.51 10.28 -39.92
N LYS A 202 46.98 9.91 -38.73
CA LYS A 202 47.75 8.70 -38.60
C LYS A 202 47.38 7.94 -37.36
N VAL A 203 47.72 6.65 -37.36
CA VAL A 203 47.64 5.78 -36.19
C VAL A 203 48.87 6.05 -35.33
N ILE A 204 48.67 6.37 -34.05
CA ILE A 204 49.79 6.67 -33.19
C ILE A 204 50.07 5.51 -32.22
N PHE A 205 49.13 4.56 -32.10
CA PHE A 205 49.27 3.46 -31.14
C PHE A 205 48.19 2.43 -31.48
N ILE A 206 48.39 1.18 -31.08
CA ILE A 206 47.33 0.20 -31.20
C ILE A 206 47.28 -0.58 -29.88
N ASP A 207 46.14 -0.56 -29.22
CA ASP A 207 45.94 -1.44 -28.06
C ASP A 207 45.76 -2.86 -28.51
N ILE A 208 46.62 -3.75 -28.03
CA ILE A 208 46.56 -5.14 -28.48
C ILE A 208 46.41 -6.00 -27.23
N PRO A 209 45.44 -6.92 -27.21
CA PRO A 209 45.17 -7.65 -25.96
C PRO A 209 46.22 -8.72 -25.72
N ASN A 210 46.42 -9.11 -24.46
CA ASN A 210 47.45 -10.11 -24.14
C ASN A 210 47.09 -11.49 -24.71
N ARG A 211 45.81 -11.78 -24.73
CA ARG A 211 45.31 -13.00 -25.35
C ARG A 211 44.77 -12.65 -26.74
N ARG A 212 45.41 -13.08 -27.81
CA ARG A 212 44.93 -12.71 -29.15
C ARG A 212 43.74 -13.58 -29.53
N ARG A 213 42.77 -13.01 -30.24
CA ARG A 213 41.62 -13.77 -30.76
CA ARG A 213 41.66 -13.79 -30.78
C ARG A 213 41.52 -13.40 -32.24
N LYS A 214 41.70 -14.40 -33.11
CA LYS A 214 41.59 -14.16 -34.54
C LYS A 214 40.15 -13.99 -35.02
N VAL A 215 40.00 -13.43 -36.23
CA VAL A 215 38.65 -13.16 -36.77
C VAL A 215 37.76 -14.42 -36.73
N SER A 216 36.51 -14.22 -36.32
CA SER A 216 35.51 -15.28 -36.41
C SER A 216 35.42 -15.93 -37.80
N LYS A 217 35.32 -17.25 -37.80
CA LYS A 217 35.07 -17.97 -39.05
C LYS A 217 33.60 -18.28 -39.29
N HIS A 218 32.73 -17.87 -38.35
CA HIS A 218 31.29 -18.05 -38.55
C HIS A 218 30.76 -17.17 -39.68
N LYS A 219 29.60 -17.55 -40.22
CA LYS A 219 28.89 -16.67 -41.16
C LYS A 219 28.53 -15.40 -40.43
N HIS A 220 28.37 -14.30 -41.19
CA HIS A 220 27.91 -13.05 -40.57
C HIS A 220 26.45 -13.20 -40.19
N ALA A 221 26.05 -12.56 -39.08
CA ALA A 221 24.67 -12.59 -38.63
C ALA A 221 23.90 -11.44 -39.29
N ASN A 222 23.22 -11.74 -40.38
CA ASN A 222 22.72 -10.69 -41.26
C ASN A 222 21.20 -10.53 -41.15
N PHE A 223 20.64 -9.47 -41.74
CA PHE A 223 19.22 -9.18 -41.48
C PHE A 223 18.40 -8.58 -42.62
N TYR A 224 18.98 -8.39 -43.81
CA TYR A 224 18.16 -7.98 -44.94
C TYR A 224 17.39 -9.19 -45.47
N PRO A 225 16.31 -8.95 -46.22
CA PRO A 225 15.48 -10.02 -46.72
C PRO A 225 16.27 -11.12 -47.45
N LYS A 226 17.22 -10.77 -48.32
CA LYS A 226 17.95 -11.82 -49.03
C LYS A 226 18.73 -12.72 -48.05
N HIS A 227 19.17 -12.14 -46.94
CA HIS A 227 19.87 -12.92 -45.92
C HIS A 227 18.90 -13.80 -45.15
N MET A 228 17.74 -13.25 -44.83
CA MET A 228 16.74 -14.01 -44.05
C MET A 228 16.23 -15.19 -44.87
N ILE A 229 16.12 -15.00 -46.19
CA ILE A 229 15.68 -16.09 -47.05
C ILE A 229 16.67 -17.28 -46.98
N GLU A 230 17.97 -16.97 -47.02
CA GLU A 230 19.03 -17.96 -46.80
C GLU A 230 18.92 -18.61 -45.40
N LYS A 231 18.68 -17.80 -44.38
CA LYS A 231 18.67 -18.27 -42.98
C LYS A 231 17.47 -19.14 -42.60
N VAL A 232 16.26 -18.65 -42.84
CA VAL A 232 15.04 -19.33 -42.43
C VAL A 232 14.17 -19.83 -43.59
N GLY A 233 14.58 -19.58 -44.83
CA GLY A 233 13.86 -20.21 -45.96
C GLY A 233 13.00 -19.25 -46.78
N ALA A 234 12.36 -18.29 -46.11
CA ALA A 234 11.46 -17.34 -46.79
C ALA A 234 11.13 -16.19 -45.85
N MET A 235 10.80 -15.03 -46.41
CA MET A 235 10.15 -13.98 -45.63
C MET A 235 8.69 -14.33 -45.36
N ARG A 236 8.11 -13.77 -44.30
CA ARG A 236 6.65 -13.82 -44.14
C ARG A 236 5.99 -13.11 -45.32
N PRO A 237 4.74 -13.50 -45.68
CA PRO A 237 3.97 -12.74 -46.70
C PRO A 237 3.77 -11.30 -46.24
N GLU A 238 3.73 -10.35 -47.17
CA GLU A 238 3.43 -8.97 -46.79
C GLU A 238 2.07 -8.94 -46.08
N ALA A 239 1.98 -8.28 -44.92
CA ALA A 239 0.70 -8.26 -44.17
C ALA A 239 -0.28 -7.36 -44.91
N PRO A 240 -1.60 -7.61 -44.77
CA PRO A 240 -2.46 -6.61 -45.41
C PRO A 240 -2.32 -5.25 -44.73
N PRO A 241 -2.51 -4.17 -45.50
CA PRO A 241 -2.14 -2.83 -45.06
C PRO A 241 -3.10 -2.27 -44.01
N ILE A 242 -2.53 -1.52 -43.08
CA ILE A 242 -3.30 -0.75 -42.11
C ILE A 242 -3.14 0.72 -42.47
N ASN A 243 -4.17 1.28 -43.09
CA ASN A 243 -4.01 2.62 -43.67
C ASN A 243 -4.51 3.70 -42.74
N VAL A 244 -3.65 4.68 -42.46
CA VAL A 244 -4.02 5.77 -41.59
C VAL A 244 -4.06 7.04 -42.42
N THR A 245 -5.24 7.65 -42.53
CA THR A 245 -5.36 8.84 -43.37
C THR A 245 -5.96 10.01 -42.61
N GLN A 246 -5.62 11.21 -43.10
CA GLN A 246 -6.17 12.45 -42.59
C GLN A 246 -6.68 13.25 -43.80
N PRO A 247 -7.81 12.81 -44.37
CA PRO A 247 -8.24 13.29 -45.69
C PRO A 247 -8.64 14.76 -45.67
N GLU A 248 -8.92 15.30 -44.49
CA GLU A 248 -9.25 16.72 -44.37
C GLU A 248 -8.15 17.49 -43.66
N GLY A 249 -6.95 16.93 -43.69
CA GLY A 249 -5.79 17.67 -43.16
C GLY A 249 -5.65 17.52 -41.65
N VAL A 250 -4.92 18.48 -41.05
CA VAL A 250 -4.51 18.40 -39.65
C VAL A 250 -5.06 19.58 -38.87
N SER A 251 -5.02 19.50 -37.54
CA SER A 251 -5.47 20.62 -36.71
C SER A 251 -4.33 21.55 -36.27
N PHE A 252 -3.07 21.14 -36.47
CA PHE A 252 -1.95 22.03 -36.07
C PHE A 252 -1.64 23.09 -37.15
N LYS A 253 -1.12 24.24 -36.73
CA LYS A 253 -0.71 25.29 -37.66
C LYS A 253 0.72 25.71 -37.35
N MET A 254 1.56 25.69 -38.38
CA MET A 254 2.95 26.17 -38.27
CA MET A 254 2.91 26.22 -38.23
C MET A 254 3.06 27.52 -38.97
N THR A 255 3.73 28.47 -38.31
CA THR A 255 4.11 29.73 -38.91
C THR A 255 5.64 29.86 -38.78
N GLY A 256 6.36 29.56 -39.87
CA GLY A 256 7.81 29.30 -39.80
C GLY A 256 8.07 28.15 -38.82
N ASN A 257 8.80 28.41 -37.74
CA ASN A 257 9.14 27.37 -36.75
C ASN A 257 8.17 27.36 -35.55
N VAL A 258 7.19 28.26 -35.56
CA VAL A 258 6.24 28.37 -34.46
C VAL A 258 5.04 27.46 -34.67
N MET A 259 4.76 26.64 -33.66
CA MET A 259 3.69 25.66 -33.71
C MET A 259 2.51 26.18 -32.87
N GLU A 260 1.29 26.01 -33.38
CA GLU A 260 0.07 26.19 -32.58
C GLU A 260 -0.80 24.95 -32.71
N TRP A 261 -1.11 24.33 -31.58
CA TRP A 261 -1.90 23.08 -31.61
C TRP A 261 -2.56 22.87 -30.25
N SER A 262 -3.86 22.60 -30.25
CA SER A 262 -4.62 22.32 -29.04
C SER A 262 -4.30 23.29 -27.90
N ASN A 263 -4.24 24.58 -28.23
CA ASN A 263 -3.96 25.66 -27.27
C ASN A 263 -2.47 25.84 -26.89
N PHE A 264 -1.63 24.88 -27.23
CA PHE A 264 -0.18 25.03 -27.05
C PHE A 264 0.35 25.98 -28.12
N LYS A 265 1.32 26.79 -27.76
CA LYS A 265 2.11 27.51 -28.75
C LYS A 265 3.56 27.46 -28.31
N PHE A 266 4.45 27.17 -29.26
CA PHE A 266 5.87 27.04 -28.92
C PHE A 266 6.72 27.14 -30.16
N HIS A 267 8.00 27.36 -29.96
CA HIS A 267 8.95 27.44 -31.05
C HIS A 267 9.73 26.14 -31.18
N ILE A 268 9.79 25.60 -32.39
CA ILE A 268 10.59 24.41 -32.65
C ILE A 268 11.95 24.80 -33.23
N GLY A 269 12.98 24.69 -32.40
CA GLY A 269 14.34 24.95 -32.83
C GLY A 269 15.12 23.67 -33.03
N PHE A 270 16.35 23.80 -33.48
CA PHE A 270 17.19 22.64 -33.79
C PHE A 270 18.64 23.07 -33.83
N ASN A 271 19.52 22.32 -33.17
CA ASN A 271 20.93 22.61 -33.37
C ASN A 271 21.83 21.36 -33.44
N TYR A 272 23.09 21.57 -33.80
CA TYR A 272 24.03 20.49 -34.10
C TYR A 272 24.18 19.50 -32.94
N ARG A 273 23.93 20.00 -31.73
CA ARG A 273 24.34 19.29 -30.53
C ARG A 273 23.15 18.62 -29.84
N GLU A 274 22.17 19.44 -29.49
CA GLU A 274 20.98 18.96 -28.79
C GLU A 274 19.95 18.35 -29.72
N GLY A 275 20.05 18.64 -31.00
CA GLY A 275 18.96 18.26 -31.91
C GLY A 275 17.80 19.19 -31.62
N ILE A 276 16.61 18.62 -31.39
CA ILE A 276 15.42 19.42 -31.21
C ILE A 276 15.48 20.25 -29.92
N VAL A 277 15.10 21.53 -30.04
CA VAL A 277 15.03 22.41 -28.88
C VAL A 277 13.66 23.07 -28.89
N LEU A 278 12.85 22.78 -27.87
CA LEU A 278 11.52 23.39 -27.78
C LEU A 278 11.54 24.62 -26.86
N SER A 279 11.10 25.77 -27.37
CA SER A 279 11.20 27.03 -26.64
C SER A 279 9.87 27.76 -26.49
N ASP A 280 9.78 28.59 -25.45
CA ASP A 280 8.74 29.58 -25.31
C ASP A 280 7.38 28.89 -25.37
N VAL A 281 7.21 27.88 -24.52
CA VAL A 281 6.03 27.01 -24.57
C VAL A 281 4.97 27.63 -23.67
N SER A 282 3.80 27.89 -24.25
CA SER A 282 2.69 28.46 -23.49
C SER A 282 1.41 27.71 -23.80
N TYR A 283 0.42 27.90 -22.93
CA TYR A 283 -0.88 27.30 -23.12
C TYR A 283 -1.95 28.39 -23.04
N ASN A 284 -2.88 28.36 -23.99
CA ASN A 284 -3.93 29.37 -24.06
C ASN A 284 -5.13 28.90 -23.28
N ASP A 285 -5.23 29.35 -22.04
CA ASP A 285 -6.25 28.87 -21.12
C ASP A 285 -7.47 29.79 -21.26
N HIS A 286 -8.31 29.50 -22.28
CA HIS A 286 -9.52 30.30 -22.58
C HIS A 286 -9.24 31.78 -22.68
N GLY A 287 -8.17 32.13 -23.39
CA GLY A 287 -7.85 33.52 -23.67
C GLY A 287 -6.75 34.04 -22.78
N ASN A 288 -6.47 33.34 -21.68
CA ASN A 288 -5.34 33.70 -20.80
C ASN A 288 -4.10 32.91 -21.21
N VAL A 289 -3.19 33.52 -21.96
CA VAL A 289 -2.01 32.77 -22.44
C VAL A 289 -0.98 32.62 -21.31
N ARG A 290 -0.75 31.39 -20.87
CA ARG A 290 0.09 31.13 -19.68
C ARG A 290 1.40 30.43 -20.06
N PRO A 291 2.55 31.04 -19.73
CA PRO A 291 3.82 30.38 -19.93
C PRO A 291 3.90 29.08 -19.13
N ILE A 292 4.60 28.10 -19.71
CA ILE A 292 4.91 26.86 -19.01
C ILE A 292 6.40 26.67 -18.97
N PHE A 293 7.04 26.58 -20.14
CA PHE A 293 8.52 26.40 -20.20
C PHE A 293 9.17 27.42 -21.12
N HIS A 294 10.33 27.92 -20.72
CA HIS A 294 11.11 28.77 -21.62
C HIS A 294 11.92 27.94 -22.61
N ARG A 295 12.39 26.77 -22.17
CA ARG A 295 13.24 25.92 -23.02
C ARG A 295 13.25 24.50 -22.48
N ILE A 296 13.16 23.52 -23.37
CA ILE A 296 13.32 22.13 -22.98
C ILE A 296 14.01 21.38 -24.13
N SER A 297 14.96 20.52 -23.77
CA SER A 297 15.81 19.83 -24.74
C SER A 297 16.51 18.69 -23.99
N LEU A 298 17.13 17.79 -24.72
CA LEU A 298 18.21 16.96 -24.15
C LEU A 298 19.55 17.68 -24.29
N SER A 299 20.31 17.71 -23.18
CA SER A 299 21.49 18.55 -23.08
C SER A 299 22.81 17.75 -23.04
N GLU A 300 22.73 16.46 -22.70
CA GLU A 300 23.90 15.57 -22.70
C GLU A 300 23.36 14.14 -22.54
N MET A 301 24.22 13.18 -22.88
CA MET A 301 23.94 11.76 -22.63
C MET A 301 25.24 11.14 -22.14
N ILE A 302 25.16 9.94 -21.56
CA ILE A 302 26.35 9.10 -21.43
C ILE A 302 25.93 7.64 -21.51
N VAL A 303 26.71 6.85 -22.23
CA VAL A 303 26.38 5.43 -22.44
C VAL A 303 27.53 4.56 -21.89
N PRO A 304 27.57 4.41 -20.56
CA PRO A 304 28.74 3.80 -19.95
C PRO A 304 28.69 2.29 -20.05
N TYR A 305 29.74 1.70 -20.59
CA TYR A 305 29.81 0.23 -20.66
C TYR A 305 30.39 -0.33 -19.37
N GLY A 306 30.09 -1.60 -19.11
CA GLY A 306 30.28 -2.20 -17.78
C GLY A 306 31.31 -3.32 -17.77
N SER A 307 32.15 -3.44 -18.82
CA SER A 307 33.29 -4.37 -18.74
C SER A 307 34.53 -3.63 -18.21
N PRO A 308 35.15 -4.13 -17.14
CA PRO A 308 36.30 -3.44 -16.58
C PRO A 308 37.57 -3.70 -17.37
N GLU A 309 37.53 -4.62 -18.33
CA GLU A 309 38.77 -5.05 -19.00
C GLU A 309 39.27 -4.00 -19.98
N PHE A 310 40.57 -3.78 -20.00
CA PHE A 310 41.18 -2.77 -20.87
C PHE A 310 41.06 -3.18 -22.34
N PRO A 311 40.75 -2.24 -23.26
CA PRO A 311 40.54 -0.81 -23.13
C PRO A 311 39.05 -0.43 -23.04
N HIS A 312 38.20 -1.36 -22.62
CA HIS A 312 36.75 -1.14 -22.67
C HIS A 312 36.25 -0.03 -21.76
N GLN A 313 37.09 0.45 -20.83
CA GLN A 313 36.71 1.58 -19.98
C GLN A 313 36.55 2.84 -20.81
N ARG A 314 37.10 2.84 -22.03
CA ARG A 314 36.95 4.00 -22.89
C ARG A 314 35.65 4.03 -23.69
N LYS A 315 34.76 3.06 -23.47
CA LYS A 315 33.41 3.14 -24.06
C LYS A 315 32.43 3.72 -23.05
N HIS A 316 32.27 5.04 -23.09
CA HIS A 316 31.24 5.71 -22.29
C HIS A 316 30.83 6.99 -23.04
N ALA A 317 30.39 6.82 -24.29
CA ALA A 317 30.18 7.96 -25.17
C ALA A 317 29.22 8.95 -24.50
N LEU A 318 29.54 10.22 -24.61
CA LEU A 318 28.56 11.25 -24.29
C LEU A 318 28.04 11.76 -25.63
N ASP A 319 27.04 11.07 -26.17
CA ASP A 319 26.78 11.22 -27.61
C ASP A 319 26.48 12.66 -28.02
N ILE A 320 25.70 13.34 -27.19
CA ILE A 320 25.31 14.73 -27.49
C ILE A 320 26.53 15.65 -27.52
N GLY A 321 27.39 15.57 -26.49
CA GLY A 321 28.53 16.51 -26.40
C GLY A 321 29.72 16.07 -27.26
N GLU A 322 29.80 14.79 -27.62
CA GLU A 322 31.00 14.32 -28.36
C GLU A 322 30.75 14.12 -29.87
N TYR A 323 29.48 13.97 -30.27
CA TYR A 323 29.15 13.83 -31.70
C TYR A 323 28.05 14.76 -32.17
N GLY A 324 27.05 14.95 -31.32
CA GLY A 324 25.97 15.91 -31.63
C GLY A 324 24.72 15.22 -32.19
N ALA A 325 23.61 15.35 -31.47
CA ALA A 325 22.34 14.76 -31.92
C ALA A 325 21.83 15.41 -33.21
N GLY A 326 22.22 16.66 -33.46
CA GLY A 326 21.95 17.30 -34.77
C GLY A 326 22.85 16.72 -35.86
N TYR A 327 24.17 16.79 -35.64
CA TYR A 327 25.13 16.29 -36.62
C TYR A 327 24.83 14.84 -37.02
N MET A 328 24.38 14.03 -36.05
CA MET A 328 24.12 12.60 -36.33
C MET A 328 22.72 12.32 -36.88
N THR A 329 21.90 13.36 -37.05
CA THR A 329 20.48 13.10 -37.32
C THR A 329 20.21 12.52 -38.71
N ASN A 330 19.21 11.65 -38.84
CA ASN A 330 18.88 11.02 -40.14
C ASN A 330 17.96 11.94 -40.91
N PRO A 331 18.13 12.03 -42.25
CA PRO A 331 17.05 12.59 -43.07
C PRO A 331 15.86 11.67 -43.01
N LEU A 332 14.69 12.22 -42.69
CA LEU A 332 13.53 11.37 -42.43
C LEU A 332 12.65 11.00 -43.65
N SER A 333 12.91 11.61 -44.79
CA SER A 333 12.11 11.29 -45.99
C SER A 333 11.82 9.77 -46.20
N LEU A 334 12.85 8.96 -46.42
CA LEU A 334 12.67 7.53 -46.70
C LEU A 334 12.54 6.64 -45.44
N GLY A 335 12.47 7.26 -44.27
CA GLY A 335 12.58 6.52 -43.00
C GLY A 335 11.32 5.79 -42.54
N CYS A 336 10.18 6.04 -43.20
CA CYS A 336 8.88 5.44 -42.82
C CYS A 336 8.50 5.63 -41.34
N ASP A 337 8.87 6.76 -40.75
CA ASP A 337 8.43 7.08 -39.37
C ASP A 337 7.76 8.45 -39.26
N CYS A 338 7.37 8.99 -40.42
CA CYS A 338 6.65 10.24 -40.47
C CYS A 338 5.42 10.01 -41.36
N LYS A 339 4.46 9.25 -40.84
CA LYS A 339 3.26 8.84 -41.58
C LYS A 339 2.12 9.88 -41.49
N GLY A 340 1.32 10.02 -42.55
CA GLY A 340 0.10 10.83 -42.50
C GLY A 340 0.29 12.16 -43.20
N VAL A 341 -0.42 13.20 -42.75
CA VAL A 341 -0.10 14.56 -43.20
C VAL A 341 0.91 15.19 -42.23
N ILE A 342 2.10 15.50 -42.73
CA ILE A 342 3.21 15.80 -41.82
C ILE A 342 3.80 17.16 -42.17
N HIS A 343 4.66 17.69 -41.30
CA HIS A 343 5.41 18.87 -41.64
C HIS A 343 6.87 18.56 -41.30
N TYR A 344 7.78 18.91 -42.20
CA TYR A 344 9.21 18.64 -41.97
C TYR A 344 9.94 19.96 -41.72
N LEU A 345 11.06 19.88 -41.00
CA LEU A 345 12.02 20.97 -40.93
C LEU A 345 13.41 20.48 -41.33
N ASP A 346 14.17 21.32 -42.04
CA ASP A 346 15.54 20.99 -42.42
C ASP A 346 16.46 21.48 -41.30
N ALA A 347 17.68 20.95 -41.24
CA ALA A 347 18.72 21.50 -40.36
C ALA A 347 19.89 22.03 -41.20
N HIS A 348 20.52 23.10 -40.74
CA HIS A 348 21.68 23.66 -41.42
C HIS A 348 22.87 23.79 -40.48
N PHE A 349 24.03 23.30 -40.93
CA PHE A 349 25.28 23.35 -40.15
C PHE A 349 26.36 23.98 -41.04
N SER A 350 27.57 24.07 -40.52
CA SER A 350 28.72 24.41 -41.37
C SER A 350 29.59 23.18 -41.55
N ASP A 351 30.22 23.04 -42.72
CA ASP A 351 31.29 22.06 -42.85
C ASP A 351 32.65 22.68 -42.48
N ARG A 352 33.71 21.88 -42.59
CA ARG A 352 35.04 22.31 -42.12
CA ARG A 352 35.03 22.32 -42.12
C ARG A 352 35.54 23.48 -42.98
N ALA A 353 35.11 23.52 -44.23
CA ALA A 353 35.51 24.62 -45.11
C ALA A 353 34.74 25.91 -44.83
N GLY A 354 33.70 25.83 -43.99
CA GLY A 354 32.87 26.99 -43.66
C GLY A 354 31.69 27.21 -44.60
N ASP A 355 31.39 26.19 -45.39
CA ASP A 355 30.21 26.23 -46.23
C ASP A 355 29.01 25.59 -45.51
N PRO A 356 27.82 26.18 -45.68
CA PRO A 356 26.57 25.61 -45.15
C PRO A 356 26.27 24.24 -45.71
N ILE A 357 25.88 23.32 -44.84
CA ILE A 357 25.42 22.01 -45.27
C ILE A 357 24.04 21.78 -44.69
N THR A 358 23.25 20.95 -45.36
CA THR A 358 21.84 20.81 -45.01
C THR A 358 21.57 19.35 -44.74
N VAL A 359 20.79 19.07 -43.69
CA VAL A 359 20.15 17.76 -43.57
C VAL A 359 18.67 17.98 -43.84
N LYS A 360 18.20 17.39 -44.93
CA LYS A 360 16.83 17.59 -45.37
C LYS A 360 15.91 16.79 -44.47
N ASN A 361 14.79 17.39 -44.07
CA ASN A 361 13.78 16.65 -43.30
C ASN A 361 14.36 16.00 -42.06
N ALA A 362 15.11 16.79 -41.31
CA ALA A 362 15.69 16.34 -40.03
C ALA A 362 14.63 16.17 -38.93
N VAL A 363 13.61 17.03 -38.98
CA VAL A 363 12.53 16.99 -37.96
C VAL A 363 11.20 16.66 -38.60
N CYS A 364 10.46 15.72 -38.00
CA CYS A 364 9.16 15.31 -38.49
C CYS A 364 8.10 15.80 -37.47
N ILE A 365 7.04 16.45 -37.94
CA ILE A 365 5.97 16.92 -37.05
C ILE A 365 4.64 16.34 -37.56
N HIS A 366 3.85 15.69 -36.71
CA HIS A 366 2.61 15.10 -37.15
C HIS A 366 1.68 14.88 -35.96
N GLU A 367 0.40 14.68 -36.24
CA GLU A 367 -0.51 14.43 -35.12
C GLU A 367 -1.10 13.05 -35.29
N GLU A 368 -1.33 12.34 -34.19
CA GLU A 368 -1.87 11.02 -34.31
C GLU A 368 -2.85 10.66 -33.21
N ASP A 369 -3.65 9.61 -33.48
CA ASP A 369 -4.60 9.11 -32.48
C ASP A 369 -3.81 8.61 -31.29
N ASP A 370 -4.29 8.95 -30.10
CA ASP A 370 -3.63 8.53 -28.88
C ASP A 370 -4.61 7.84 -27.92
N GLY A 371 -5.57 7.10 -28.46
CA GLY A 371 -6.48 6.33 -27.61
C GLY A 371 -7.57 7.24 -27.06
N LEU A 372 -8.14 6.84 -25.93
CA LEU A 372 -9.19 7.60 -25.29
C LEU A 372 -8.59 8.73 -24.52
N LEU A 373 -9.21 9.90 -24.61
CA LEU A 373 -8.83 11.04 -23.75
C LEU A 373 -9.59 10.93 -22.43
N PHE A 374 -10.89 10.66 -22.50
CA PHE A 374 -11.67 10.36 -21.28
C PHE A 374 -13.01 9.74 -21.65
N LYS A 375 -13.63 9.03 -20.71
CA LYS A 375 -14.93 8.41 -20.96
C LYS A 375 -15.64 8.30 -19.61
N HIS A 376 -16.97 8.46 -19.57
CA HIS A 376 -17.70 8.03 -18.40
C HIS A 376 -19.14 7.66 -18.80
N SER A 377 -19.65 6.55 -18.26
CA SER A 377 -21.03 6.17 -18.51
C SER A 377 -21.71 5.95 -17.16
N ASP A 378 -23.04 6.12 -17.11
CA ASP A 378 -23.83 5.95 -15.89
C ASP A 378 -24.40 4.53 -15.89
N PHE A 379 -24.08 3.72 -14.88
CA PHE A 379 -24.68 2.38 -14.78
C PHE A 379 -26.20 2.44 -14.68
N ARG A 380 -26.74 3.58 -14.22
CA ARG A 380 -28.15 3.64 -13.91
C ARG A 380 -29.05 3.28 -15.08
N ASP A 381 -28.72 3.74 -16.27
CA ASP A 381 -29.48 3.37 -17.46
C ASP A 381 -28.69 2.47 -18.38
N ASN A 382 -27.93 1.57 -17.76
CA ASN A 382 -27.16 0.58 -18.48
CA ASN A 382 -27.15 0.57 -18.46
C ASN A 382 -26.21 1.23 -19.47
N PHE A 383 -25.61 2.35 -19.03
CA PHE A 383 -24.56 3.03 -19.79
C PHE A 383 -25.09 3.75 -21.02
N ALA A 384 -26.40 3.99 -21.08
CA ALA A 384 -26.96 4.78 -22.19
C ALA A 384 -26.55 6.24 -22.04
N THR A 385 -26.48 6.71 -20.80
CA THR A 385 -25.85 8.01 -20.49
C THR A 385 -24.33 7.85 -20.58
N SER A 386 -23.70 8.46 -21.58
CA SER A 386 -22.30 8.16 -21.85
C SER A 386 -21.65 9.27 -22.64
N LEU A 387 -20.39 9.57 -22.31
CA LEU A 387 -19.61 10.56 -23.06
C LEU A 387 -18.23 9.97 -23.27
N VAL A 388 -17.75 10.04 -24.51
CA VAL A 388 -16.46 9.45 -24.89
C VAL A 388 -15.77 10.46 -25.77
N THR A 389 -14.50 10.75 -25.48
CA THR A 389 -13.72 11.68 -26.32
C THR A 389 -12.36 11.04 -26.59
N ARG A 390 -11.97 10.96 -27.87
CA ARG A 390 -10.70 10.37 -28.25
C ARG A 390 -9.61 11.42 -28.15
N ALA A 391 -8.40 10.94 -27.86
CA ALA A 391 -7.26 11.80 -27.69
C ALA A 391 -6.52 11.87 -29.02
N THR A 392 -5.95 13.04 -29.28
CA THR A 392 -4.96 13.24 -30.33
C THR A 392 -3.69 13.77 -29.67
N LYS A 393 -2.54 13.29 -30.13
CA LYS A 393 -1.24 13.80 -29.66
C LYS A 393 -0.51 14.45 -30.82
N LEU A 394 0.33 15.43 -30.48
CA LEU A 394 1.22 16.07 -31.47
C LEU A 394 2.63 15.57 -31.20
N VAL A 395 3.28 15.11 -32.24
CA VAL A 395 4.60 14.49 -32.12
C VAL A 395 5.64 15.26 -32.92
N VAL A 396 6.70 15.68 -32.24
CA VAL A 396 7.82 16.37 -32.89
C VAL A 396 9.05 15.48 -32.72
N SER A 397 9.56 14.95 -33.82
CA SER A 397 10.53 13.83 -33.72
C SER A 397 11.75 13.95 -34.62
N GLN A 398 12.83 13.27 -34.21
CA GLN A 398 14.02 13.10 -35.08
C GLN A 398 14.54 11.69 -34.73
N ILE A 399 15.46 11.21 -35.54
CA ILE A 399 16.14 9.94 -35.22
C ILE A 399 17.60 10.21 -35.58
N PHE A 400 18.52 9.93 -34.64
CA PHE A 400 19.92 10.04 -34.98
C PHE A 400 20.64 8.71 -34.81
N THR A 401 21.75 8.57 -35.52
CA THR A 401 22.49 7.33 -35.58
C THR A 401 23.86 7.61 -34.97
N ALA A 402 24.20 6.88 -33.91
CA ALA A 402 25.50 7.03 -33.27
C ALA A 402 26.29 5.73 -33.49
N ALA A 403 26.92 5.65 -34.68
CA ALA A 403 27.58 4.45 -35.19
C ALA A 403 26.63 3.27 -35.19
N ASN A 404 26.70 2.40 -34.16
CA ASN A 404 25.84 1.21 -34.13
C ASN A 404 24.37 1.47 -33.75
N TYR A 405 24.13 2.46 -32.86
CA TYR A 405 22.80 2.62 -32.25
C TYR A 405 21.98 3.68 -32.98
N GLU A 406 20.66 3.54 -32.86
CA GLU A 406 19.72 4.54 -33.35
C GLU A 406 18.93 5.01 -32.17
N TYR A 407 18.82 6.32 -32.03
CA TYR A 407 17.98 6.91 -31.01
C TYR A 407 16.82 7.66 -31.66
N CYS A 408 15.60 7.17 -31.40
CA CYS A 408 14.40 7.77 -31.99
C CYS A 408 13.75 8.62 -30.90
N LEU A 409 13.74 9.94 -31.12
CA LEU A 409 13.28 10.87 -30.08
C LEU A 409 11.93 11.47 -30.48
N TYR A 410 10.93 11.40 -29.58
CA TYR A 410 9.59 11.90 -29.87
C TYR A 410 9.15 12.82 -28.74
N TRP A 411 9.03 14.10 -29.04
CA TRP A 411 8.46 15.04 -28.09
C TRP A 411 6.97 15.08 -28.34
N VAL A 412 6.19 14.78 -27.31
CA VAL A 412 4.76 14.56 -27.46
C VAL A 412 3.93 15.55 -26.62
N PHE A 413 3.04 16.28 -27.29
CA PHE A 413 2.13 17.22 -26.58
C PHE A 413 0.79 16.54 -26.52
N MET A 414 0.12 16.65 -25.38
CA MET A 414 -1.15 15.98 -25.23
CA MET A 414 -1.14 15.96 -25.10
C MET A 414 -2.28 16.93 -24.86
N GLN A 415 -3.52 16.48 -25.06
CA GLN A 415 -4.67 17.41 -24.98
C GLN A 415 -5.17 17.62 -23.54
N ASP A 416 -4.56 16.93 -22.58
CA ASP A 416 -4.79 17.28 -21.19
C ASP A 416 -3.71 18.24 -20.68
N GLY A 417 -2.90 18.77 -21.60
CA GLY A 417 -1.89 19.79 -21.28
C GLY A 417 -0.55 19.21 -20.83
N ALA A 418 -0.48 17.88 -20.76
CA ALA A 418 0.80 17.22 -20.45
C ALA A 418 1.78 17.25 -21.64
N ILE A 419 3.07 17.07 -21.33
CA ILE A 419 4.12 16.93 -22.35
C ILE A 419 4.95 15.70 -21.98
N ARG A 420 5.20 14.83 -22.96
CA ARG A 420 5.90 13.58 -22.71
C ARG A 420 7.12 13.52 -23.64
N LEU A 421 8.23 12.96 -23.17
CA LEU A 421 9.33 12.59 -24.08
C LEU A 421 9.36 11.05 -24.15
N ASP A 422 9.16 10.53 -25.36
CA ASP A 422 9.21 9.11 -25.64
C ASP A 422 10.49 8.86 -26.44
N ILE A 423 11.28 7.89 -26.03
CA ILE A 423 12.46 7.54 -26.79
C ILE A 423 12.33 6.06 -27.21
N ARG A 424 12.70 5.74 -28.45
CA ARG A 424 12.86 4.32 -28.78
C ARG A 424 14.30 4.07 -29.21
N LEU A 425 14.93 3.09 -28.59
CA LEU A 425 16.30 2.74 -28.93
CA LEU A 425 16.30 2.71 -28.90
C LEU A 425 16.27 1.50 -29.83
N THR A 426 16.99 1.57 -30.94
CA THR A 426 17.12 0.43 -31.81
C THR A 426 18.49 0.53 -32.48
N GLY A 427 18.67 -0.13 -33.63
CA GLY A 427 20.02 -0.26 -34.22
C GLY A 427 20.71 -1.56 -33.75
N ILE A 428 22.03 -1.51 -33.55
CA ILE A 428 22.78 -2.74 -33.35
C ILE A 428 23.57 -2.68 -32.05
N LEU A 429 23.61 -3.78 -31.31
CA LEU A 429 24.55 -3.89 -30.16
C LEU A 429 25.99 -3.54 -30.56
N ASN A 430 26.67 -2.78 -29.72
CA ASN A 430 28.13 -2.74 -29.81
C ASN A 430 28.68 -4.11 -29.34
N THR A 431 29.58 -4.67 -30.15
CA THR A 431 30.11 -5.97 -29.87
C THR A 431 31.63 -5.94 -29.84
N TYR A 432 32.20 -6.88 -29.09
CA TYR A 432 33.64 -7.12 -29.07
C TYR A 432 33.84 -8.63 -29.22
N ILE A 433 35.05 -9.04 -29.61
CA ILE A 433 35.30 -10.46 -29.92
C ILE A 433 35.34 -11.34 -28.66
N LEU A 434 34.82 -12.55 -28.80
CA LEU A 434 34.79 -13.51 -27.68
C LEU A 434 35.50 -14.79 -28.16
N GLY A 435 36.48 -15.27 -27.41
CA GLY A 435 37.19 -16.49 -27.84
C GLY A 435 36.28 -17.72 -27.83
N ASP A 436 36.67 -18.74 -28.61
CA ASP A 436 35.95 -20.01 -28.63
C ASP A 436 35.61 -20.49 -27.24
N ASP A 437 36.55 -20.38 -26.32
CA ASP A 437 36.29 -20.92 -24.98
C ASP A 437 36.12 -19.85 -23.87
N GLU A 438 35.90 -18.61 -24.28
CA GLU A 438 35.88 -17.49 -23.35
C GLU A 438 34.44 -17.28 -22.84
N GLU A 439 34.28 -17.08 -21.53
CA GLU A 439 32.94 -16.78 -20.98
CA GLU A 439 32.95 -16.79 -20.99
C GLU A 439 32.72 -15.28 -21.09
N ALA A 440 31.57 -14.87 -21.62
CA ALA A 440 31.22 -13.45 -21.66
C ALA A 440 30.87 -12.88 -20.28
N GLY A 441 30.14 -13.66 -19.47
CA GLY A 441 29.54 -13.08 -18.23
C GLY A 441 30.69 -12.91 -17.27
N PRO A 442 30.52 -12.04 -16.26
CA PRO A 442 29.29 -11.34 -15.92
C PRO A 442 29.17 -9.98 -16.60
N TRP A 443 30.13 -9.59 -17.45
CA TRP A 443 30.15 -8.20 -17.98
C TRP A 443 29.46 -8.06 -19.33
N GLY A 444 29.02 -9.18 -19.89
CA GLY A 444 28.48 -9.17 -21.24
C GLY A 444 27.77 -10.47 -21.54
N THR A 445 27.18 -10.55 -22.74
CA THR A 445 26.40 -11.72 -23.15
C THR A 445 26.94 -12.21 -24.47
N ARG A 446 26.99 -13.54 -24.61
CA ARG A 446 27.36 -14.16 -25.89
C ARG A 446 26.07 -14.20 -26.71
N VAL A 447 25.91 -13.27 -27.65
CA VAL A 447 24.61 -13.15 -28.36
C VAL A 447 24.68 -13.89 -29.71
N TYR A 448 25.87 -14.44 -30.01
CA TYR A 448 26.16 -15.12 -31.27
C TYR A 448 27.57 -15.69 -31.09
N PRO A 449 27.93 -16.75 -31.85
CA PRO A 449 29.22 -17.36 -31.51
C PRO A 449 30.35 -16.33 -31.75
N ASN A 450 31.31 -16.31 -30.82
CA ASN A 450 32.46 -15.41 -30.83
C ASN A 450 32.09 -13.93 -30.72
N VAL A 451 30.88 -13.65 -30.23
CA VAL A 451 30.44 -12.25 -30.07
C VAL A 451 30.09 -11.95 -28.62
N ASN A 452 30.72 -10.91 -28.07
CA ASN A 452 30.44 -10.52 -26.69
C ASN A 452 29.80 -9.13 -26.75
N ALA A 453 28.55 -9.05 -26.36
CA ALA A 453 27.85 -7.77 -26.24
C ALA A 453 27.91 -7.29 -24.81
N HIS A 454 28.74 -6.28 -24.55
CA HIS A 454 29.00 -5.85 -23.18
C HIS A 454 27.78 -5.16 -22.58
N ASN A 455 27.58 -5.33 -21.26
CA ASN A 455 26.57 -4.57 -20.50
C ASN A 455 26.83 -3.05 -20.60
N HIS A 456 25.78 -2.24 -20.56
CA HIS A 456 25.94 -0.79 -20.60
C HIS A 456 24.67 -0.12 -20.13
N GLN A 457 24.76 1.16 -19.75
CA GLN A 457 23.57 1.96 -19.51
C GLN A 457 23.43 2.98 -20.62
N HIS A 458 22.21 3.44 -20.87
CA HIS A 458 21.99 4.64 -21.70
C HIS A 458 21.37 5.69 -20.78
N LEU A 459 22.07 6.80 -20.55
CA LEU A 459 21.55 7.83 -19.62
C LEU A 459 21.46 9.16 -20.35
N PHE A 460 20.46 9.97 -20.00
CA PHE A 460 20.14 11.18 -20.74
C PHE A 460 19.97 12.28 -19.72
N SER A 461 20.36 13.50 -20.08
CA SER A 461 20.15 14.66 -19.23
C SER A 461 19.13 15.61 -19.88
N LEU A 462 17.89 15.50 -19.44
CA LEU A 462 16.81 16.41 -19.86
C LEU A 462 16.99 17.78 -19.16
N ARG A 463 17.07 18.85 -19.94
CA ARG A 463 17.26 20.21 -19.39
C ARG A 463 16.00 21.01 -19.54
N ILE A 464 15.35 21.30 -18.41
CA ILE A 464 14.12 22.12 -18.36
C ILE A 464 14.43 23.52 -17.81
N ASP A 465 14.10 24.54 -18.61
CA ASP A 465 14.12 25.92 -18.11
C ASP A 465 12.67 26.38 -17.97
N PRO A 466 12.14 26.28 -16.75
CA PRO A 466 10.72 26.43 -16.53
C PRO A 466 10.31 27.89 -16.41
N ARG A 467 9.04 28.15 -16.66
CA ARG A 467 8.47 29.46 -16.44
C ARG A 467 7.01 29.20 -16.08
N ILE A 468 6.83 28.43 -15.01
CA ILE A 468 5.52 27.88 -14.68
C ILE A 468 4.52 28.99 -14.35
N ASP A 469 3.55 29.21 -15.23
CA ASP A 469 2.59 30.30 -15.06
C ASP A 469 3.32 31.64 -14.78
N GLY A 470 4.49 31.84 -15.40
CA GLY A 470 5.25 33.07 -15.24
C GLY A 470 6.52 32.92 -14.40
N ASP A 471 7.05 34.03 -13.90
CA ASP A 471 8.43 34.04 -13.39
C ASP A 471 8.48 33.81 -11.89
N GLY A 472 9.58 33.21 -11.45
CA GLY A 472 9.80 32.92 -10.03
C GLY A 472 9.27 31.53 -9.74
N ASN A 473 10.15 30.54 -9.88
CA ASN A 473 9.74 29.15 -9.72
C ASN A 473 10.56 28.45 -8.63
N SER A 474 10.09 27.28 -8.22
CA SER A 474 10.76 26.42 -7.23
C SER A 474 10.58 24.98 -7.68
N ALA A 475 11.31 24.06 -7.05
CA ALA A 475 11.11 22.62 -7.32
C ALA A 475 11.01 21.90 -6.01
N ALA A 476 10.45 20.68 -6.04
CA ALA A 476 10.27 19.88 -4.83
C ALA A 476 10.26 18.40 -5.19
N ALA A 477 10.63 17.56 -4.22
CA ALA A 477 10.41 16.11 -4.29
C ALA A 477 9.07 15.82 -3.61
N CYS A 478 8.28 14.91 -4.18
CA CYS A 478 6.98 14.55 -3.59
C CYS A 478 6.95 13.07 -3.32
N ASP A 479 6.81 12.71 -2.04
CA ASP A 479 6.94 11.30 -1.65
C ASP A 479 5.66 10.81 -0.99
N ALA A 480 5.11 9.70 -1.48
CA ALA A 480 3.93 9.07 -0.80
C ALA A 480 4.35 8.39 0.50
N LYS A 481 3.66 8.72 1.60
CA LYS A 481 4.04 8.21 2.91
C LYS A 481 2.78 7.77 3.64
N SER A 482 2.82 6.62 4.33
CA SER A 482 1.78 6.28 5.30
C SER A 482 1.78 7.38 6.36
N SER A 483 0.62 7.62 6.98
CA SER A 483 0.59 8.41 8.21
C SER A 483 1.62 7.87 9.22
N PRO A 484 2.26 8.79 9.98
CA PRO A 484 3.17 8.30 11.02
C PRO A 484 2.42 7.74 12.24
N TYR A 485 1.12 7.98 12.36
CA TYR A 485 0.36 7.42 13.50
C TYR A 485 0.01 5.94 13.29
N PRO A 486 0.12 5.14 14.35
CA PRO A 486 0.05 3.72 14.15
C PRO A 486 -1.40 3.26 13.96
N LEU A 487 -1.53 2.06 13.41
CA LEU A 487 -2.80 1.34 13.41
C LEU A 487 -3.41 1.37 14.80
N GLY A 488 -4.72 1.66 14.86
CA GLY A 488 -5.44 1.60 16.12
C GLY A 488 -5.37 2.87 16.95
N SER A 489 -4.62 3.87 16.50
CA SER A 489 -4.67 5.19 17.13
C SER A 489 -5.94 5.95 16.72
N PRO A 490 -6.33 6.95 17.52
CA PRO A 490 -7.47 7.79 17.12
C PRO A 490 -7.21 8.46 15.78
N GLU A 491 -5.95 8.74 15.49
CA GLU A 491 -5.56 9.41 14.23
C GLU A 491 -5.59 8.52 13.00
N ASN A 492 -5.47 7.21 13.21
CA ASN A 492 -5.31 6.28 12.05
C ASN A 492 -5.91 4.90 12.39
N MET A 493 -7.16 4.94 12.83
CA MET A 493 -7.74 3.80 13.53
C MET A 493 -7.56 2.50 12.72
N TYR A 494 -7.84 2.56 11.42
CA TYR A 494 -7.78 1.35 10.59
C TYR A 494 -6.49 1.28 9.75
N GLY A 495 -5.55 2.19 9.99
CA GLY A 495 -4.20 2.05 9.43
C GLY A 495 -4.09 2.43 7.97
N ASN A 496 -5.11 3.04 7.39
CA ASN A 496 -5.14 3.24 5.93
C ASN A 496 -4.65 4.64 5.55
N ALA A 497 -4.47 5.53 6.53
CA ALA A 497 -4.21 6.96 6.18
C ALA A 497 -2.88 7.09 5.41
N PHE A 498 -2.87 7.88 4.32
CA PHE A 498 -1.58 8.26 3.70
C PHE A 498 -1.67 9.61 3.01
N TYR A 499 -0.50 10.19 2.72
CA TYR A 499 -0.41 11.55 2.22
C TYR A 499 0.81 11.70 1.33
N SER A 500 0.96 12.89 0.74
CA SER A 500 2.12 13.17 -0.10
C SER A 500 2.97 14.18 0.60
N GLU A 501 4.19 13.80 0.91
CA GLU A 501 5.11 14.69 1.59
C GLU A 501 5.90 15.47 0.57
N LYS A 502 5.79 16.80 0.63
CA LYS A 502 6.40 17.67 -0.37
C LYS A 502 7.63 18.27 0.30
N THR A 503 8.81 18.05 -0.29
CA THR A 503 10.04 18.69 0.21
C THR A 503 10.52 19.74 -0.79
N THR A 504 10.26 21.01 -0.53
CA THR A 504 10.66 22.07 -1.46
C THR A 504 12.16 22.28 -1.34
N PHE A 505 12.85 22.38 -2.46
CA PHE A 505 14.30 22.54 -2.38
C PHE A 505 14.63 24.00 -2.14
N LYS A 506 15.39 24.29 -1.08
CA LYS A 506 15.76 25.66 -0.74
CA LYS A 506 15.75 25.66 -0.76
C LYS A 506 17.10 26.05 -1.35
N THR A 507 18.05 25.14 -1.25
CA THR A 507 19.34 25.30 -1.91
C THR A 507 19.67 24.21 -2.93
N VAL A 508 20.67 24.49 -3.76
CA VAL A 508 21.04 23.49 -4.77
C VAL A 508 21.24 22.13 -4.12
N LYS A 509 21.99 22.08 -3.01
CA LYS A 509 22.27 20.78 -2.39
C LYS A 509 20.99 19.99 -2.11
N ASP A 510 19.93 20.65 -1.65
CA ASP A 510 18.64 19.98 -1.34
C ASP A 510 18.05 19.27 -2.55
N SER A 511 18.34 19.80 -3.75
CA SER A 511 17.70 19.26 -4.94
C SER A 511 18.33 17.95 -5.41
N LEU A 512 19.56 17.64 -4.98
CA LEU A 512 20.27 16.48 -5.54
C LEU A 512 19.67 15.16 -5.07
N THR A 513 18.73 14.62 -5.86
CA THR A 513 17.82 13.59 -5.34
C THR A 513 17.63 12.50 -6.39
N ASN A 514 17.28 11.30 -5.94
CA ASN A 514 17.11 10.17 -6.84
C ASN A 514 15.68 9.72 -6.84
N TYR A 515 15.27 9.06 -7.92
CA TYR A 515 13.96 8.42 -7.91
C TYR A 515 13.94 7.39 -6.77
N GLU A 516 12.80 7.24 -6.09
CA GLU A 516 12.71 6.23 -5.03
C GLU A 516 11.44 5.42 -5.24
N SER A 517 11.58 4.13 -5.50
CA SER A 517 10.36 3.30 -5.63
C SER A 517 9.57 3.24 -4.30
N ALA A 518 10.26 3.32 -3.17
CA ALA A 518 9.59 3.13 -1.87
C ALA A 518 8.54 4.20 -1.55
N THR A 519 8.64 5.37 -2.19
CA THR A 519 7.67 6.49 -2.03
C THR A 519 7.04 6.89 -3.35
N GLY A 520 7.33 6.13 -4.41
CA GLY A 520 6.82 6.47 -5.75
C GLY A 520 7.11 7.93 -6.09
N ARG A 521 8.35 8.35 -5.84
CA ARG A 521 8.68 9.78 -5.82
C ARG A 521 8.34 10.44 -7.18
N SER A 522 7.79 11.64 -7.11
CA SER A 522 7.71 12.49 -8.30
C SER A 522 8.34 13.84 -7.93
N TRP A 523 8.52 14.74 -8.89
CA TRP A 523 9.05 16.08 -8.58
C TRP A 523 8.11 17.14 -9.16
N ASP A 524 7.95 18.26 -8.44
CA ASP A 524 7.07 19.34 -8.92
C ASP A 524 7.99 20.48 -9.32
N ILE A 525 7.62 21.16 -10.39
CA ILE A 525 8.18 22.47 -10.68
C ILE A 525 7.03 23.44 -10.61
N PHE A 526 7.10 24.43 -9.73
CA PHE A 526 5.90 25.17 -9.35
C PHE A 526 6.19 26.64 -9.16
N ASN A 527 5.11 27.42 -9.13
CA ASN A 527 5.22 28.86 -8.98
C ASN A 527 4.65 29.23 -7.61
N PRO A 528 5.53 29.49 -6.65
CA PRO A 528 5.06 29.75 -5.29
C PRO A 528 4.46 31.16 -5.13
N ASN A 529 4.43 31.95 -6.21
CA ASN A 529 3.77 33.25 -6.17
C ASN A 529 2.28 33.22 -6.48
N LYS A 530 1.76 32.04 -6.82
CA LYS A 530 0.39 31.92 -7.32
C LYS A 530 -0.25 30.72 -6.63
N VAL A 531 -1.58 30.73 -6.61
CA VAL A 531 -2.34 29.67 -5.94
CA VAL A 531 -2.33 29.69 -5.93
C VAL A 531 -3.55 29.28 -6.75
N ASN A 532 -3.77 27.97 -6.85
CA ASN A 532 -4.97 27.44 -7.48
C ASN A 532 -6.20 27.77 -6.59
N PRO A 533 -7.23 28.41 -7.19
CA PRO A 533 -8.31 28.94 -6.35
C PRO A 533 -9.20 27.83 -5.81
N TYR A 534 -9.09 26.63 -6.37
CA TYR A 534 -9.80 25.47 -5.80
C TYR A 534 -8.95 24.75 -4.75
N SER A 535 -7.79 24.24 -5.15
CA SER A 535 -7.05 23.34 -4.25
C SER A 535 -6.21 24.08 -3.22
N GLY A 536 -5.90 25.35 -3.51
CA GLY A 536 -5.05 26.14 -2.63
C GLY A 536 -3.57 25.85 -2.77
N LYS A 537 -3.22 25.03 -3.76
CA LYS A 537 -1.80 24.65 -4.04
C LYS A 537 -1.23 25.53 -5.18
N PRO A 538 0.11 25.64 -5.25
CA PRO A 538 0.65 26.45 -6.37
C PRO A 538 0.46 25.73 -7.72
N PRO A 539 0.32 26.49 -8.82
CA PRO A 539 0.26 25.84 -10.13
C PRO A 539 1.60 25.13 -10.40
N SER A 540 1.55 23.90 -10.92
CA SER A 540 2.77 23.14 -11.14
C SER A 540 2.71 22.28 -12.40
N TYR A 541 3.87 21.88 -12.90
CA TYR A 541 3.98 20.70 -13.73
C TYR A 541 4.81 19.68 -12.95
N LYS A 542 4.35 18.44 -12.96
CA LYS A 542 4.95 17.39 -12.14
C LYS A 542 5.67 16.46 -13.10
N LEU A 543 6.93 16.21 -12.79
CA LEU A 543 7.70 15.19 -13.49
C LEU A 543 7.36 13.82 -12.94
N VAL A 544 6.86 12.95 -13.83
CA VAL A 544 6.54 11.59 -13.49
C VAL A 544 7.45 10.71 -14.37
N SER A 545 8.42 10.07 -13.73
CA SER A 545 9.52 9.45 -14.46
C SER A 545 10.04 8.35 -13.57
N THR A 546 9.96 7.10 -14.01
CA THR A 546 10.39 5.95 -13.25
C THR A 546 11.57 5.20 -13.89
N GLN A 547 11.91 5.54 -15.12
CA GLN A 547 13.07 4.87 -15.72
C GLN A 547 14.32 5.66 -15.37
N CYS A 548 14.73 5.55 -14.11
CA CYS A 548 15.75 6.44 -13.54
C CYS A 548 16.81 5.57 -12.88
N PRO A 549 17.71 5.00 -13.68
CA PRO A 549 18.68 4.04 -13.14
C PRO A 549 19.68 4.79 -12.25
N PRO A 550 20.18 4.14 -11.19
CA PRO A 550 21.37 4.65 -10.50
C PRO A 550 22.52 4.62 -11.51
N LEU A 551 23.47 5.54 -11.38
CA LEU A 551 24.70 5.41 -12.14
C LEU A 551 25.49 4.27 -11.51
N LEU A 552 25.82 3.24 -12.29
CA LEU A 552 26.46 2.05 -11.69
C LEU A 552 27.96 2.21 -11.52
N ALA A 553 28.57 3.05 -12.35
CA ALA A 553 30.01 3.33 -12.18
C ALA A 553 30.28 3.99 -10.82
N LYS A 554 31.40 3.66 -10.22
CA LYS A 554 31.65 4.12 -8.85
C LYS A 554 31.89 5.62 -8.78
N GLU A 555 31.74 6.15 -7.56
CA GLU A 555 32.21 7.47 -7.24
C GLU A 555 33.71 7.59 -7.51
N GLY A 556 34.08 8.64 -8.22
CA GLY A 556 35.45 8.82 -8.62
C GLY A 556 35.88 8.11 -9.88
N SER A 557 34.99 7.32 -10.49
CA SER A 557 35.32 6.69 -11.74
C SER A 557 35.40 7.73 -12.85
N LEU A 558 35.99 7.31 -13.96
CA LEU A 558 36.05 8.12 -15.16
C LEU A 558 34.66 8.53 -15.61
N VAL A 559 33.74 7.57 -15.55
CA VAL A 559 32.35 7.84 -15.95
C VAL A 559 31.72 8.87 -15.04
N ALA A 560 31.84 8.68 -13.73
CA ALA A 560 31.20 9.59 -12.78
C ALA A 560 31.80 10.97 -12.86
N LYS A 561 33.11 11.05 -13.11
CA LYS A 561 33.78 12.36 -13.18
C LYS A 561 33.40 13.17 -14.43
N ARG A 562 33.30 12.48 -15.57
CA ARG A 562 32.99 13.17 -16.81
C ARG A 562 31.50 13.50 -16.95
N ALA A 563 30.65 12.80 -16.19
CA ALA A 563 29.20 13.06 -16.20
C ALA A 563 28.65 13.34 -14.79
N PRO A 564 29.04 14.48 -14.17
CA PRO A 564 28.67 14.75 -12.76
C PRO A 564 27.16 14.83 -12.54
N TRP A 565 26.44 15.11 -13.63
CA TRP A 565 24.96 15.21 -13.60
C TRP A 565 24.31 13.84 -13.44
N ALA A 566 25.01 12.78 -13.83
CA ALA A 566 24.36 11.47 -14.01
C ALA A 566 24.19 10.76 -12.67
N SER A 567 24.92 11.23 -11.65
CA SER A 567 24.90 10.67 -10.29
C SER A 567 23.58 10.86 -9.56
N HIS A 568 22.76 11.83 -9.99
CA HIS A 568 21.45 12.06 -9.37
C HIS A 568 20.36 12.09 -10.42
N SER A 569 19.17 11.62 -10.07
CA SER A 569 18.00 11.76 -10.97
C SER A 569 17.63 13.22 -11.24
N VAL A 570 17.84 14.08 -10.23
CA VAL A 570 17.45 15.47 -10.38
C VAL A 570 18.55 16.36 -9.82
N ASN A 571 18.91 17.38 -10.60
CA ASN A 571 19.82 18.44 -10.18
C ASN A 571 19.12 19.76 -10.50
N VAL A 572 19.02 20.67 -9.53
CA VAL A 572 18.39 21.96 -9.84
C VAL A 572 19.36 23.09 -9.45
N VAL A 573 19.67 23.96 -10.40
CA VAL A 573 20.68 25.02 -10.18
C VAL A 573 20.11 26.38 -10.57
N PRO A 574 20.73 27.47 -10.10
CA PRO A 574 20.22 28.75 -10.61
C PRO A 574 20.39 28.90 -12.13
N TYR A 575 19.44 29.62 -12.76
CA TYR A 575 19.61 30.03 -14.13
C TYR A 575 20.79 31.01 -14.27
N LYS A 576 21.61 30.83 -15.31
CA LYS A 576 22.47 31.87 -15.88
C LYS A 576 22.50 31.64 -17.38
N ASP A 577 22.68 32.71 -18.17
CA ASP A 577 22.68 32.51 -19.62
C ASP A 577 23.86 31.61 -20.00
N ASN A 578 23.63 30.78 -21.03
CA ASN A 578 24.67 29.87 -21.54
CA ASN A 578 24.64 29.85 -21.54
C ASN A 578 25.01 28.69 -20.61
N ARG A 579 24.14 28.39 -19.64
CA ARG A 579 24.27 27.15 -18.87
C ARG A 579 23.51 26.02 -19.55
N LEU A 580 24.10 25.48 -20.61
CA LEU A 580 23.41 24.47 -21.42
C LEU A 580 23.90 23.05 -21.15
N TYR A 581 25.22 22.89 -21.13
CA TYR A 581 25.83 21.56 -21.29
C TYR A 581 26.52 21.07 -20.04
N PRO A 582 25.94 20.04 -19.39
CA PRO A 582 26.35 19.72 -18.01
C PRO A 582 27.65 18.92 -17.83
N SER A 583 28.21 18.36 -18.91
CA SER A 583 29.62 17.90 -18.92
C SER A 583 30.60 18.88 -19.54
N GLY A 584 30.17 20.14 -19.66
CA GLY A 584 31.06 21.21 -20.12
C GLY A 584 30.93 21.42 -21.62
N ASP A 585 31.53 22.50 -22.12
CA ASP A 585 31.30 22.93 -23.49
C ASP A 585 32.10 22.09 -24.51
N HIS A 586 33.28 21.64 -24.12
CA HIS A 586 34.11 20.81 -24.99
C HIS A 586 34.46 19.49 -24.31
N VAL A 587 33.71 18.46 -24.71
CA VAL A 587 33.61 17.23 -23.89
C VAL A 587 34.69 16.18 -24.20
N PRO A 588 35.00 15.92 -25.50
CA PRO A 588 35.97 14.89 -25.83
C PRO A 588 37.33 15.08 -25.12
N GLN A 589 37.79 14.01 -24.48
CA GLN A 589 39.11 13.96 -23.85
C GLN A 589 39.28 14.78 -22.57
N TRP A 590 38.20 15.37 -22.06
CA TRP A 590 38.23 15.94 -20.69
C TRP A 590 38.34 14.77 -19.70
N SER A 591 39.25 14.88 -18.74
CA SER A 591 39.45 13.82 -17.76
C SER A 591 38.31 13.75 -16.74
N GLY A 592 37.50 14.80 -16.65
CA GLY A 592 36.54 14.87 -15.55
C GLY A 592 37.05 15.63 -14.34
N ASP A 593 38.32 16.08 -14.37
CA ASP A 593 38.88 16.92 -13.30
C ASP A 593 38.61 18.36 -13.64
N GLY A 594 38.08 19.11 -12.68
CA GLY A 594 37.92 20.55 -12.87
C GLY A 594 36.50 20.99 -12.62
N VAL A 595 36.33 22.28 -12.35
CA VAL A 595 35.03 22.86 -12.04
C VAL A 595 34.44 23.41 -13.33
N ARG A 596 33.60 22.62 -13.98
CA ARG A 596 32.93 23.09 -15.19
C ARG A 596 31.60 22.35 -15.27
N GLY A 597 30.75 22.75 -16.20
CA GLY A 597 29.46 22.09 -16.36
C GLY A 597 28.70 22.05 -15.04
N MET A 598 28.02 20.93 -14.81
CA MET A 598 27.14 20.78 -13.66
C MET A 598 27.94 20.95 -12.36
N ARG A 599 29.19 20.49 -12.36
CA ARG A 599 30.02 20.66 -11.13
C ARG A 599 30.19 22.13 -10.78
N GLU A 600 30.45 22.97 -11.78
CA GLU A 600 30.54 24.41 -11.56
C GLU A 600 29.20 24.99 -11.12
N TRP A 601 28.10 24.57 -11.74
CA TRP A 601 26.81 25.16 -11.43
C TRP A 601 26.37 24.81 -10.01
N ILE A 602 26.64 23.59 -9.60
CA ILE A 602 26.30 23.16 -8.23
C ILE A 602 27.18 23.92 -7.24
N GLY A 603 28.44 24.14 -7.60
CA GLY A 603 29.39 24.83 -6.69
C GLY A 603 29.48 24.19 -5.32
N ASP A 604 29.37 24.99 -4.27
CA ASP A 604 29.32 24.44 -2.91
C ASP A 604 27.94 24.01 -2.44
N GLY A 605 26.95 24.09 -3.34
CA GLY A 605 25.62 23.56 -3.00
C GLY A 605 24.74 24.55 -2.24
N SER A 606 25.25 25.76 -1.95
CA SER A 606 24.55 26.65 -1.02
C SER A 606 23.63 27.67 -1.71
N GLU A 607 23.70 27.80 -3.04
CA GLU A 607 22.91 28.87 -3.69
C GLU A 607 21.39 28.65 -3.63
N ASN A 608 20.64 29.73 -3.50
CA ASN A 608 19.18 29.65 -3.45
C ASN A 608 18.59 29.17 -4.78
N ILE A 609 17.62 28.26 -4.68
CA ILE A 609 16.82 27.89 -5.85
C ILE A 609 15.33 27.91 -5.55
N ASP A 610 14.95 28.62 -4.47
CA ASP A 610 13.53 28.74 -4.11
C ASP A 610 13.03 30.09 -4.59
N ASN A 611 12.00 30.06 -5.43
CA ASN A 611 11.32 31.23 -5.95
C ASN A 611 12.28 32.14 -6.73
N THR A 612 12.89 31.61 -7.79
CA THR A 612 13.85 32.38 -8.58
C THR A 612 13.88 31.78 -10.02
N ASP A 613 14.80 32.19 -10.84
CA ASP A 613 14.93 31.57 -12.16
C ASP A 613 15.83 30.35 -11.98
N ILE A 614 15.31 29.16 -12.27
CA ILE A 614 16.01 27.93 -11.99
C ILE A 614 16.23 27.11 -13.28
N LEU A 615 17.11 26.10 -13.19
CA LEU A 615 17.31 25.13 -14.28
C LEU A 615 17.20 23.72 -13.68
N PHE A 616 16.37 22.89 -14.28
CA PHE A 616 16.05 21.59 -13.71
C PHE A 616 16.62 20.53 -14.67
N PHE A 617 17.66 19.81 -14.23
CA PHE A 617 18.29 18.82 -15.09
C PHE A 617 17.91 17.42 -14.58
N HIS A 618 17.28 16.60 -15.42
CA HIS A 618 16.80 15.28 -14.97
C HIS A 618 17.59 14.18 -15.68
N THR A 619 18.14 13.25 -14.90
CA THR A 619 18.80 12.06 -15.46
C THR A 619 17.85 10.87 -15.52
N PHE A 620 17.70 10.29 -16.72
CA PHE A 620 16.81 9.15 -16.87
C PHE A 620 17.43 8.23 -17.93
N GLY A 621 16.93 7.00 -18.05
CA GLY A 621 17.42 6.09 -19.10
C GLY A 621 17.22 4.63 -18.69
N ILE A 622 18.07 3.75 -19.21
CA ILE A 622 17.89 2.32 -18.96
C ILE A 622 19.22 1.66 -18.67
N THR A 623 19.17 0.46 -18.05
CA THR A 623 20.33 -0.37 -17.95
C THR A 623 20.14 -1.60 -18.84
N HIS A 624 21.07 -1.87 -19.75
CA HIS A 624 20.85 -2.87 -20.82
C HIS A 624 21.76 -4.05 -20.61
N PHE A 625 21.19 -5.21 -20.29
CA PHE A 625 21.96 -6.46 -20.25
C PHE A 625 21.55 -7.22 -21.52
N PRO A 626 22.44 -7.27 -22.52
CA PRO A 626 22.03 -7.76 -23.84
C PRO A 626 21.60 -9.24 -23.77
N ALA A 627 20.71 -9.60 -24.69
CA ALA A 627 20.28 -10.99 -24.82
C ALA A 627 20.26 -11.27 -26.32
N PRO A 628 20.16 -12.56 -26.71
CA PRO A 628 20.16 -12.84 -28.16
C PRO A 628 19.01 -12.18 -28.95
N GLU A 629 17.86 -11.90 -28.31
CA GLU A 629 16.72 -11.24 -28.99
C GLU A 629 17.16 -9.89 -29.58
N ASP A 630 18.19 -9.29 -28.99
CA ASP A 630 18.65 -7.96 -29.40
C ASP A 630 19.54 -8.00 -30.66
N PHE A 631 19.90 -9.20 -31.13
CA PHE A 631 20.91 -9.35 -32.17
C PHE A 631 20.26 -10.11 -33.36
N PRO A 632 20.73 -9.90 -34.61
CA PRO A 632 21.77 -9.01 -35.07
C PRO A 632 21.26 -7.55 -35.19
N LEU A 633 19.95 -7.32 -34.96
CA LEU A 633 19.33 -5.97 -35.09
C LEU A 633 18.28 -5.90 -34.00
N MET A 634 18.31 -4.85 -33.16
CA MET A 634 17.55 -4.87 -31.91
CA MET A 634 17.53 -4.94 -31.93
C MET A 634 16.14 -4.31 -32.04
N PRO A 635 15.12 -5.03 -31.55
CA PRO A 635 13.79 -4.47 -31.54
C PRO A 635 13.75 -3.21 -30.65
N ALA A 636 12.88 -2.25 -31.00
CA ALA A 636 12.85 -0.96 -30.33
C ALA A 636 12.56 -1.15 -28.83
N GLU A 637 13.39 -0.48 -28.01
CA GLU A 637 13.30 -0.51 -26.56
C GLU A 637 12.80 0.88 -26.11
N PRO A 638 11.71 0.92 -25.33
CA PRO A 638 11.10 2.21 -24.99
C PRO A 638 11.60 2.85 -23.70
N ILE A 639 11.63 4.18 -23.70
CA ILE A 639 11.92 4.96 -22.50
C ILE A 639 10.94 6.15 -22.55
N THR A 640 10.36 6.52 -21.41
CA THR A 640 9.42 7.65 -21.39
C THR A 640 9.45 8.40 -20.07
N LEU A 641 9.10 9.68 -20.13
CA LEU A 641 8.86 10.47 -18.91
C LEU A 641 7.79 11.47 -19.29
N MET A 642 7.09 11.99 -18.29
CA MET A 642 6.01 12.92 -18.61
C MET A 642 6.12 14.15 -17.69
N LEU A 643 5.66 15.28 -18.20
CA LEU A 643 5.51 16.50 -17.40
C LEU A 643 4.02 16.85 -17.44
N ARG A 644 3.32 16.71 -16.31
CA ARG A 644 1.87 16.87 -16.35
C ARG A 644 1.42 18.04 -15.44
N PRO A 645 0.40 18.79 -15.89
CA PRO A 645 -0.12 19.91 -15.09
C PRO A 645 -0.84 19.39 -13.84
N ARG A 646 -0.45 19.88 -12.67
CA ARG A 646 -1.17 19.53 -11.42
C ARG A 646 -1.37 20.84 -10.68
N HIS A 647 -2.64 21.16 -10.40
CA HIS A 647 -3.01 22.46 -9.84
C HIS A 647 -2.66 23.64 -10.74
N PHE A 648 -2.32 23.35 -11.99
CA PHE A 648 -2.14 24.40 -12.99
C PHE A 648 -3.50 24.90 -13.50
N PHE A 649 -4.39 23.97 -13.83
CA PHE A 649 -5.76 24.32 -14.25
C PHE A 649 -6.74 24.16 -13.09
N THR A 650 -7.94 24.74 -13.22
CA THR A 650 -8.97 24.53 -12.21
C THR A 650 -9.91 23.39 -12.60
N GLU A 651 -9.78 22.89 -13.82
CA GLU A 651 -10.50 21.68 -14.24
C GLU A 651 -9.82 21.07 -15.46
N ASN A 652 -10.19 19.82 -15.75
CA ASN A 652 -9.76 19.14 -17.00
C ASN A 652 -9.83 20.10 -18.21
N PRO A 653 -8.68 20.39 -18.83
CA PRO A 653 -8.69 21.44 -19.86
C PRO A 653 -9.17 20.93 -21.25
N GLY A 654 -9.45 19.63 -21.35
CA GLY A 654 -9.84 19.05 -22.65
C GLY A 654 -11.35 18.96 -22.84
N LEU A 655 -12.12 19.49 -21.89
CA LEU A 655 -13.57 19.24 -21.87
C LEU A 655 -14.33 20.01 -22.93
N ASP A 656 -13.70 21.03 -23.51
CA ASP A 656 -14.29 21.70 -24.67
C ASP A 656 -13.94 21.10 -26.05
N ILE A 657 -13.25 19.96 -26.03
CA ILE A 657 -13.04 19.17 -27.22
C ILE A 657 -14.34 18.41 -27.55
N GLN A 658 -14.83 18.48 -28.79
CA GLN A 658 -16.09 17.78 -29.13
C GLN A 658 -15.96 16.30 -28.86
N PRO A 659 -16.95 15.73 -28.15
CA PRO A 659 -16.84 14.29 -27.86
C PRO A 659 -17.02 13.50 -29.15
N SER A 660 -16.48 12.28 -29.19
CA SER A 660 -16.75 11.39 -30.30
CA SER A 660 -16.72 11.36 -30.28
C SER A 660 -18.14 10.80 -30.18
N TYR A 661 -18.65 10.70 -28.94
CA TYR A 661 -20.03 10.28 -28.73
C TYR A 661 -20.48 10.88 -27.41
N ALA A 662 -21.70 11.40 -27.36
CA ALA A 662 -22.25 11.89 -26.11
C ALA A 662 -23.77 11.74 -26.09
N MET A 663 -24.29 11.11 -25.04
CA MET A 663 -25.73 11.05 -24.80
CA MET A 663 -25.73 11.04 -24.80
C MET A 663 -26.00 11.37 -23.34
N THR A 664 -26.84 12.37 -23.08
CA THR A 664 -27.20 12.72 -21.73
C THR A 664 -28.27 11.76 -21.23
N THR A 665 -28.55 11.83 -19.92
CA THR A 665 -29.65 11.10 -19.32
C THR A 665 -31.04 11.45 -19.93
N SER A 666 -31.31 12.74 -20.10
CA SER A 666 -32.59 13.15 -20.68
C SER A 666 -32.73 12.64 -22.12
N GLU A 667 -31.62 12.63 -22.83
CA GLU A 667 -31.61 12.18 -24.22
C GLU A 667 -31.87 10.70 -24.26
N ALA A 668 -31.25 9.96 -23.35
CA ALA A 668 -31.42 8.51 -23.30
C ALA A 668 -32.89 8.15 -23.03
N LYS A 669 -33.53 8.90 -22.13
CA LYS A 669 -34.92 8.65 -21.77
C LYS A 669 -35.82 8.94 -22.97
N ARG A 670 -35.51 10.03 -23.65
CA ARG A 670 -36.24 10.46 -24.82
C ARG A 670 -36.20 9.40 -25.92
N ALA A 671 -35.04 8.75 -26.08
CA ALA A 671 -34.93 7.61 -26.98
C ALA A 671 -35.69 6.39 -26.43
N VAL A 672 -36.87 6.66 -25.85
CA VAL A 672 -37.58 5.73 -24.96
C VAL A 672 -36.85 4.42 -24.71
N ALA B 16 -32.74 -32.43 -22.32
CA ALA B 16 -31.58 -32.91 -23.12
C ALA B 16 -30.34 -32.01 -22.94
N ALA B 17 -29.16 -32.64 -22.90
CA ALA B 17 -27.90 -31.94 -22.61
C ALA B 17 -27.53 -30.91 -23.70
N PRO B 18 -26.92 -29.79 -23.29
CA PRO B 18 -26.52 -28.75 -24.25
C PRO B 18 -25.34 -29.21 -25.12
N ALA B 19 -25.20 -28.65 -26.32
CA ALA B 19 -24.11 -29.05 -27.21
C ALA B 19 -22.76 -28.70 -26.55
N ARG B 20 -21.76 -29.56 -26.72
CA ARG B 20 -20.39 -29.24 -26.30
C ARG B 20 -19.81 -28.04 -27.08
N PRO B 21 -18.91 -27.27 -26.43
CA PRO B 21 -18.27 -26.15 -27.15
C PRO B 21 -17.24 -26.63 -28.17
N ALA B 22 -16.80 -25.73 -29.03
CA ALA B 22 -15.69 -26.02 -29.94
C ALA B 22 -14.42 -26.38 -29.16
N HIS B 23 -14.23 -25.77 -27.99
CA HIS B 23 -12.94 -25.78 -27.29
C HIS B 23 -13.23 -25.82 -25.77
N PRO B 24 -12.49 -26.68 -25.01
CA PRO B 24 -12.77 -26.89 -23.58
C PRO B 24 -12.69 -25.61 -22.74
N LEU B 25 -11.98 -24.60 -23.22
CA LEU B 25 -11.85 -23.35 -22.45
C LEU B 25 -12.88 -22.29 -22.83
N ASP B 26 -13.74 -22.60 -23.79
CA ASP B 26 -14.78 -21.66 -24.20
C ASP B 26 -15.68 -21.38 -22.99
N PRO B 27 -16.08 -20.12 -22.80
CA PRO B 27 -17.07 -19.78 -21.80
C PRO B 27 -18.37 -20.54 -22.00
N LEU B 28 -19.14 -20.73 -20.94
CA LEU B 28 -20.46 -21.36 -21.07
C LEU B 28 -21.31 -20.65 -22.11
N SER B 29 -21.98 -21.41 -22.96
CA SER B 29 -22.97 -20.81 -23.88
C SER B 29 -24.26 -20.47 -23.14
N THR B 30 -25.15 -19.72 -23.79
CA THR B 30 -26.44 -19.42 -23.18
C THR B 30 -27.20 -20.73 -22.94
N ALA B 31 -27.06 -21.69 -23.85
CA ALA B 31 -27.74 -22.97 -23.66
C ALA B 31 -27.18 -23.67 -22.43
N GLU B 32 -25.86 -23.61 -22.24
CA GLU B 32 -25.23 -24.30 -21.10
C GLU B 32 -25.61 -23.63 -19.79
N ILE B 33 -25.64 -22.31 -19.80
CA ILE B 33 -26.11 -21.57 -18.61
C ILE B 33 -27.55 -21.99 -18.21
N LYS B 34 -28.44 -22.06 -19.19
CA LYS B 34 -29.83 -22.46 -18.91
C LYS B 34 -29.89 -23.89 -18.41
N ALA B 35 -29.11 -24.78 -19.04
CA ALA B 35 -29.07 -26.18 -18.59
C ALA B 35 -28.58 -26.26 -17.16
N ALA B 36 -27.52 -25.53 -16.83
CA ALA B 36 -26.98 -25.54 -15.49
C ALA B 36 -28.04 -25.07 -14.48
N THR B 37 -28.72 -23.97 -14.78
CA THR B 37 -29.67 -23.42 -13.78
C THR B 37 -30.94 -24.26 -13.68
N ASN B 38 -31.40 -24.81 -14.82
CA ASN B 38 -32.44 -25.85 -14.74
C ASN B 38 -32.07 -26.97 -13.79
N THR B 39 -30.83 -27.45 -13.91
CA THR B 39 -30.33 -28.58 -13.14
C THR B 39 -30.28 -28.25 -11.66
N VAL B 40 -29.79 -27.04 -11.36
CA VAL B 40 -29.78 -26.57 -9.98
C VAL B 40 -31.18 -26.37 -9.40
N LYS B 41 -32.07 -25.72 -10.14
CA LYS B 41 -33.45 -25.58 -9.69
C LYS B 41 -34.08 -26.95 -9.36
N SER B 42 -33.88 -27.94 -10.23
CA SER B 42 -34.40 -29.28 -9.95
C SER B 42 -33.80 -29.91 -8.71
N TYR B 43 -32.51 -29.73 -8.51
CA TYR B 43 -31.85 -30.33 -7.38
C TYR B 43 -32.41 -29.72 -6.07
N PHE B 44 -32.71 -28.42 -6.09
CA PHE B 44 -33.28 -27.73 -4.93
C PHE B 44 -34.79 -27.62 -5.07
N ALA B 45 -35.42 -28.74 -5.44
CA ALA B 45 -36.82 -28.73 -5.85
C ALA B 45 -37.65 -28.20 -4.71
N GLY B 46 -38.53 -27.28 -5.04
CA GLY B 46 -39.45 -26.69 -4.09
C GLY B 46 -38.84 -25.60 -3.23
N LYS B 47 -37.56 -25.31 -3.40
CA LYS B 47 -36.95 -24.23 -2.62
C LYS B 47 -36.87 -22.94 -3.43
N LYS B 48 -36.94 -21.82 -2.74
CA LYS B 48 -36.87 -20.54 -3.39
C LYS B 48 -35.40 -20.12 -3.40
N ILE B 49 -34.79 -20.22 -4.58
CA ILE B 49 -33.38 -19.88 -4.75
C ILE B 49 -33.20 -18.75 -5.77
N SER B 50 -32.02 -18.11 -5.73
CA SER B 50 -31.67 -17.12 -6.73
C SER B 50 -30.21 -17.30 -7.14
N PHE B 51 -29.90 -17.00 -8.41
CA PHE B 51 -28.57 -17.29 -8.94
C PHE B 51 -27.72 -16.05 -8.82
N ASN B 52 -26.57 -16.22 -8.16
CA ASN B 52 -25.58 -15.16 -8.06
C ASN B 52 -24.51 -15.27 -9.16
N THR B 53 -24.03 -16.50 -9.42
CA THR B 53 -22.99 -16.72 -10.43
C THR B 53 -23.28 -18.07 -11.12
N VAL B 54 -23.16 -18.11 -12.44
CA VAL B 54 -23.13 -19.38 -13.16
C VAL B 54 -22.07 -19.26 -14.25
N THR B 55 -20.99 -20.04 -14.14
CA THR B 55 -19.80 -19.77 -14.94
C THR B 55 -19.04 -21.06 -15.19
N LEU B 56 -18.19 -21.06 -16.22
CA LEU B 56 -17.38 -22.26 -16.53
C LEU B 56 -16.50 -22.59 -15.32
N ARG B 57 -16.49 -23.87 -14.91
CA ARG B 57 -15.40 -24.39 -14.10
C ARG B 57 -14.35 -24.96 -15.06
N GLU B 58 -13.24 -24.26 -15.18
CA GLU B 58 -12.26 -24.61 -16.18
C GLU B 58 -11.67 -25.98 -15.85
N PRO B 59 -11.27 -26.74 -16.89
CA PRO B 59 -10.66 -28.07 -16.67
C PRO B 59 -9.37 -27.95 -15.84
N ALA B 60 -9.02 -29.03 -15.14
CA ALA B 60 -7.75 -29.13 -14.43
C ALA B 60 -6.62 -28.90 -15.44
N ARG B 61 -5.58 -28.20 -15.03
CA ARG B 61 -4.45 -27.91 -15.92
C ARG B 61 -3.90 -29.20 -16.57
N LYS B 62 -3.60 -30.19 -15.73
CA LYS B 62 -3.02 -31.43 -16.25
C LYS B 62 -3.94 -32.11 -17.28
N ALA B 63 -5.24 -32.21 -16.95
CA ALA B 63 -6.20 -32.79 -17.88
C ALA B 63 -6.23 -32.03 -19.18
N TYR B 64 -6.19 -30.71 -19.10
CA TYR B 64 -6.23 -29.89 -20.32
C TYR B 64 -5.03 -30.19 -21.17
N ILE B 65 -3.86 -30.19 -20.54
CA ILE B 65 -2.63 -30.36 -21.27
C ILE B 65 -2.53 -31.78 -21.87
N GLN B 66 -3.02 -32.76 -21.14
CA GLN B 66 -3.06 -34.15 -21.63
C GLN B 66 -3.98 -34.26 -22.82
N TRP B 67 -5.12 -33.58 -22.76
CA TRP B 67 -6.01 -33.49 -23.91
C TRP B 67 -5.37 -32.82 -25.10
N LYS B 68 -4.74 -31.68 -24.85
CA LYS B 68 -4.17 -30.89 -25.91
C LYS B 68 -3.02 -31.63 -26.58
N GLU B 69 -2.18 -32.29 -25.77
CA GLU B 69 -0.87 -32.66 -26.25
C GLU B 69 -0.57 -34.15 -26.25
N GLN B 70 -1.39 -34.95 -25.56
CA GLN B 70 -1.01 -36.32 -25.27
C GLN B 70 -2.14 -37.33 -25.56
N GLY B 71 -3.10 -36.94 -26.38
CA GLY B 71 -4.21 -37.83 -26.74
C GLY B 71 -5.18 -38.14 -25.62
N GLY B 72 -5.19 -37.32 -24.58
CA GLY B 72 -6.08 -37.56 -23.46
C GLY B 72 -7.54 -37.27 -23.77
N PRO B 73 -8.44 -37.69 -22.88
CA PRO B 73 -9.87 -37.49 -23.09
C PRO B 73 -10.24 -36.01 -22.92
N LEU B 74 -11.27 -35.60 -23.65
CA LEU B 74 -11.90 -34.31 -23.48
C LEU B 74 -12.28 -34.13 -22.02
N PRO B 75 -11.82 -33.03 -21.40
CA PRO B 75 -12.27 -32.82 -20.02
C PRO B 75 -13.78 -32.65 -19.97
N PRO B 76 -14.39 -33.10 -18.86
CA PRO B 76 -15.83 -32.92 -18.70
C PRO B 76 -16.17 -31.43 -18.62
N ARG B 77 -17.31 -31.08 -19.22
CA ARG B 77 -17.77 -29.72 -19.29
C ARG B 77 -18.56 -29.40 -18.01
N LEU B 78 -18.02 -28.50 -17.19
CA LEU B 78 -18.55 -28.27 -15.84
C LEU B 78 -18.96 -26.80 -15.61
N ALA B 79 -20.07 -26.61 -14.90
CA ALA B 79 -20.51 -25.25 -14.56
C ALA B 79 -20.41 -25.06 -13.05
N TYR B 80 -19.77 -23.97 -12.63
CA TYR B 80 -19.76 -23.58 -11.22
C TYR B 80 -20.92 -22.63 -10.97
N TYR B 81 -21.65 -22.84 -9.88
CA TYR B 81 -22.76 -21.97 -9.51
C TYR B 81 -22.64 -21.51 -8.06
N VAL B 82 -23.18 -20.33 -7.80
CA VAL B 82 -23.38 -19.80 -6.46
C VAL B 82 -24.85 -19.35 -6.42
N ILE B 83 -25.59 -19.83 -5.42
CA ILE B 83 -26.97 -19.42 -5.24
C ILE B 83 -27.20 -18.91 -3.81
N LEU B 84 -28.21 -18.06 -3.67
CA LEU B 84 -28.82 -17.75 -2.37
C LEU B 84 -30.12 -18.52 -2.23
N GLU B 85 -30.50 -18.81 -0.98
CA GLU B 85 -31.80 -19.41 -0.72
C GLU B 85 -32.53 -18.55 0.30
N ALA B 86 -33.78 -18.19 -0.02
CA ALA B 86 -34.55 -17.33 0.89
C ALA B 86 -34.55 -17.90 2.32
N GLY B 87 -34.21 -17.05 3.28
CA GLY B 87 -34.17 -17.46 4.69
C GLY B 87 -33.00 -18.33 5.14
N LYS B 88 -32.03 -18.58 4.24
CA LYS B 88 -30.76 -19.19 4.64
C LYS B 88 -29.65 -18.15 4.61
N PRO B 89 -28.74 -18.21 5.58
CA PRO B 89 -27.63 -17.24 5.58
C PRO B 89 -26.56 -17.68 4.56
N GLY B 90 -25.78 -16.73 4.07
CA GLY B 90 -24.63 -17.05 3.24
C GLY B 90 -25.10 -17.52 1.88
N VAL B 91 -24.40 -18.53 1.34
CA VAL B 91 -24.64 -19.03 -0.04
C VAL B 91 -24.55 -20.54 -0.03
N LYS B 92 -24.97 -21.14 -1.13
CA LYS B 92 -24.55 -22.49 -1.47
C LYS B 92 -23.82 -22.40 -2.80
N GLU B 93 -22.85 -23.29 -3.02
CA GLU B 93 -22.15 -23.30 -4.31
C GLU B 93 -22.00 -24.74 -4.73
N GLY B 94 -21.62 -24.97 -5.97
CA GLY B 94 -21.44 -26.36 -6.40
C GLY B 94 -21.05 -26.44 -7.85
N LEU B 95 -21.12 -27.64 -8.41
CA LEU B 95 -20.71 -27.89 -9.79
C LEU B 95 -21.81 -28.71 -10.44
N VAL B 96 -22.11 -28.38 -11.69
CA VAL B 96 -23.01 -29.15 -12.54
C VAL B 96 -22.19 -29.79 -13.63
N ASP B 97 -22.32 -31.10 -13.76
CA ASP B 97 -21.81 -31.78 -14.95
C ASP B 97 -22.85 -31.64 -16.07
N LEU B 98 -22.48 -30.93 -17.12
CA LEU B 98 -23.46 -30.51 -18.09
C LEU B 98 -23.88 -31.66 -19.01
N ALA B 99 -23.00 -32.65 -19.17
CA ALA B 99 -23.32 -33.76 -20.09
C ALA B 99 -24.39 -34.67 -19.48
N SER B 100 -24.38 -34.79 -18.15
CA SER B 100 -25.37 -35.63 -17.43
C SER B 100 -26.47 -34.80 -16.75
N LEU B 101 -26.41 -33.49 -16.90
CA LEU B 101 -27.37 -32.60 -16.24
C LEU B 101 -27.54 -32.98 -14.76
N SER B 102 -26.44 -33.12 -14.04
CA SER B 102 -26.55 -33.39 -12.64
C SER B 102 -25.61 -32.52 -11.81
N VAL B 103 -26.04 -32.22 -10.58
CA VAL B 103 -25.17 -31.57 -9.60
C VAL B 103 -24.22 -32.62 -9.05
N ILE B 104 -22.91 -32.38 -9.16
CA ILE B 104 -21.94 -33.38 -8.73
C ILE B 104 -21.16 -32.98 -7.50
N GLU B 105 -21.29 -31.72 -7.08
CA GLU B 105 -20.61 -31.25 -5.88
C GLU B 105 -21.45 -30.12 -5.35
N THR B 106 -21.54 -30.02 -4.03
CA THR B 106 -22.43 -29.03 -3.45
C THR B 106 -21.93 -28.67 -2.06
N ARG B 107 -22.00 -27.40 -1.68
CA ARG B 107 -21.77 -27.09 -0.28
C ARG B 107 -22.36 -25.76 0.16
N ALA B 108 -22.69 -25.69 1.43
CA ALA B 108 -23.33 -24.53 2.00
C ALA B 108 -22.26 -23.74 2.75
N LEU B 109 -22.20 -22.44 2.51
CA LEU B 109 -21.23 -21.59 3.18
C LEU B 109 -22.01 -20.49 3.84
N GLU B 110 -22.40 -20.72 5.08
CA GLU B 110 -23.34 -19.85 5.76
C GLU B 110 -22.73 -18.53 6.21
N THR B 111 -21.40 -18.45 6.20
CA THR B 111 -20.73 -17.31 6.77
C THR B 111 -19.86 -16.55 5.78
N VAL B 112 -20.20 -16.61 4.50
CA VAL B 112 -19.57 -15.69 3.52
C VAL B 112 -20.65 -14.87 2.83
N GLN B 113 -20.22 -13.87 2.07
CA GLN B 113 -21.12 -13.13 1.18
C GLN B 113 -20.47 -13.06 -0.20
N PRO B 114 -21.28 -13.18 -1.25
CA PRO B 114 -20.73 -13.31 -2.59
C PRO B 114 -20.75 -11.99 -3.38
N ILE B 115 -20.12 -12.05 -4.54
CA ILE B 115 -19.99 -10.92 -5.45
C ILE B 115 -21.36 -10.20 -5.64
N LEU B 116 -21.34 -8.88 -5.66
CA LEU B 116 -22.57 -8.11 -5.81
C LEU B 116 -22.88 -7.94 -7.30
N THR B 117 -24.01 -8.49 -7.74
CA THR B 117 -24.31 -8.45 -9.18
C THR B 117 -25.02 -7.11 -9.50
N VAL B 118 -25.19 -6.83 -10.79
CA VAL B 118 -25.91 -5.64 -11.20
C VAL B 118 -27.31 -5.59 -10.61
N GLU B 119 -28.02 -6.72 -10.59
CA GLU B 119 -29.33 -6.77 -9.98
C GLU B 119 -29.31 -6.57 -8.46
N ASP B 120 -28.28 -7.08 -7.80
CA ASP B 120 -28.17 -6.88 -6.36
C ASP B 120 -28.09 -5.39 -6.05
N LEU B 121 -27.37 -4.68 -6.91
CA LEU B 121 -27.04 -3.26 -6.69
C LEU B 121 -28.16 -2.30 -7.13
N CYS B 122 -29.02 -2.76 -8.05
CA CYS B 122 -29.84 -1.86 -8.85
C CYS B 122 -30.94 -1.23 -8.02
N SER B 123 -31.34 -1.86 -6.93
CA SER B 123 -32.49 -1.37 -6.17
C SER B 123 -32.11 -0.48 -4.99
N THR B 124 -30.83 -0.36 -4.72
CA THR B 124 -30.41 0.38 -3.54
C THR B 124 -30.84 1.86 -3.54
N GLU B 125 -30.76 2.50 -4.70
CA GLU B 125 -31.06 3.92 -4.79
C GLU B 125 -32.54 4.21 -4.45
N GLU B 126 -33.42 3.35 -4.89
CA GLU B 126 -34.84 3.49 -4.55
C GLU B 126 -35.12 3.13 -3.09
N VAL B 127 -34.39 2.16 -2.55
CA VAL B 127 -34.48 1.90 -1.12
C VAL B 127 -34.15 3.18 -0.32
N ILE B 128 -33.01 3.80 -0.61
CA ILE B 128 -32.63 4.94 0.23
C ILE B 128 -33.53 6.18 -0.03
N ARG B 129 -33.99 6.36 -1.25
CA ARG B 129 -34.92 7.49 -1.54
C ARG B 129 -36.22 7.41 -0.73
N ASN B 130 -36.63 6.19 -0.37
CA ASN B 130 -37.92 5.95 0.25
C ASN B 130 -37.82 5.65 1.74
N ASP B 131 -36.61 5.66 2.25
CA ASP B 131 -36.40 5.43 3.68
C ASP B 131 -36.63 6.67 4.55
N PRO B 132 -37.55 6.59 5.54
CA PRO B 132 -37.84 7.82 6.30
C PRO B 132 -36.61 8.42 6.99
N ALA B 133 -35.75 7.58 7.56
CA ALA B 133 -34.56 8.05 8.24
C ALA B 133 -33.58 8.75 7.26
N VAL B 134 -33.46 8.20 6.06
CA VAL B 134 -32.63 8.86 5.03
C VAL B 134 -33.27 10.19 4.60
N ILE B 135 -34.60 10.19 4.42
CA ILE B 135 -35.26 11.43 3.99
C ILE B 135 -35.01 12.51 5.03
N GLU B 136 -35.12 12.16 6.31
CA GLU B 136 -34.87 13.12 7.39
C GLU B 136 -33.44 13.71 7.34
N GLN B 137 -32.47 12.87 7.04
CA GLN B 137 -31.09 13.35 6.89
C GLN B 137 -30.93 14.26 5.69
N CYS B 138 -31.63 13.96 4.60
CA CYS B 138 -31.59 14.88 3.46
C CYS B 138 -32.16 16.25 3.86
N VAL B 139 -33.29 16.22 4.56
CA VAL B 139 -33.91 17.46 5.02
C VAL B 139 -32.97 18.27 5.90
N LEU B 140 -32.35 17.61 6.90
CA LEU B 140 -31.33 18.27 7.75
C LEU B 140 -30.18 18.82 6.89
N SER B 141 -29.88 18.14 5.79
CA SER B 141 -28.77 18.54 4.90
C SER B 141 -29.16 19.65 3.90
N GLY B 142 -30.42 20.09 3.94
CA GLY B 142 -30.85 21.20 3.12
C GLY B 142 -31.59 20.79 1.87
N ILE B 143 -32.02 19.53 1.81
CA ILE B 143 -32.76 19.04 0.64
C ILE B 143 -34.16 18.63 1.10
N PRO B 144 -35.19 19.34 0.66
CA PRO B 144 -36.52 19.06 1.21
C PRO B 144 -37.02 17.67 0.80
N ALA B 145 -37.97 17.14 1.55
CA ALA B 145 -38.47 15.80 1.31
C ALA B 145 -39.08 15.69 -0.08
N ASN B 146 -39.68 16.79 -0.57
CA ASN B 146 -40.27 16.77 -1.91
C ASN B 146 -39.25 16.83 -3.04
N GLU B 147 -37.97 16.72 -2.71
CA GLU B 147 -36.90 16.72 -3.71
CA GLU B 147 -36.93 16.69 -3.73
C GLU B 147 -36.09 15.43 -3.68
N MET B 148 -36.65 14.37 -3.07
CA MET B 148 -35.93 13.09 -2.95
C MET B 148 -35.59 12.51 -4.31
N HIS B 149 -36.35 12.88 -5.34
CA HIS B 149 -36.03 12.39 -6.68
C HIS B 149 -34.69 12.97 -7.22
N LYS B 150 -34.18 14.01 -6.56
CA LYS B 150 -32.88 14.61 -6.89
C LYS B 150 -31.71 13.97 -6.15
N VAL B 151 -32.01 13.00 -5.27
CA VAL B 151 -30.98 12.37 -4.45
C VAL B 151 -30.60 11.07 -5.13
N TYR B 152 -29.30 10.83 -5.25
CA TYR B 152 -28.77 9.64 -5.93
C TYR B 152 -27.77 8.96 -4.99
N CYS B 153 -27.45 7.70 -5.25
CA CYS B 153 -26.31 7.15 -4.57
C CYS B 153 -25.57 6.16 -5.46
N ASP B 154 -24.27 6.06 -5.25
CA ASP B 154 -23.53 4.93 -5.76
C ASP B 154 -23.61 3.80 -4.73
N PRO B 155 -24.09 2.63 -5.15
CA PRO B 155 -24.24 1.51 -4.23
C PRO B 155 -22.93 0.75 -4.19
N TRP B 156 -22.25 0.76 -3.06
CA TRP B 156 -20.98 0.04 -2.89
C TRP B 156 -21.22 -1.21 -2.05
N THR B 157 -20.36 -2.23 -2.14
CA THR B 157 -20.39 -3.18 -1.02
C THR B 157 -19.94 -2.40 0.22
N ILE B 158 -20.38 -2.87 1.39
CA ILE B 158 -19.92 -2.25 2.62
C ILE B 158 -18.40 -2.47 2.78
N GLY B 159 -17.83 -3.42 2.03
CA GLY B 159 -16.39 -3.74 2.12
C GLY B 159 -16.18 -4.63 3.34
N TYR B 160 -16.06 -4.01 4.49
CA TYR B 160 -16.08 -4.75 5.75
C TYR B 160 -16.46 -3.80 6.86
N ASP B 161 -17.44 -4.20 7.64
CA ASP B 161 -17.84 -3.39 8.78
C ASP B 161 -17.94 -4.32 9.99
N GLU B 162 -17.06 -4.11 10.97
CA GLU B 162 -16.97 -5.01 12.11
C GLU B 162 -18.23 -5.04 12.99
N ARG B 163 -19.19 -4.13 12.74
CA ARG B 163 -20.47 -4.18 13.44
C ARG B 163 -21.40 -5.30 12.97
N TRP B 164 -21.19 -5.82 11.75
CA TRP B 164 -22.08 -6.87 11.24
C TRP B 164 -21.38 -8.12 10.66
N GLY B 165 -20.08 -8.02 10.41
CA GLY B 165 -19.35 -9.13 9.81
C GLY B 165 -19.98 -9.59 8.50
N THR B 166 -20.19 -10.90 8.34
CA THR B 166 -20.89 -11.42 7.16
C THR B 166 -22.34 -11.85 7.55
N GLY B 167 -22.78 -11.45 8.73
CA GLY B 167 -24.06 -11.96 9.25
C GLY B 167 -25.29 -11.42 8.52
N LYS B 168 -25.17 -10.24 7.93
CA LYS B 168 -26.15 -9.72 6.97
C LYS B 168 -25.39 -9.42 5.69
N ARG B 169 -26.11 -9.38 4.57
CA ARG B 169 -25.50 -8.99 3.31
C ARG B 169 -25.71 -7.51 3.07
N LEU B 170 -24.62 -6.72 3.09
CA LEU B 170 -24.78 -5.26 3.23
C LEU B 170 -24.17 -4.47 2.10
N GLN B 171 -24.80 -3.35 1.79
CA GLN B 171 -24.19 -2.34 0.93
C GLN B 171 -24.09 -1.03 1.72
N GLN B 172 -23.17 -0.15 1.31
CA GLN B 172 -23.18 1.23 1.79
C GLN B 172 -23.51 2.14 0.60
N ALA B 173 -24.32 3.17 0.84
CA ALA B 173 -24.75 4.06 -0.23
C ALA B 173 -24.00 5.39 -0.13
N LEU B 174 -23.10 5.66 -1.08
CA LEU B 174 -22.46 6.96 -1.11
C LEU B 174 -23.38 7.95 -1.79
N VAL B 175 -23.88 8.92 -1.03
CA VAL B 175 -25.04 9.71 -1.47
C VAL B 175 -24.62 11.03 -2.15
N TYR B 176 -25.33 11.40 -3.22
CA TYR B 176 -25.07 12.62 -3.98
C TYR B 176 -26.39 13.28 -4.38
N TYR B 177 -26.28 14.52 -4.86
CA TYR B 177 -27.46 15.32 -5.20
C TYR B 177 -27.28 15.87 -6.62
N ARG B 178 -28.33 15.79 -7.45
CA ARG B 178 -28.33 16.40 -8.79
C ARG B 178 -29.40 17.48 -8.84
N SER B 179 -29.04 18.70 -9.28
CA SER B 179 -30.07 19.72 -9.47
CA SER B 179 -30.06 19.74 -9.49
C SER B 179 -30.93 19.40 -10.69
N ASP B 180 -30.31 18.75 -11.67
CA ASP B 180 -30.98 18.36 -12.91
C ASP B 180 -30.48 16.95 -13.26
N GLU B 181 -31.33 16.10 -13.85
CA GLU B 181 -30.94 14.71 -14.08
C GLU B 181 -29.68 14.59 -14.95
N ASP B 182 -29.39 15.62 -15.77
CA ASP B 182 -28.19 15.58 -16.63
C ASP B 182 -26.88 16.02 -15.95
N ASP B 183 -26.97 16.47 -14.71
CA ASP B 183 -25.77 16.86 -13.95
C ASP B 183 -24.86 15.68 -13.75
N SER B 184 -23.58 15.96 -13.58
CA SER B 184 -22.72 15.02 -12.92
C SER B 184 -22.81 15.26 -11.41
N GLN B 185 -23.23 14.24 -10.69
CA GLN B 185 -23.63 14.42 -9.32
C GLN B 185 -22.42 14.64 -8.39
N TYR B 186 -21.20 14.40 -8.89
CA TYR B 186 -20.04 14.24 -7.97
C TYR B 186 -19.52 15.54 -7.39
N SER B 187 -20.04 16.66 -7.88
CA SER B 187 -19.70 17.93 -7.21
C SER B 187 -20.56 18.14 -5.96
N HIS B 188 -21.58 17.30 -5.77
CA HIS B 188 -22.53 17.48 -4.64
C HIS B 188 -22.76 16.20 -3.78
N PRO B 189 -21.70 15.68 -3.15
CA PRO B 189 -21.89 14.60 -2.16
C PRO B 189 -22.61 15.15 -0.95
N LEU B 190 -23.37 14.30 -0.29
CA LEU B 190 -23.90 14.60 1.04
C LEU B 190 -23.01 14.01 2.13
N ASP B 191 -23.31 14.34 3.38
CA ASP B 191 -22.36 14.08 4.45
C ASP B 191 -22.49 12.70 5.17
N PHE B 192 -23.55 11.96 4.83
CA PHE B 192 -23.90 10.77 5.62
C PHE B 192 -23.90 9.49 4.76
N CYS B 193 -23.94 8.34 5.42
CA CYS B 193 -23.73 7.06 4.70
C CYS B 193 -24.70 5.98 5.20
N PRO B 194 -25.78 5.74 4.46
CA PRO B 194 -26.78 4.74 4.79
C PRO B 194 -26.20 3.34 4.53
N ILE B 195 -26.56 2.40 5.40
CA ILE B 195 -26.14 1.01 5.28
C ILE B 195 -27.43 0.25 4.95
N VAL B 196 -27.38 -0.57 3.92
CA VAL B 196 -28.56 -1.22 3.38
C VAL B 196 -28.42 -2.75 3.43
N ASP B 197 -29.44 -3.42 3.93
CA ASP B 197 -29.53 -4.88 3.89
C ASP B 197 -30.02 -5.29 2.49
N THR B 198 -29.14 -5.94 1.74
CA THR B 198 -29.33 -6.21 0.30
C THR B 198 -30.55 -7.13 0.10
N GLU B 199 -30.72 -8.09 0.98
CA GLU B 199 -31.78 -9.05 0.78
C GLU B 199 -33.11 -8.61 1.34
N GLU B 200 -33.12 -7.76 2.37
CA GLU B 200 -34.36 -7.18 2.86
CA GLU B 200 -34.35 -7.17 2.87
C GLU B 200 -34.73 -5.87 2.17
N LYS B 201 -33.80 -5.31 1.39
CA LYS B 201 -34.02 -4.02 0.75
C LYS B 201 -34.46 -2.99 1.78
N LYS B 202 -33.69 -2.82 2.85
CA LYS B 202 -34.01 -1.79 3.80
C LYS B 202 -32.76 -1.17 4.41
N VAL B 203 -32.89 0.08 4.84
CA VAL B 203 -31.78 0.81 5.49
C VAL B 203 -31.75 0.35 6.94
N ILE B 204 -30.61 -0.15 7.39
CA ILE B 204 -30.55 -0.66 8.74
C ILE B 204 -29.83 0.28 9.70
N PHE B 205 -29.09 1.23 9.13
CA PHE B 205 -28.29 2.15 9.92
C PHE B 205 -27.86 3.30 9.02
N ILE B 206 -27.61 4.47 9.59
CA ILE B 206 -26.98 5.56 8.84
C ILE B 206 -25.80 6.13 9.63
N ASP B 207 -24.60 6.07 9.05
CA ASP B 207 -23.43 6.72 9.65
C ASP B 207 -23.55 8.22 9.43
N ILE B 208 -23.62 8.97 10.53
CA ILE B 208 -23.85 10.41 10.43
C ILE B 208 -22.66 11.09 11.11
N PRO B 209 -22.00 12.04 10.43
CA PRO B 209 -20.77 12.56 11.01
C PRO B 209 -21.06 13.53 12.19
N ASN B 210 -20.08 13.63 13.09
CA ASN B 210 -20.10 14.59 14.19
C ASN B 210 -20.28 16.03 13.71
N ARG B 211 -19.54 16.41 12.67
CA ARG B 211 -19.62 17.73 12.03
C ARG B 211 -20.55 17.61 10.83
N ARG B 212 -21.75 18.20 10.89
CA ARG B 212 -22.66 18.18 9.74
C ARG B 212 -22.19 19.17 8.66
N ARG B 213 -22.32 18.77 7.40
CA ARG B 213 -22.06 19.67 6.26
C ARG B 213 -23.28 19.59 5.35
N LYS B 214 -23.99 20.70 5.23
CA LYS B 214 -25.19 20.72 4.39
C LYS B 214 -24.77 20.79 2.92
N VAL B 215 -25.72 20.48 2.04
CA VAL B 215 -25.44 20.32 0.61
C VAL B 215 -24.84 21.62 0.03
N SER B 216 -23.89 21.47 -0.88
CA SER B 216 -23.28 22.60 -1.62
C SER B 216 -24.32 23.44 -2.34
N LYS B 217 -24.17 24.77 -2.26
CA LYS B 217 -25.06 25.67 -2.99
C LYS B 217 -24.45 26.11 -4.31
N HIS B 218 -23.31 25.53 -4.67
CA HIS B 218 -22.65 25.88 -5.93
C HIS B 218 -23.32 25.17 -7.11
N LYS B 219 -23.11 25.71 -8.32
CA LYS B 219 -23.49 25.04 -9.55
C LYS B 219 -22.79 23.68 -9.60
N HIS B 220 -23.45 22.70 -10.23
CA HIS B 220 -22.77 21.42 -10.49
C HIS B 220 -21.63 21.61 -11.46
N ALA B 221 -20.58 20.77 -11.34
CA ALA B 221 -19.42 20.87 -12.21
C ALA B 221 -19.66 19.90 -13.35
N ASN B 222 -20.14 20.41 -14.48
CA ASN B 222 -20.67 19.55 -15.53
C ASN B 222 -19.76 19.49 -16.73
N PHE B 223 -19.99 18.52 -17.62
CA PHE B 223 -18.99 18.28 -18.66
C PHE B 223 -19.53 17.91 -20.03
N TYR B 224 -20.86 17.83 -20.21
CA TYR B 224 -21.37 17.65 -21.58
C TYR B 224 -21.23 18.94 -22.39
N PRO B 225 -21.24 18.82 -23.74
CA PRO B 225 -21.14 20.01 -24.58
C PRO B 225 -22.09 21.17 -24.20
N LYS B 226 -23.36 20.88 -23.91
CA LYS B 226 -24.28 21.96 -23.57
C LYS B 226 -23.81 22.68 -22.31
N HIS B 227 -23.25 21.92 -21.36
CA HIS B 227 -22.73 22.51 -20.13
C HIS B 227 -21.50 23.36 -20.42
N MET B 228 -20.61 22.86 -21.27
CA MET B 228 -19.35 23.55 -21.53
C MET B 228 -19.60 24.87 -22.31
N ILE B 229 -20.58 24.86 -23.19
CA ILE B 229 -20.95 26.09 -23.92
C ILE B 229 -21.38 27.21 -22.96
N GLU B 230 -22.17 26.85 -21.96
CA GLU B 230 -22.53 27.79 -20.89
C GLU B 230 -21.30 28.18 -20.02
N LYS B 231 -20.41 27.24 -19.76
CA LYS B 231 -19.28 27.49 -18.87
C LYS B 231 -18.14 28.29 -19.52
N VAL B 232 -17.73 27.94 -20.73
CA VAL B 232 -16.61 28.63 -21.35
C VAL B 232 -16.99 29.33 -22.66
N GLY B 233 -18.27 29.27 -23.05
CA GLY B 233 -18.78 30.10 -24.15
C GLY B 233 -18.99 29.39 -25.48
N ALA B 234 -18.17 28.38 -25.75
CA ALA B 234 -18.29 27.59 -26.98
C ALA B 234 -17.44 26.31 -26.87
N MET B 235 -17.76 25.33 -27.70
CA MET B 235 -16.90 24.17 -27.88
C MET B 235 -15.84 24.52 -28.90
N ARG B 236 -14.72 23.82 -28.87
CA ARG B 236 -13.79 23.90 -30.01
C ARG B 236 -14.46 23.41 -31.29
N PRO B 237 -14.00 23.92 -32.44
CA PRO B 237 -14.36 23.33 -33.74
C PRO B 237 -14.08 21.82 -33.75
N GLU B 238 -14.97 21.04 -34.36
CA GLU B 238 -14.69 19.66 -34.77
C GLU B 238 -13.29 19.58 -35.40
N ALA B 239 -12.39 18.74 -34.88
CA ALA B 239 -11.10 18.53 -35.54
C ALA B 239 -11.24 17.63 -36.78
N PRO B 240 -10.28 17.74 -37.73
CA PRO B 240 -10.36 16.88 -38.92
C PRO B 240 -10.16 15.41 -38.54
N PRO B 241 -10.82 14.50 -39.27
CA PRO B 241 -10.81 13.07 -38.92
C PRO B 241 -9.44 12.43 -39.10
N ILE B 242 -9.17 11.40 -38.29
CA ILE B 242 -8.06 10.46 -38.53
C ILE B 242 -8.69 9.10 -38.75
N ASN B 243 -8.57 8.59 -39.97
CA ASN B 243 -9.32 7.41 -40.38
C ASN B 243 -8.38 6.23 -40.44
N VAL B 244 -8.87 5.06 -40.05
CA VAL B 244 -8.09 3.82 -40.10
C VAL B 244 -8.85 2.84 -40.94
N THR B 245 -8.23 2.33 -41.99
CA THR B 245 -8.88 1.33 -42.82
C THR B 245 -7.97 0.13 -43.09
N GLN B 246 -8.58 -1.02 -43.33
CA GLN B 246 -7.84 -2.19 -43.73
C GLN B 246 -8.55 -2.81 -44.92
N PRO B 247 -8.31 -2.25 -46.11
CA PRO B 247 -9.12 -2.60 -47.27
C PRO B 247 -8.87 -4.02 -47.77
N GLU B 248 -7.77 -4.65 -47.35
CA GLU B 248 -7.54 -6.07 -47.69
C GLU B 248 -7.78 -7.00 -46.49
N GLY B 249 -8.47 -6.50 -45.48
CA GLY B 249 -8.77 -7.28 -44.27
C GLY B 249 -7.63 -7.24 -43.26
N VAL B 250 -7.69 -8.15 -42.30
CA VAL B 250 -6.77 -8.14 -41.16
C VAL B 250 -5.81 -9.33 -41.26
N SER B 251 -4.71 -9.27 -40.51
CA SER B 251 -3.69 -10.33 -40.62
C SER B 251 -3.96 -11.44 -39.62
N PHE B 252 -4.78 -11.19 -38.61
CA PHE B 252 -5.07 -12.23 -37.63
C PHE B 252 -6.18 -13.17 -38.11
N LYS B 253 -6.22 -14.35 -37.53
CA LYS B 253 -7.23 -15.32 -37.85
C LYS B 253 -7.85 -15.85 -36.57
N MET B 254 -9.17 -15.78 -36.48
CA MET B 254 -9.86 -16.35 -35.33
CA MET B 254 -9.91 -16.31 -35.31
C MET B 254 -10.66 -17.56 -35.72
N THR B 255 -10.54 -18.60 -34.92
CA THR B 255 -11.30 -19.81 -35.12
C THR B 255 -12.09 -20.03 -33.84
N GLY B 256 -13.34 -19.58 -33.83
CA GLY B 256 -14.08 -19.43 -32.57
C GLY B 256 -13.36 -18.43 -31.67
N ASN B 257 -13.04 -18.83 -30.44
CA ASN B 257 -12.25 -17.98 -29.53
C ASN B 257 -10.73 -18.11 -29.66
N VAL B 258 -10.26 -18.97 -30.57
CA VAL B 258 -8.82 -19.18 -30.76
C VAL B 258 -8.23 -18.16 -31.75
N MET B 259 -7.19 -17.47 -31.32
CA MET B 259 -6.57 -16.41 -32.08
C MET B 259 -5.23 -16.91 -32.63
N GLU B 260 -4.94 -16.51 -33.86
CA GLU B 260 -3.61 -16.71 -34.43
C GLU B 260 -3.17 -15.40 -35.06
N TRP B 261 -2.00 -14.93 -34.67
CA TRP B 261 -1.51 -13.64 -35.17
C TRP B 261 -0.02 -13.58 -34.95
N SER B 262 0.72 -13.24 -36.02
CA SER B 262 2.18 -13.05 -35.93
C SER B 262 2.88 -14.16 -35.11
N ASN B 263 2.51 -15.41 -35.41
CA ASN B 263 3.08 -16.61 -34.78
C ASN B 263 2.53 -16.92 -33.40
N PHE B 264 1.85 -15.96 -32.76
CA PHE B 264 1.17 -16.27 -31.48
C PHE B 264 -0.09 -17.10 -31.76
N LYS B 265 -0.42 -18.03 -30.85
CA LYS B 265 -1.72 -18.67 -30.87
C LYS B 265 -2.18 -18.76 -29.44
N PHE B 266 -3.45 -18.44 -29.19
CA PHE B 266 -3.96 -18.47 -27.80
C PHE B 266 -5.45 -18.47 -27.79
N HIS B 267 -6.02 -18.79 -26.65
CA HIS B 267 -7.46 -18.79 -26.53
C HIS B 267 -7.91 -17.55 -25.76
N ILE B 268 -8.94 -16.89 -26.28
CA ILE B 268 -9.53 -15.72 -25.63
C ILE B 268 -10.82 -16.11 -24.90
N GLY B 269 -10.75 -16.18 -23.57
CA GLY B 269 -11.94 -16.48 -22.78
C GLY B 269 -12.38 -15.24 -22.03
N PHE B 270 -13.47 -15.36 -21.30
CA PHE B 270 -14.01 -14.21 -20.60
C PHE B 270 -14.88 -14.80 -19.51
N ASN B 271 -14.82 -14.22 -18.32
CA ASN B 271 -15.81 -14.55 -17.31
C ASN B 271 -16.29 -13.35 -16.49
N TYR B 272 -17.33 -13.58 -15.69
CA TYR B 272 -18.02 -12.53 -14.91
C TYR B 272 -17.09 -11.73 -14.00
N ARG B 273 -15.97 -12.34 -13.63
CA ARG B 273 -15.14 -11.84 -12.52
C ARG B 273 -13.83 -11.20 -13.03
N GLU B 274 -13.02 -11.98 -13.76
CA GLU B 274 -11.75 -11.51 -14.27
C GLU B 274 -11.91 -10.70 -15.53
N GLY B 275 -13.05 -10.83 -16.20
CA GLY B 275 -13.16 -10.26 -17.54
C GLY B 275 -12.36 -11.14 -18.50
N ILE B 276 -11.48 -10.51 -19.28
CA ILE B 276 -10.66 -11.25 -20.25
C ILE B 276 -9.72 -12.28 -19.58
N VAL B 277 -9.68 -13.51 -20.13
CA VAL B 277 -8.70 -14.50 -19.66
C VAL B 277 -7.97 -15.07 -20.86
N LEU B 278 -6.65 -14.93 -20.91
CA LEU B 278 -5.93 -15.45 -22.08
C LEU B 278 -5.30 -16.81 -21.73
N SER B 279 -5.57 -17.83 -22.54
CA SER B 279 -5.12 -19.18 -22.19
C SER B 279 -4.26 -19.82 -23.27
N ASP B 280 -3.39 -20.74 -22.86
CA ASP B 280 -2.75 -21.68 -23.80
C ASP B 280 -2.01 -20.88 -24.87
N VAL B 281 -1.19 -19.95 -24.40
CA VAL B 281 -0.49 -19.02 -25.27
C VAL B 281 0.81 -19.71 -25.72
N SER B 282 1.02 -19.76 -27.04
CA SER B 282 2.25 -20.33 -27.60
C SER B 282 2.76 -19.44 -28.72
N TYR B 283 4.03 -19.61 -29.06
CA TYR B 283 4.62 -18.90 -30.17
C TYR B 283 5.20 -19.93 -31.14
N ASN B 284 4.86 -19.76 -32.42
CA ASN B 284 5.35 -20.65 -33.44
C ASN B 284 6.70 -20.19 -33.98
N ASP B 285 7.77 -20.74 -33.40
CA ASP B 285 9.12 -20.32 -33.71
C ASP B 285 9.69 -21.14 -34.89
N HIS B 286 9.30 -20.73 -36.10
CA HIS B 286 9.67 -21.43 -37.31
C HIS B 286 9.44 -22.94 -37.22
N GLY B 287 8.25 -23.32 -36.79
CA GLY B 287 7.85 -24.71 -36.80
C GLY B 287 7.94 -25.38 -35.43
N ASN B 288 8.77 -24.82 -34.55
CA ASN B 288 8.77 -25.26 -33.16
CA ASN B 288 8.89 -25.17 -33.14
C ASN B 288 7.76 -24.46 -32.38
N VAL B 289 6.63 -25.11 -32.11
CA VAL B 289 5.55 -24.43 -31.40
C VAL B 289 5.84 -24.47 -29.90
N ARG B 290 6.21 -23.33 -29.34
CA ARG B 290 6.71 -23.26 -27.97
C ARG B 290 5.70 -22.59 -27.05
N PRO B 291 5.29 -23.31 -25.99
CA PRO B 291 4.39 -22.73 -24.98
C PRO B 291 5.06 -21.54 -24.30
N ILE B 292 4.26 -20.57 -23.90
CA ILE B 292 4.76 -19.48 -23.09
C ILE B 292 3.95 -19.39 -21.80
N PHE B 293 2.62 -19.23 -21.88
CA PHE B 293 1.79 -19.17 -20.64
C PHE B 293 0.60 -20.10 -20.78
N HIS B 294 0.22 -20.75 -19.67
CA HIS B 294 -1.01 -21.53 -19.68
C HIS B 294 -2.22 -20.60 -19.51
N ARG B 295 -2.06 -19.57 -18.68
CA ARG B 295 -3.18 -18.69 -18.34
C ARG B 295 -2.62 -17.37 -17.82
N ILE B 296 -3.21 -16.27 -18.30
CA ILE B 296 -2.85 -14.95 -17.78
C ILE B 296 -4.13 -14.07 -17.72
N SER B 297 -4.30 -13.33 -16.62
CA SER B 297 -5.54 -12.56 -16.39
C SER B 297 -5.26 -11.60 -15.25
N LEU B 298 -6.22 -10.73 -14.97
CA LEU B 298 -6.22 -9.99 -13.69
C LEU B 298 -7.11 -10.78 -12.76
N SER B 299 -6.60 -11.08 -11.54
CA SER B 299 -7.28 -12.02 -10.64
C SER B 299 -7.96 -11.28 -9.46
N GLU B 300 -7.55 -10.04 -9.19
CA GLU B 300 -8.15 -9.24 -8.10
C GLU B 300 -7.64 -7.80 -8.25
N MET B 301 -8.28 -6.88 -7.54
CA MET B 301 -7.79 -5.52 -7.43
C MET B 301 -8.04 -5.07 -5.98
N ILE B 302 -7.44 -3.96 -5.57
CA ILE B 302 -7.97 -3.21 -4.44
C ILE B 302 -7.66 -1.72 -4.62
N VAL B 303 -8.62 -0.88 -4.26
CA VAL B 303 -8.47 0.57 -4.48
C VAL B 303 -8.59 1.27 -3.10
N PRO B 304 -7.52 1.22 -2.29
CA PRO B 304 -7.65 1.65 -0.89
C PRO B 304 -7.56 3.17 -0.76
N TYR B 305 -8.58 3.76 -0.16
CA TYR B 305 -8.58 5.20 0.06
C TYR B 305 -7.77 5.54 1.31
N GLY B 306 -7.24 6.76 1.35
CA GLY B 306 -6.27 7.13 2.40
C GLY B 306 -6.75 8.18 3.40
N SER B 307 -8.06 8.38 3.55
CA SER B 307 -8.55 9.20 4.68
C SER B 307 -8.87 8.30 5.87
N PRO B 308 -8.32 8.62 7.05
CA PRO B 308 -8.59 7.76 8.21
C PRO B 308 -9.92 8.02 8.91
N GLU B 309 -10.63 9.09 8.51
CA GLU B 309 -11.85 9.50 9.19
C GLU B 309 -13.02 8.57 8.87
N PHE B 310 -13.79 8.24 9.90
CA PHE B 310 -14.89 7.27 9.80
C PHE B 310 -15.97 7.93 8.94
N PRO B 311 -16.63 7.17 8.03
CA PRO B 311 -16.50 5.75 7.75
C PRO B 311 -15.63 5.49 6.52
N HIS B 312 -14.69 6.38 6.22
CA HIS B 312 -13.95 6.30 4.96
C HIS B 312 -13.01 5.11 4.85
N GLN B 313 -12.73 4.47 5.99
CA GLN B 313 -11.95 3.22 5.95
C GLN B 313 -12.67 2.15 5.14
N ARG B 314 -13.99 2.26 5.02
CA ARG B 314 -14.75 1.28 4.23
C ARG B 314 -14.66 1.47 2.70
N LYS B 315 -13.84 2.43 2.24
CA LYS B 315 -13.61 2.59 0.80
C LYS B 315 -12.27 1.94 0.44
N HIS B 316 -12.35 0.65 0.08
CA HIS B 316 -11.20 -0.10 -0.41
C HIS B 316 -11.70 -1.22 -1.30
N ALA B 317 -12.45 -0.82 -2.33
CA ALA B 317 -13.17 -1.78 -3.18
C ALA B 317 -12.19 -2.78 -3.77
N LEU B 318 -12.55 -4.06 -3.71
CA LEU B 318 -11.80 -5.05 -4.47
C LEU B 318 -12.63 -5.36 -5.71
N ASP B 319 -12.47 -4.54 -6.75
CA ASP B 319 -13.54 -4.45 -7.74
C ASP B 319 -13.77 -5.80 -8.41
N ILE B 320 -12.69 -6.51 -8.70
CA ILE B 320 -12.80 -7.79 -9.40
C ILE B 320 -13.59 -8.81 -8.57
N GLY B 321 -13.22 -8.96 -7.29
CA GLY B 321 -13.87 -9.99 -6.47
C GLY B 321 -15.20 -9.57 -5.85
N GLU B 322 -15.45 -8.27 -5.79
CA GLU B 322 -16.69 -7.76 -5.18
C GLU B 322 -17.80 -7.35 -6.16
N TYR B 323 -17.44 -7.04 -7.40
CA TYR B 323 -18.44 -6.68 -8.43
C TYR B 323 -18.26 -7.45 -9.73
N GLY B 324 -17.00 -7.70 -10.13
CA GLY B 324 -16.71 -8.54 -11.30
C GLY B 324 -16.42 -7.68 -12.52
N ALA B 325 -15.22 -7.82 -13.10
CA ALA B 325 -14.87 -7.04 -14.30
C ALA B 325 -15.69 -7.44 -15.53
N GLY B 326 -16.21 -8.65 -15.54
CA GLY B 326 -17.15 -9.07 -16.59
C GLY B 326 -18.52 -8.46 -16.35
N TYR B 327 -19.05 -8.62 -15.14
CA TYR B 327 -20.37 -8.09 -14.85
C TYR B 327 -20.42 -6.58 -15.10
N MET B 328 -19.35 -5.88 -14.74
CA MET B 328 -19.27 -4.41 -14.94
C MET B 328 -18.96 -3.95 -16.38
N THR B 329 -18.70 -4.87 -17.30
CA THR B 329 -18.07 -4.47 -18.55
C THR B 329 -19.03 -3.71 -19.49
N ASN B 330 -18.53 -2.69 -20.19
CA ASN B 330 -19.36 -1.87 -21.09
C ASN B 330 -19.50 -2.60 -22.44
N PRO B 331 -20.70 -2.58 -23.04
CA PRO B 331 -20.83 -2.84 -24.48
C PRO B 331 -20.02 -1.81 -25.30
N LEU B 332 -19.13 -2.26 -26.13
CA LEU B 332 -18.19 -1.40 -26.80
C LEU B 332 -18.64 -0.83 -28.14
N SER B 333 -19.67 -1.37 -28.74
CA SER B 333 -20.43 -0.70 -29.80
C SER B 333 -20.95 0.74 -29.59
N LEU B 334 -20.12 1.80 -29.56
CA LEU B 334 -20.66 3.16 -29.46
C LEU B 334 -19.70 4.07 -28.80
N GLY B 335 -18.67 4.39 -29.54
CA GLY B 335 -17.66 5.31 -29.03
C GLY B 335 -17.19 6.28 -30.10
N CYS B 336 -16.13 5.90 -30.80
CA CYS B 336 -15.62 4.54 -30.68
C CYS B 336 -14.65 4.39 -29.51
N ASP B 337 -15.12 3.64 -28.52
CA ASP B 337 -14.29 3.06 -27.48
C ASP B 337 -13.02 2.47 -28.04
N CYS B 338 -13.20 1.67 -29.09
CA CYS B 338 -12.15 0.89 -29.73
CA CYS B 338 -12.06 1.09 -29.73
C CYS B 338 -12.11 1.30 -31.23
N LYS B 339 -10.96 1.74 -31.74
CA LYS B 339 -10.93 2.34 -33.08
C LYS B 339 -10.20 1.47 -34.12
N GLY B 340 -10.74 1.43 -35.34
CA GLY B 340 -10.15 0.63 -36.43
C GLY B 340 -11.08 -0.45 -36.93
N VAL B 341 -10.50 -1.54 -37.45
CA VAL B 341 -11.29 -2.67 -37.96
C VAL B 341 -11.37 -3.77 -36.90
N ILE B 342 -12.56 -4.01 -36.37
CA ILE B 342 -12.74 -4.67 -35.07
C ILE B 342 -13.39 -6.04 -35.17
N HIS B 343 -12.90 -7.01 -34.42
CA HIS B 343 -13.65 -8.26 -34.20
C HIS B 343 -14.16 -8.22 -32.73
N TYR B 344 -15.46 -8.40 -32.53
CA TYR B 344 -16.05 -8.34 -31.18
C TYR B 344 -16.36 -9.72 -30.66
N LEU B 345 -16.38 -9.85 -29.34
CA LEU B 345 -16.93 -11.01 -28.69
C LEU B 345 -18.01 -10.56 -27.71
N ASP B 346 -19.05 -11.38 -27.58
CA ASP B 346 -20.09 -11.11 -26.58
C ASP B 346 -19.77 -11.89 -25.32
N ALA B 347 -20.38 -11.49 -24.20
CA ALA B 347 -20.26 -12.22 -22.93
C ALA B 347 -21.63 -12.73 -22.51
N HIS B 348 -21.67 -13.90 -21.87
CA HIS B 348 -22.92 -14.45 -21.37
C HIS B 348 -22.83 -14.81 -19.88
N PHE B 349 -23.84 -14.41 -19.10
CA PHE B 349 -23.90 -14.64 -17.65
C PHE B 349 -25.27 -15.21 -17.34
N SER B 350 -25.55 -15.45 -16.07
CA SER B 350 -26.92 -15.76 -15.61
C SER B 350 -27.47 -14.58 -14.84
N ASP B 351 -28.77 -14.32 -14.94
CA ASP B 351 -29.39 -13.38 -14.01
C ASP B 351 -29.92 -14.11 -12.77
N ARG B 352 -30.59 -13.38 -11.87
CA ARG B 352 -30.97 -14.00 -10.59
CA ARG B 352 -30.98 -13.98 -10.59
C ARG B 352 -32.02 -15.08 -10.79
N ALA B 353 -32.82 -14.97 -11.85
CA ALA B 353 -33.82 -15.99 -12.16
C ALA B 353 -33.21 -17.24 -12.79
N GLY B 354 -31.96 -17.16 -13.23
CA GLY B 354 -31.35 -18.33 -13.85
C GLY B 354 -31.43 -18.30 -15.37
N ASP B 355 -31.82 -17.15 -15.91
CA ASP B 355 -31.87 -16.98 -17.37
C ASP B 355 -30.56 -16.42 -17.87
N PRO B 356 -30.13 -16.84 -19.09
CA PRO B 356 -28.90 -16.26 -19.65
C PRO B 356 -29.09 -14.80 -20.03
N ILE B 357 -28.09 -13.98 -19.75
CA ILE B 357 -28.09 -12.60 -20.21
C ILE B 357 -26.84 -12.37 -21.04
N THR B 358 -26.90 -11.41 -21.96
CA THR B 358 -25.80 -11.19 -22.90
C THR B 358 -25.32 -9.75 -22.79
N VAL B 359 -24.00 -9.55 -22.69
CA VAL B 359 -23.41 -8.24 -22.94
C VAL B 359 -22.80 -8.25 -24.34
N LYS B 360 -23.40 -7.49 -25.27
CA LYS B 360 -22.93 -7.45 -26.66
C LYS B 360 -21.59 -6.73 -26.71
N ASN B 361 -20.68 -7.22 -27.53
CA ASN B 361 -19.44 -6.48 -27.81
C ASN B 361 -18.68 -6.18 -26.49
N ALA B 362 -18.55 -7.19 -25.63
CA ALA B 362 -17.84 -7.04 -24.37
C ALA B 362 -16.35 -6.88 -24.63
N VAL B 363 -15.86 -7.57 -25.65
CA VAL B 363 -14.42 -7.63 -25.92
C VAL B 363 -14.19 -7.16 -27.37
N CYS B 364 -13.19 -6.30 -27.54
CA CYS B 364 -12.86 -5.88 -28.88
CA CYS B 364 -12.81 -5.74 -28.82
C CYS B 364 -11.45 -6.31 -29.20
N ILE B 365 -11.29 -6.76 -30.44
CA ILE B 365 -10.03 -7.31 -30.91
C ILE B 365 -9.65 -6.58 -32.18
N HIS B 366 -8.44 -6.04 -32.25
CA HIS B 366 -8.02 -5.38 -33.49
C HIS B 366 -6.51 -5.30 -33.55
N GLU B 367 -5.99 -5.06 -34.74
CA GLU B 367 -4.56 -4.88 -34.86
C GLU B 367 -4.35 -3.42 -35.22
N GLU B 368 -3.20 -2.87 -34.83
CA GLU B 368 -2.85 -1.50 -35.24
C GLU B 368 -1.35 -1.23 -35.30
N ASP B 369 -1.01 -0.12 -35.96
CA ASP B 369 0.38 0.32 -36.05
C ASP B 369 0.90 0.63 -34.65
N ASP B 370 2.17 0.30 -34.40
CA ASP B 370 2.74 0.51 -33.07
C ASP B 370 4.15 1.06 -33.20
N GLY B 371 4.32 2.02 -34.11
CA GLY B 371 5.60 2.70 -34.26
C GLY B 371 6.61 1.85 -35.00
N LEU B 372 7.89 2.18 -34.81
CA LEU B 372 8.98 1.43 -35.43
C LEU B 372 9.18 0.12 -34.69
N LEU B 373 9.40 -0.95 -35.43
CA LEU B 373 9.80 -2.22 -34.79
C LEU B 373 11.35 -2.28 -34.68
N PHE B 374 12.03 -1.88 -35.75
CA PHE B 374 13.48 -1.69 -35.67
C PHE B 374 13.96 -0.89 -36.86
N LYS B 375 15.18 -0.34 -36.77
CA LYS B 375 15.76 0.43 -37.86
C LYS B 375 17.27 0.43 -37.67
N HIS B 376 18.01 0.39 -38.76
CA HIS B 376 19.43 0.71 -38.69
C HIS B 376 19.90 1.23 -40.04
N SER B 377 20.73 2.26 -40.00
CA SER B 377 21.35 2.83 -41.21
C SER B 377 22.86 2.99 -41.01
N ASP B 378 23.59 2.95 -42.13
CA ASP B 378 25.05 2.98 -42.07
C ASP B 378 25.50 4.41 -42.40
N PHE B 379 26.24 5.06 -41.48
CA PHE B 379 26.75 6.40 -41.67
C PHE B 379 27.70 6.48 -42.87
N ARG B 380 28.33 5.35 -43.23
CA ARG B 380 29.41 5.38 -44.23
C ARG B 380 28.96 5.90 -45.58
N ASP B 381 27.69 5.67 -45.94
CA ASP B 381 27.14 6.25 -47.19
C ASP B 381 25.98 7.20 -46.88
N ASN B 382 26.12 7.92 -45.76
CA ASN B 382 25.13 8.92 -45.35
CA ASN B 382 25.13 8.93 -45.42
C ASN B 382 23.73 8.31 -45.25
N PHE B 383 23.69 7.10 -44.68
CA PHE B 383 22.44 6.40 -44.36
C PHE B 383 21.70 5.94 -45.61
N ALA B 384 22.34 5.93 -46.77
CA ALA B 384 21.68 5.29 -47.91
C ALA B 384 21.48 3.78 -47.68
N THR B 385 22.46 3.14 -47.05
CA THR B 385 22.27 1.76 -46.57
C THR B 385 21.37 1.80 -45.33
N SER B 386 20.17 1.26 -45.44
CA SER B 386 19.18 1.45 -44.38
C SER B 386 18.13 0.34 -44.45
N LEU B 387 17.68 -0.12 -43.28
CA LEU B 387 16.52 -0.98 -43.20
C LEU B 387 15.62 -0.46 -42.10
N VAL B 388 14.33 -0.42 -42.37
CA VAL B 388 13.36 -0.07 -41.37
C VAL B 388 12.08 -0.90 -41.53
N THR B 389 11.57 -1.35 -40.40
CA THR B 389 10.36 -2.18 -40.37
C THR B 389 9.43 -1.63 -39.31
N ARG B 390 8.20 -1.33 -39.71
CA ARG B 390 7.19 -0.79 -38.78
C ARG B 390 6.52 -1.92 -38.01
N ALA B 391 6.15 -1.64 -36.76
CA ALA B 391 5.56 -2.62 -35.86
C ALA B 391 4.05 -2.61 -36.03
N THR B 392 3.44 -3.76 -35.82
CA THR B 392 2.00 -3.90 -35.67
C THR B 392 1.79 -4.56 -34.31
N LYS B 393 0.75 -4.16 -33.60
CA LYS B 393 0.39 -4.81 -32.34
C LYS B 393 -1.02 -5.34 -32.43
N LEU B 394 -1.28 -6.41 -31.70
CA LEU B 394 -2.62 -6.96 -31.63
C LEU B 394 -3.20 -6.64 -30.25
N VAL B 395 -4.41 -6.09 -30.20
CA VAL B 395 -4.95 -5.61 -28.92
C VAL B 395 -6.25 -6.35 -28.64
N VAL B 396 -6.38 -6.89 -27.44
CA VAL B 396 -7.63 -7.51 -26.97
C VAL B 396 -8.07 -6.73 -25.75
N SER B 397 -9.24 -6.09 -25.80
CA SER B 397 -9.55 -5.08 -24.75
C SER B 397 -10.99 -5.12 -24.28
N GLN B 398 -11.23 -4.54 -23.10
CA GLN B 398 -12.55 -4.37 -22.59
C GLN B 398 -12.48 -3.08 -21.79
N ILE B 399 -13.65 -2.52 -21.46
CA ILE B 399 -13.71 -1.37 -20.54
C ILE B 399 -14.85 -1.64 -19.56
N PHE B 400 -14.58 -1.57 -18.26
CA PHE B 400 -15.62 -1.76 -17.26
C PHE B 400 -15.79 -0.54 -16.39
N THR B 401 -17.00 -0.36 -15.86
CA THR B 401 -17.32 0.83 -15.08
C THR B 401 -17.63 0.36 -13.64
N ALA B 402 -16.85 0.86 -12.68
CA ALA B 402 -17.07 0.57 -11.26
C ALA B 402 -17.60 1.86 -10.62
N ALA B 403 -18.92 2.04 -10.70
CA ALA B 403 -19.61 3.25 -10.25
C ALA B 403 -18.98 4.50 -10.90
N ASN B 404 -18.14 5.22 -10.15
CA ASN B 404 -17.54 6.46 -10.64
C ASN B 404 -16.40 6.27 -11.66
N TYR B 405 -15.64 5.16 -11.54
CA TYR B 405 -14.45 4.99 -12.39
C TYR B 405 -14.67 4.13 -13.62
N GLU B 406 -13.82 4.34 -14.61
CA GLU B 406 -13.79 3.48 -15.80
C GLU B 406 -12.40 2.91 -15.87
N TYR B 407 -12.31 1.60 -16.09
CA TYR B 407 -11.02 0.93 -16.26
C TYR B 407 -10.96 0.35 -17.66
N CYS B 408 -10.02 0.86 -18.47
CA CYS B 408 -9.84 0.41 -19.85
C CYS B 408 -8.63 -0.52 -19.89
N LEU B 409 -8.88 -1.78 -20.27
CA LEU B 409 -7.85 -2.81 -20.15
C LEU B 409 -7.45 -3.26 -21.55
N TYR B 410 -6.15 -3.27 -21.86
CA TYR B 410 -5.67 -3.61 -23.21
C TYR B 410 -4.58 -4.65 -23.10
N TRP B 411 -4.88 -5.88 -23.52
CA TRP B 411 -3.83 -6.91 -23.60
C TRP B 411 -3.18 -6.84 -24.97
N VAL B 412 -1.87 -6.65 -25.00
CA VAL B 412 -1.21 -6.25 -26.26
C VAL B 412 -0.12 -7.29 -26.62
N PHE B 413 -0.21 -7.87 -27.81
CA PHE B 413 0.80 -8.80 -28.28
C PHE B 413 1.64 -8.08 -29.33
N MET B 414 2.96 -8.26 -29.26
CA MET B 414 3.91 -7.49 -30.05
CA MET B 414 3.86 -7.50 -30.12
C MET B 414 4.77 -8.42 -30.94
N GLN B 415 5.34 -7.87 -32.00
CA GLN B 415 6.00 -8.68 -33.01
C GLN B 415 7.44 -9.03 -32.67
N ASP B 416 7.96 -8.49 -31.56
CA ASP B 416 9.21 -9.01 -31.00
C ASP B 416 8.96 -10.15 -30.01
N GLY B 417 7.70 -10.58 -29.87
CA GLY B 417 7.41 -11.70 -29.00
C GLY B 417 7.00 -11.27 -27.61
N ALA B 418 7.02 -9.97 -27.33
CA ALA B 418 6.63 -9.47 -26.00
C ALA B 418 5.09 -9.39 -25.88
N ILE B 419 4.62 -9.42 -24.65
CA ILE B 419 3.21 -9.22 -24.33
C ILE B 419 3.16 -8.10 -23.28
N ARG B 420 2.23 -7.17 -23.46
CA ARG B 420 2.14 -6.00 -22.58
C ARG B 420 0.70 -5.94 -22.06
N LEU B 421 0.51 -5.51 -20.81
CA LEU B 421 -0.83 -5.09 -20.37
C LEU B 421 -0.79 -3.59 -20.18
N ASP B 422 -1.66 -2.87 -20.90
CA ASP B 422 -1.83 -1.42 -20.76
C ASP B 422 -3.18 -1.17 -20.12
N ILE B 423 -3.21 -0.30 -19.12
CA ILE B 423 -4.49 0.09 -18.50
C ILE B 423 -4.60 1.60 -18.63
N ARG B 424 -5.81 2.09 -18.98
CA ARG B 424 -6.08 3.49 -18.83
C ARG B 424 -7.20 3.70 -17.84
N LEU B 425 -6.98 4.55 -16.86
CA LEU B 425 -8.04 4.84 -15.91
CA LEU B 425 -8.00 4.87 -15.87
C LEU B 425 -8.64 6.18 -16.27
N THR B 426 -9.97 6.22 -16.33
CA THR B 426 -10.66 7.50 -16.54
C THR B 426 -11.97 7.40 -15.76
N GLY B 427 -12.95 8.21 -16.11
CA GLY B 427 -14.16 8.30 -15.31
C GLY B 427 -14.04 9.48 -14.34
N ILE B 428 -14.60 9.34 -13.14
CA ILE B 428 -14.81 10.49 -12.26
C ILE B 428 -14.22 10.17 -10.90
N LEU B 429 -13.55 11.16 -10.28
CA LEU B 429 -13.08 11.00 -8.90
C LEU B 429 -14.22 10.62 -7.96
N ASN B 430 -13.95 9.74 -6.99
CA ASN B 430 -14.87 9.62 -5.84
C ASN B 430 -14.72 10.85 -4.97
N THR B 431 -15.85 11.48 -4.60
CA THR B 431 -15.80 12.71 -3.84
C THR B 431 -16.62 12.59 -2.54
N TYR B 432 -16.22 13.37 -1.56
CA TYR B 432 -16.97 13.44 -0.29
C TYR B 432 -17.09 14.95 -0.02
N ILE B 433 -18.02 15.33 0.84
CA ILE B 433 -18.33 16.76 1.01
C ILE B 433 -17.25 17.42 1.88
N LEU B 434 -17.03 18.71 1.61
CA LEU B 434 -16.01 19.48 2.35
C LEU B 434 -16.71 20.77 2.83
N GLY B 435 -16.63 21.06 4.12
CA GLY B 435 -17.25 22.28 4.64
C GLY B 435 -16.57 23.54 4.10
N ASP B 436 -17.28 24.67 4.14
CA ASP B 436 -16.74 25.93 3.64
C ASP B 436 -15.37 26.23 4.21
N ASP B 437 -15.20 26.03 5.51
CA ASP B 437 -13.92 26.38 6.12
C ASP B 437 -13.03 25.17 6.39
N GLU B 438 -13.40 24.01 5.83
CA GLU B 438 -12.72 22.76 6.13
C GLU B 438 -11.50 22.57 5.19
N GLU B 439 -10.33 22.23 5.74
CA GLU B 439 -9.18 21.85 4.89
C GLU B 439 -9.33 20.39 4.44
N ALA B 440 -9.08 20.14 3.16
CA ALA B 440 -9.12 18.78 2.63
C ALA B 440 -7.84 18.04 3.02
N GLY B 441 -6.71 18.76 3.04
CA GLY B 441 -5.42 18.04 3.18
C GLY B 441 -5.31 17.58 4.63
N PRO B 442 -4.42 16.62 4.92
CA PRO B 442 -3.49 16.00 3.97
C PRO B 442 -4.06 14.75 3.29
N TRP B 443 -5.32 14.42 3.56
CA TRP B 443 -5.89 13.13 3.08
C TRP B 443 -6.62 13.26 1.74
N GLY B 444 -6.74 14.48 1.23
CA GLY B 444 -7.57 14.72 0.06
C GLY B 444 -7.27 16.09 -0.53
N THR B 445 -7.93 16.40 -1.64
CA THR B 445 -7.74 17.67 -2.33
C THR B 445 -9.08 18.34 -2.57
N ARG B 446 -9.12 19.67 -2.37
CA ARG B 446 -10.32 20.44 -2.74
C ARG B 446 -10.28 20.70 -4.25
N VAL B 447 -11.00 19.88 -5.02
CA VAL B 447 -10.92 19.93 -6.48
C VAL B 447 -11.98 20.85 -7.09
N TYR B 448 -12.88 21.33 -6.23
CA TYR B 448 -14.01 22.17 -6.63
C TYR B 448 -14.60 22.67 -5.29
N PRO B 449 -15.32 23.82 -5.28
CA PRO B 449 -15.76 24.27 -3.96
C PRO B 449 -16.65 23.22 -3.26
N ASN B 450 -16.40 23.00 -1.97
CA ASN B 450 -17.13 22.01 -1.17
C ASN B 450 -16.94 20.55 -1.59
N VAL B 451 -15.87 20.27 -2.31
CA VAL B 451 -15.63 18.90 -2.78
C VAL B 451 -14.25 18.39 -2.33
N ASN B 452 -14.24 17.30 -1.57
CA ASN B 452 -12.98 16.68 -1.11
C ASN B 452 -12.79 15.36 -1.87
N ALA B 453 -11.80 15.31 -2.76
CA ALA B 453 -11.42 14.07 -3.45
C ALA B 453 -10.29 13.42 -2.68
N HIS B 454 -10.62 12.34 -1.96
CA HIS B 454 -9.63 11.67 -1.07
C HIS B 454 -8.50 10.99 -1.86
N ASN B 455 -7.32 10.93 -1.23
CA ASN B 455 -6.20 10.13 -1.74
C ASN B 455 -6.60 8.66 -1.83
N HIS B 456 -6.01 7.91 -2.76
CA HIS B 456 -6.27 6.46 -2.84
C HIS B 456 -5.25 5.84 -3.77
N GLN B 457 -5.04 4.51 -3.66
CA GLN B 457 -4.20 3.78 -4.62
C GLN B 457 -5.12 2.96 -5.51
N HIS B 458 -4.68 2.62 -6.72
CA HIS B 458 -5.37 1.56 -7.49
C HIS B 458 -4.36 0.45 -7.67
N LEU B 459 -4.64 -0.73 -7.12
CA LEU B 459 -3.67 -1.83 -7.20
C LEU B 459 -4.34 -3.04 -7.83
N PHE B 460 -3.56 -3.80 -8.59
CA PHE B 460 -4.07 -4.90 -9.41
C PHE B 460 -3.20 -6.14 -9.16
N SER B 461 -3.81 -7.32 -9.21
CA SER B 461 -3.07 -8.57 -9.05
C SER B 461 -3.10 -9.31 -10.38
N LEU B 462 -2.01 -9.22 -11.14
CA LEU B 462 -1.85 -9.99 -12.37
C LEU B 462 -1.47 -11.43 -12.03
N ARG B 463 -2.21 -12.40 -12.56
CA ARG B 463 -1.96 -13.80 -12.27
C ARG B 463 -1.42 -14.46 -13.52
N ILE B 464 -0.17 -14.96 -13.45
CA ILE B 464 0.46 -15.64 -14.57
C ILE B 464 0.63 -17.11 -14.19
N ASP B 465 0.08 -17.98 -15.01
CA ASP B 465 0.39 -19.39 -14.87
C ASP B 465 1.31 -19.74 -16.02
N PRO B 466 2.63 -19.80 -15.75
CA PRO B 466 3.57 -19.84 -16.88
C PRO B 466 3.80 -21.26 -17.41
N ARG B 467 4.27 -21.34 -18.63
CA ARG B 467 4.70 -22.62 -19.16
C ARG B 467 5.84 -22.33 -20.09
N ILE B 468 6.88 -21.67 -19.58
CA ILE B 468 7.92 -21.08 -20.42
C ILE B 468 8.69 -22.17 -21.18
N ASP B 469 8.47 -22.21 -22.49
CA ASP B 469 9.10 -23.26 -23.33
C ASP B 469 8.83 -24.65 -22.78
N GLY B 470 7.67 -24.83 -22.15
CA GLY B 470 7.28 -26.13 -21.64
C GLY B 470 7.18 -26.19 -20.12
N ASP B 471 7.24 -27.39 -19.57
CA ASP B 471 6.88 -27.59 -18.18
C ASP B 471 8.10 -27.61 -17.28
N GLY B 472 7.90 -27.16 -16.04
CA GLY B 472 8.97 -27.10 -15.08
C GLY B 472 9.61 -25.73 -15.17
N ASN B 473 9.12 -24.81 -14.35
CA ASN B 473 9.53 -23.40 -14.44
C ASN B 473 10.03 -22.90 -13.09
N SER B 474 10.74 -21.76 -13.09
CA SER B 474 11.22 -21.12 -11.87
C SER B 474 11.08 -19.61 -12.07
N ALA B 475 11.29 -18.86 -10.99
CA ALA B 475 11.27 -17.42 -11.08
C ALA B 475 12.44 -16.86 -10.27
N ALA B 476 12.83 -15.62 -10.56
CA ALA B 476 14.00 -15.00 -9.97
C ALA B 476 13.79 -13.49 -9.95
N ALA B 477 14.47 -12.80 -9.03
CA ALA B 477 14.60 -11.35 -9.11
C ALA B 477 15.95 -11.08 -9.77
N CYS B 478 16.03 -10.03 -10.62
CA CYS B 478 17.25 -9.65 -11.33
C CYS B 478 17.60 -8.21 -10.97
N ASP B 479 18.76 -8.00 -10.35
CA ASP B 479 19.13 -6.72 -9.77
C ASP B 479 20.46 -6.24 -10.40
N ALA B 480 20.47 -5.01 -10.93
CA ALA B 480 21.71 -4.45 -11.49
C ALA B 480 22.59 -4.02 -10.32
N LYS B 481 23.85 -4.43 -10.34
CA LYS B 481 24.78 -4.11 -9.24
C LYS B 481 26.14 -3.69 -9.81
N SER B 482 26.74 -2.66 -9.24
CA SER B 482 28.18 -2.42 -9.46
C SER B 482 28.94 -3.64 -9.03
N SER B 483 30.09 -3.85 -9.64
CA SER B 483 31.05 -4.83 -9.13
C SER B 483 31.36 -4.53 -7.65
N PRO B 484 31.56 -5.58 -6.82
CA PRO B 484 31.93 -5.34 -5.44
C PRO B 484 33.40 -4.94 -5.29
N TYR B 485 34.20 -5.05 -6.37
CA TYR B 485 35.61 -4.64 -6.26
C TYR B 485 35.70 -3.13 -6.39
N PRO B 486 36.62 -2.49 -5.64
CA PRO B 486 36.66 -1.04 -5.57
C PRO B 486 37.32 -0.40 -6.81
N LEU B 487 36.97 0.86 -7.08
CA LEU B 487 37.75 1.67 -8.01
C LEU B 487 39.25 1.51 -7.77
N GLY B 488 40.00 1.24 -8.84
CA GLY B 488 41.47 1.18 -8.73
C GLY B 488 42.03 -0.21 -8.43
N SER B 489 41.15 -1.20 -8.25
CA SER B 489 41.58 -2.59 -8.04
C SER B 489 41.90 -3.22 -9.40
N PRO B 490 42.67 -4.32 -9.41
CA PRO B 490 42.95 -4.91 -10.70
C PRO B 490 41.67 -5.37 -11.36
N GLU B 491 40.67 -5.70 -10.55
CA GLU B 491 39.42 -6.27 -11.04
C GLU B 491 38.51 -5.21 -11.64
N ASN B 492 38.69 -3.96 -11.21
CA ASN B 492 37.73 -2.88 -11.56
C ASN B 492 38.49 -1.57 -11.61
N MET B 493 39.50 -1.48 -12.49
CA MET B 493 40.49 -0.38 -12.44
C MET B 493 39.84 1.01 -12.51
N TYR B 494 38.91 1.17 -13.45
CA TYR B 494 38.29 2.45 -13.67
C TYR B 494 36.92 2.51 -13.03
N GLY B 495 36.54 1.48 -12.29
CA GLY B 495 35.33 1.57 -11.47
C GLY B 495 34.02 1.51 -12.26
N ASN B 496 34.07 0.99 -13.49
CA ASN B 496 32.89 1.01 -14.33
C ASN B 496 32.16 -0.37 -14.39
N ALA B 497 32.75 -1.41 -13.80
CA ALA B 497 32.18 -2.76 -13.97
C ALA B 497 30.79 -2.86 -13.32
N PHE B 498 29.86 -3.55 -14.00
CA PHE B 498 28.56 -3.85 -13.36
C PHE B 498 27.92 -5.06 -14.00
N TYR B 499 27.03 -5.72 -13.25
CA TYR B 499 26.46 -6.99 -13.70
C TYR B 499 25.03 -7.13 -13.22
N SER B 500 24.39 -8.23 -13.61
CA SER B 500 23.03 -8.47 -13.18
C SER B 500 23.04 -9.61 -12.20
N GLU B 501 22.62 -9.35 -10.96
CA GLU B 501 22.54 -10.40 -9.96
C GLU B 501 21.18 -11.07 -10.01
N LYS B 502 21.18 -12.35 -10.30
CA LYS B 502 19.95 -13.12 -10.40
C LYS B 502 19.77 -13.91 -9.10
N THR B 503 18.65 -13.73 -8.42
CA THR B 503 18.36 -14.50 -7.23
C THR B 503 17.20 -15.44 -7.53
N THR B 504 17.47 -16.72 -7.74
CA THR B 504 16.39 -17.68 -8.07
C THR B 504 15.62 -18.02 -6.80
N PHE B 505 14.31 -17.96 -6.87
CA PHE B 505 13.50 -18.25 -5.68
C PHE B 505 13.45 -19.75 -5.49
N LYS B 506 13.84 -20.23 -4.32
CA LYS B 506 13.80 -21.69 -4.05
CA LYS B 506 13.80 -21.67 -4.05
C LYS B 506 12.49 -22.06 -3.35
N THR B 507 12.13 -21.30 -2.35
CA THR B 507 10.86 -21.48 -1.68
C THR B 507 9.90 -20.25 -1.76
N VAL B 508 8.64 -20.47 -1.40
CA VAL B 508 7.69 -19.37 -1.52
C VAL B 508 8.22 -18.10 -0.86
N LYS B 509 8.74 -18.24 0.35
CA LYS B 509 9.15 -17.05 1.13
C LYS B 509 10.17 -16.23 0.34
N ASP B 510 11.07 -16.91 -0.39
CA ASP B 510 12.11 -16.20 -1.16
C ASP B 510 11.49 -15.27 -2.19
N SER B 511 10.32 -15.65 -2.73
CA SER B 511 9.72 -14.89 -3.84
C SER B 511 9.06 -13.56 -3.45
N LEU B 512 8.76 -13.38 -2.16
CA LEU B 512 7.97 -12.25 -1.69
C LEU B 512 8.83 -10.99 -1.76
N THR B 513 8.75 -10.28 -2.87
CA THR B 513 9.75 -9.28 -3.23
C THR B 513 9.07 -8.02 -3.77
N ASN B 514 9.74 -6.89 -3.61
CA ASN B 514 9.19 -5.63 -4.09
C ASN B 514 9.99 -5.11 -5.25
N TYR B 515 9.38 -4.24 -6.07
CA TYR B 515 10.18 -3.50 -7.05
C TYR B 515 11.21 -2.66 -6.26
N GLU B 516 12.43 -2.51 -6.81
CA GLU B 516 13.47 -1.68 -6.18
C GLU B 516 14.09 -0.77 -7.23
N SER B 517 13.86 0.54 -7.11
CA SER B 517 14.53 1.50 -7.99
C SER B 517 16.06 1.40 -7.87
N ALA B 518 16.56 1.06 -6.69
CA ALA B 518 18.03 1.11 -6.44
C ALA B 518 18.78 0.11 -7.34
N THR B 519 18.11 -0.94 -7.80
CA THR B 519 18.74 -1.95 -8.64
C THR B 519 18.00 -2.10 -9.98
N GLY B 520 17.02 -1.24 -10.23
CA GLY B 520 16.22 -1.38 -11.48
C GLY B 520 15.63 -2.77 -11.62
N ARG B 521 15.09 -3.29 -10.51
CA ARG B 521 14.76 -4.73 -10.40
C ARG B 521 13.79 -5.17 -11.50
N SER B 522 14.09 -6.30 -12.14
CA SER B 522 13.09 -7.01 -12.95
C SER B 522 12.97 -8.46 -12.43
N TRP B 523 11.99 -9.21 -12.96
CA TRP B 523 11.83 -10.60 -12.55
C TRP B 523 11.81 -11.48 -13.78
N ASP B 524 12.44 -12.66 -13.68
CA ASP B 524 12.43 -13.63 -14.78
C ASP B 524 11.51 -14.77 -14.40
N ILE B 525 10.80 -15.29 -15.39
CA ILE B 525 10.14 -16.56 -15.25
C ILE B 525 10.78 -17.43 -16.33
N PHE B 526 11.38 -18.53 -15.91
CA PHE B 526 12.27 -19.23 -16.83
C PHE B 526 12.19 -20.75 -16.74
N ASN B 527 12.77 -21.42 -17.72
CA ASN B 527 12.73 -22.89 -17.74
C ASN B 527 14.13 -23.41 -17.48
N PRO B 528 14.38 -23.85 -16.24
CA PRO B 528 15.75 -24.24 -15.90
C PRO B 528 16.15 -25.57 -16.57
N ASN B 529 15.22 -26.23 -17.23
CA ASN B 529 15.53 -27.48 -17.92
C ASN B 529 16.15 -27.30 -19.29
N LYS B 530 16.22 -26.06 -19.74
CA LYS B 530 16.63 -25.77 -21.10
C LYS B 530 17.65 -24.65 -21.11
N VAL B 531 18.37 -24.50 -22.23
CA VAL B 531 19.41 -23.49 -22.31
CA VAL B 531 19.48 -23.54 -22.31
C VAL B 531 19.47 -22.91 -23.71
N ASN B 532 19.62 -21.60 -23.77
CA ASN B 532 19.88 -20.91 -25.02
C ASN B 532 21.29 -21.28 -25.51
N PRO B 533 21.40 -21.80 -26.76
CA PRO B 533 22.71 -22.31 -27.19
C PRO B 533 23.71 -21.19 -27.48
N TYR B 534 23.25 -19.95 -27.63
CA TYR B 534 24.18 -18.85 -27.81
C TYR B 534 24.62 -18.29 -26.44
N SER B 535 23.66 -17.86 -25.62
CA SER B 535 24.02 -17.14 -24.36
C SER B 535 24.35 -18.06 -23.20
N GLY B 536 23.87 -19.28 -23.25
CA GLY B 536 24.07 -20.21 -22.13
C GLY B 536 23.10 -20.01 -20.97
N LYS B 537 22.08 -19.19 -21.18
CA LYS B 537 21.11 -18.88 -20.12
C LYS B 537 19.79 -19.61 -20.42
N PRO B 538 18.98 -19.87 -19.37
CA PRO B 538 17.70 -20.53 -19.63
C PRO B 538 16.74 -19.61 -20.42
N PRO B 539 15.84 -20.18 -21.23
CA PRO B 539 14.82 -19.35 -21.91
C PRO B 539 13.86 -18.76 -20.88
N SER B 540 13.59 -17.47 -21.03
CA SER B 540 12.78 -16.74 -20.06
C SER B 540 11.84 -15.76 -20.72
N TYR B 541 10.78 -15.39 -19.99
CA TYR B 541 10.11 -14.11 -20.16
C TYR B 541 10.39 -13.27 -18.94
N LYS B 542 10.78 -12.03 -19.16
CA LYS B 542 11.16 -11.12 -18.09
C LYS B 542 10.05 -10.09 -17.87
N LEU B 543 9.57 -10.02 -16.64
CA LEU B 543 8.61 -8.98 -16.24
C LEU B 543 9.35 -7.65 -16.01
N VAL B 544 9.01 -6.65 -16.82
CA VAL B 544 9.55 -5.31 -16.71
C VAL B 544 8.42 -4.38 -16.30
N SER B 545 8.46 -3.94 -15.05
CA SER B 545 7.27 -3.30 -14.45
C SER B 545 7.79 -2.33 -13.37
N THR B 546 7.57 -1.05 -13.57
CA THR B 546 8.01 -0.05 -12.61
C THR B 546 6.87 0.69 -11.87
N GLN B 547 5.64 0.52 -12.32
CA GLN B 547 4.51 1.13 -11.63
C GLN B 547 4.06 0.19 -10.52
N CYS B 548 4.91 0.12 -9.49
CA CYS B 548 4.78 -0.86 -8.43
C CYS B 548 4.75 -0.18 -7.05
N PRO B 549 3.60 0.37 -6.68
CA PRO B 549 3.61 1.14 -5.43
C PRO B 549 3.75 0.20 -4.22
N PRO B 550 4.37 0.68 -3.15
CA PRO B 550 4.20 -0.02 -1.87
C PRO B 550 2.74 0.08 -1.46
N LEU B 551 2.25 -0.90 -0.71
CA LEU B 551 0.94 -0.78 -0.09
C LEU B 551 1.10 0.21 1.04
N LEU B 552 0.37 1.30 0.98
CA LEU B 552 0.57 2.35 2.00
C LEU B 552 -0.18 2.05 3.32
N ALA B 553 -1.27 1.31 3.25
CA ALA B 553 -1.97 0.90 4.49
C ALA B 553 -1.03 0.04 5.33
N LYS B 554 -1.12 0.15 6.66
CA LYS B 554 -0.13 -0.48 7.56
C LYS B 554 -0.29 -1.99 7.61
N GLU B 555 0.75 -2.67 8.06
CA GLU B 555 0.61 -4.08 8.43
C GLU B 555 -0.49 -4.30 9.43
N GLY B 556 -1.37 -5.24 9.12
CA GLY B 556 -2.44 -5.51 10.05
C GLY B 556 -3.68 -4.64 9.87
N SER B 557 -3.64 -3.70 8.93
CA SER B 557 -4.83 -2.91 8.61
C SER B 557 -5.87 -3.78 7.93
N LEU B 558 -7.09 -3.30 7.88
CA LEU B 558 -8.14 -3.95 7.16
C LEU B 558 -7.71 -4.19 5.71
N VAL B 559 -7.18 -3.14 5.07
CA VAL B 559 -6.76 -3.23 3.68
C VAL B 559 -5.71 -4.35 3.49
N ALA B 560 -4.64 -4.32 4.29
CA ALA B 560 -3.55 -5.31 4.18
C ALA B 560 -4.06 -6.73 4.48
N LYS B 561 -5.01 -6.86 5.40
CA LYS B 561 -5.56 -8.20 5.72
C LYS B 561 -6.47 -8.76 4.63
N ARG B 562 -7.31 -7.90 4.04
CA ARG B 562 -8.22 -8.38 2.99
C ARG B 562 -7.51 -8.58 1.64
N ALA B 563 -6.34 -7.95 1.48
CA ALA B 563 -5.57 -8.10 0.24
C ALA B 563 -4.13 -8.50 0.51
N PRO B 564 -3.93 -9.74 0.99
CA PRO B 564 -2.62 -10.16 1.48
C PRO B 564 -1.61 -10.21 0.33
N TRP B 565 -2.10 -10.29 -0.90
CA TRP B 565 -1.22 -10.26 -2.10
C TRP B 565 -0.60 -8.87 -2.38
N ALA B 566 -1.26 -7.81 -1.90
CA ALA B 566 -0.92 -6.44 -2.31
C ALA B 566 0.30 -5.91 -1.60
N SER B 567 0.71 -6.65 -0.56
CA SER B 567 1.87 -6.32 0.26
C SER B 567 3.21 -6.46 -0.45
N HIS B 568 3.28 -7.28 -1.48
CA HIS B 568 4.54 -7.44 -2.22
C HIS B 568 4.27 -7.24 -3.70
N SER B 569 5.28 -6.79 -4.45
CA SER B 569 5.10 -6.69 -5.90
C SER B 569 5.00 -8.06 -6.51
N VAL B 570 5.73 -9.05 -5.95
CA VAL B 570 5.70 -10.39 -6.53
C VAL B 570 5.41 -11.42 -5.42
N ASN B 571 4.57 -12.39 -5.74
CA ASN B 571 4.26 -13.53 -4.87
C ASN B 571 4.30 -14.77 -5.80
N VAL B 572 5.11 -15.77 -5.49
CA VAL B 572 5.13 -17.00 -6.33
C VAL B 572 4.81 -18.21 -5.46
N VAL B 573 3.77 -18.96 -5.84
CA VAL B 573 3.35 -20.11 -5.03
C VAL B 573 3.25 -21.34 -5.92
N PRO B 574 3.18 -22.53 -5.31
CA PRO B 574 3.02 -23.73 -6.15
C PRO B 574 1.66 -23.68 -6.85
N TYR B 575 1.61 -24.20 -8.08
CA TYR B 575 0.32 -24.40 -8.76
C TYR B 575 -0.54 -25.45 -8.03
N LYS B 576 -1.81 -25.15 -7.83
CA LYS B 576 -2.83 -26.18 -7.59
C LYS B 576 -4.05 -25.75 -8.36
N ASP B 577 -4.93 -26.69 -8.65
CA ASP B 577 -6.13 -26.37 -9.41
C ASP B 577 -6.99 -25.41 -8.57
N ASN B 578 -7.73 -24.53 -9.24
CA ASN B 578 -8.63 -23.59 -8.55
C ASN B 578 -7.95 -22.59 -7.60
N ARG B 579 -6.66 -22.30 -7.82
CA ARG B 579 -6.01 -21.17 -7.14
C ARG B 579 -6.07 -19.93 -8.04
N LEU B 580 -7.24 -19.31 -8.11
CA LEU B 580 -7.47 -18.17 -9.02
C LEU B 580 -7.43 -16.85 -8.25
N TYR B 581 -8.14 -16.81 -7.12
CA TYR B 581 -8.55 -15.51 -6.51
C TYR B 581 -7.86 -15.27 -5.17
N PRO B 582 -6.86 -14.36 -5.16
CA PRO B 582 -5.92 -14.22 -4.03
C PRO B 582 -6.49 -13.55 -2.77
N SER B 583 -7.66 -12.91 -2.85
CA SER B 583 -8.40 -12.49 -1.65
C SER B 583 -9.53 -13.46 -1.27
N GLY B 584 -9.45 -14.69 -1.79
CA GLY B 584 -10.43 -15.71 -1.50
C GLY B 584 -11.60 -15.73 -2.48
N ASP B 585 -12.41 -16.79 -2.42
CA ASP B 585 -13.46 -16.96 -3.43
C ASP B 585 -14.64 -16.02 -3.21
N HIS B 586 -15.01 -15.77 -1.95
CA HIS B 586 -16.16 -14.89 -1.66
C HIS B 586 -15.67 -13.69 -0.82
N VAL B 587 -15.47 -12.57 -1.51
CA VAL B 587 -14.69 -11.44 -0.98
C VAL B 587 -15.50 -10.46 -0.11
N PRO B 588 -16.73 -10.07 -0.54
CA PRO B 588 -17.43 -9.05 0.25
C PRO B 588 -17.61 -9.43 1.73
N GLN B 589 -17.24 -8.51 2.62
CA GLN B 589 -17.46 -8.61 4.08
C GLN B 589 -16.56 -9.62 4.79
N TRP B 590 -15.58 -10.17 4.06
CA TRP B 590 -14.55 -10.95 4.73
C TRP B 590 -13.69 -9.99 5.55
N SER B 591 -13.45 -10.30 6.83
CA SER B 591 -12.67 -9.37 7.68
C SER B 591 -11.18 -9.36 7.27
N GLY B 592 -10.74 -10.39 6.56
CA GLY B 592 -9.29 -10.54 6.32
C GLY B 592 -8.61 -11.51 7.29
N ASP B 593 -9.35 -12.05 8.26
CA ASP B 593 -8.80 -13.06 9.18
C ASP B 593 -9.06 -14.44 8.58
N GLY B 594 -8.03 -15.28 8.57
CA GLY B 594 -8.23 -16.68 8.20
C GLY B 594 -7.25 -17.05 7.11
N VAL B 595 -7.09 -18.35 6.92
CA VAL B 595 -6.09 -18.86 5.99
C VAL B 595 -6.85 -19.17 4.71
N ARG B 596 -6.93 -18.17 3.82
CA ARG B 596 -7.55 -18.40 2.53
C ARG B 596 -6.83 -17.56 1.49
N GLY B 597 -7.16 -17.78 0.22
CA GLY B 597 -6.55 -17.01 -0.86
C GLY B 597 -5.02 -17.07 -0.79
N MET B 598 -4.39 -15.93 -1.09
CA MET B 598 -2.91 -15.87 -1.06
C MET B 598 -2.31 -16.29 0.28
N ARG B 599 -2.97 -15.95 1.39
CA ARG B 599 -2.44 -16.37 2.69
C ARG B 599 -2.34 -17.88 2.81
N GLU B 600 -3.38 -18.58 2.37
CA GLU B 600 -3.34 -20.04 2.34
C GLU B 600 -2.24 -20.55 1.40
N TRP B 601 -2.13 -19.95 0.22
CA TRP B 601 -1.16 -20.50 -0.76
C TRP B 601 0.30 -20.27 -0.32
N ILE B 602 0.54 -19.17 0.34
CA ILE B 602 1.88 -18.92 0.90
C ILE B 602 2.17 -19.90 2.06
N GLY B 603 1.15 -20.22 2.85
CA GLY B 603 1.32 -21.11 4.00
C GLY B 603 2.45 -20.64 4.89
N ASP B 604 3.35 -21.55 5.27
CA ASP B 604 4.50 -21.20 6.11
C ASP B 604 5.70 -20.78 5.30
N GLY B 605 5.53 -20.68 3.99
CA GLY B 605 6.55 -20.07 3.14
C GLY B 605 7.59 -21.08 2.66
N SER B 606 7.48 -22.33 3.13
CA SER B 606 8.55 -23.30 2.94
C SER B 606 8.43 -24.12 1.67
N GLU B 607 7.30 -24.07 0.95
CA GLU B 607 7.12 -24.99 -0.19
CA GLU B 607 7.15 -25.00 -0.18
C GLU B 607 8.04 -24.64 -1.36
N ASN B 608 8.51 -25.68 -2.07
CA ASN B 608 9.38 -25.53 -3.25
C ASN B 608 8.67 -24.82 -4.41
N ILE B 609 9.34 -23.85 -5.03
CA ILE B 609 8.84 -23.22 -6.27
C ILE B 609 9.93 -23.19 -7.34
N ASP B 610 10.97 -23.99 -7.16
CA ASP B 610 12.05 -24.07 -8.14
C ASP B 610 11.87 -25.32 -9.01
N ASN B 611 11.76 -25.10 -10.31
CA ASN B 611 11.59 -26.17 -11.32
C ASN B 611 10.35 -27.03 -11.09
N THR B 612 9.21 -26.38 -11.12
CA THR B 612 7.96 -27.04 -10.88
C THR B 612 6.79 -26.25 -11.56
N ASP B 613 5.56 -26.62 -11.27
CA ASP B 613 4.44 -25.85 -11.79
C ASP B 613 4.18 -24.75 -10.76
N ILE B 614 4.28 -23.50 -11.20
CA ILE B 614 4.20 -22.36 -10.29
C ILE B 614 3.10 -21.41 -10.72
N LEU B 615 2.74 -20.48 -9.83
CA LEU B 615 1.83 -19.40 -10.21
C LEU B 615 2.48 -18.11 -9.73
N PHE B 616 2.45 -17.08 -10.57
CA PHE B 616 3.24 -15.86 -10.36
C PHE B 616 2.22 -14.70 -10.31
N PHE B 617 2.03 -14.15 -9.12
CA PHE B 617 1.09 -13.04 -8.92
C PHE B 617 1.84 -11.75 -8.74
N HIS B 618 1.54 -10.78 -9.61
CA HIS B 618 2.28 -9.51 -9.60
C HIS B 618 1.34 -8.35 -9.21
N THR B 619 1.72 -7.59 -8.19
CA THR B 619 0.97 -6.40 -7.77
C THR B 619 1.59 -5.16 -8.43
N PHE B 620 0.76 -4.40 -9.12
CA PHE B 620 1.20 -3.15 -9.78
C PHE B 620 0.02 -2.18 -9.75
N GLY B 621 0.27 -0.91 -10.09
CA GLY B 621 -0.80 0.10 -10.09
C GLY B 621 -0.21 1.47 -9.78
N ILE B 622 -1.02 2.35 -9.20
CA ILE B 622 -0.65 3.73 -9.05
C ILE B 622 -1.14 4.29 -7.72
N THR B 623 -0.51 5.37 -7.30
CA THR B 623 -0.96 6.11 -6.10
C THR B 623 -1.50 7.47 -6.58
N HIS B 624 -2.75 7.78 -6.25
CA HIS B 624 -3.44 8.90 -6.88
C HIS B 624 -3.68 9.98 -5.82
N PHE B 625 -3.03 11.12 -5.99
CA PHE B 625 -3.33 12.30 -5.17
C PHE B 625 -4.08 13.31 -6.06
N PRO B 626 -5.40 13.42 -5.87
CA PRO B 626 -6.18 14.14 -6.86
C PRO B 626 -5.77 15.60 -6.99
N ALA B 627 -6.03 16.16 -8.18
CA ALA B 627 -5.81 17.58 -8.46
C ALA B 627 -6.99 18.07 -9.35
N PRO B 628 -7.17 19.41 -9.44
CA PRO B 628 -8.36 19.90 -10.13
C PRO B 628 -8.41 19.46 -11.60
N GLU B 629 -7.26 19.14 -12.17
CA GLU B 629 -7.21 18.67 -13.57
C GLU B 629 -8.02 17.38 -13.72
N ASP B 630 -8.15 16.61 -12.62
CA ASP B 630 -8.87 15.33 -12.68
C ASP B 630 -10.39 15.50 -12.66
N PHE B 631 -10.86 16.73 -12.47
CA PHE B 631 -12.29 16.99 -12.18
C PHE B 631 -12.83 17.95 -13.26
N PRO B 632 -14.14 17.88 -13.60
CA PRO B 632 -15.18 16.96 -13.12
C PRO B 632 -15.12 15.60 -13.78
N LEU B 633 -14.23 15.45 -14.75
CA LEU B 633 -14.08 14.18 -15.49
C LEU B 633 -12.59 14.02 -15.73
N MET B 634 -12.06 12.83 -15.48
CA MET B 634 -10.60 12.67 -15.44
C MET B 634 -9.97 12.27 -16.78
N PRO B 635 -8.91 12.97 -17.21
CA PRO B 635 -8.16 12.50 -18.39
C PRO B 635 -7.50 11.15 -18.11
N ALA B 636 -7.46 10.28 -19.12
CA ALA B 636 -6.89 8.92 -18.98
C ALA B 636 -5.50 8.90 -18.35
N GLU B 637 -5.37 8.08 -17.30
CA GLU B 637 -4.10 7.89 -16.64
CA GLU B 637 -4.12 7.86 -16.57
C GLU B 637 -3.56 6.50 -16.98
N PRO B 638 -2.34 6.46 -17.48
CA PRO B 638 -1.85 5.15 -17.98
C PRO B 638 -1.10 4.31 -16.93
N ILE B 639 -1.19 3.00 -17.09
CA ILE B 639 -0.39 2.05 -16.32
C ILE B 639 0.02 0.97 -17.32
N THR B 640 1.22 0.42 -17.19
CA THR B 640 1.64 -0.62 -18.15
C THR B 640 2.65 -1.53 -17.47
N LEU B 641 2.68 -2.77 -17.92
CA LEU B 641 3.75 -3.66 -17.58
C LEU B 641 4.02 -4.52 -18.83
N MET B 642 5.21 -5.12 -18.90
CA MET B 642 5.56 -5.89 -20.09
C MET B 642 6.18 -7.21 -19.66
N LEU B 643 5.97 -8.23 -20.47
CA LEU B 643 6.63 -9.53 -20.31
C LEU B 643 7.38 -9.78 -21.63
N ARG B 644 8.71 -9.75 -21.60
CA ARG B 644 9.47 -9.81 -22.84
C ARG B 644 10.39 -11.03 -22.89
N PRO B 645 10.50 -11.63 -24.08
CA PRO B 645 11.37 -12.80 -24.18
C PRO B 645 12.83 -12.36 -24.00
N ARG B 646 13.57 -13.07 -23.13
CA ARG B 646 14.99 -12.82 -22.95
C ARG B 646 15.66 -14.19 -22.87
N HIS B 647 16.57 -14.43 -23.81
CA HIS B 647 17.19 -15.77 -24.03
C HIS B 647 16.21 -16.83 -24.47
N PHE B 648 14.98 -16.41 -24.78
CA PHE B 648 13.96 -17.33 -25.29
C PHE B 648 14.25 -17.67 -26.78
N PHE B 649 14.60 -16.65 -27.56
CA PHE B 649 14.96 -16.85 -28.96
C PHE B 649 16.47 -16.75 -29.09
N THR B 650 17.00 -17.14 -30.25
CA THR B 650 18.44 -16.99 -30.46
C THR B 650 18.78 -15.76 -31.28
N GLU B 651 17.76 -15.10 -31.81
CA GLU B 651 17.91 -13.82 -32.50
C GLU B 651 16.55 -13.08 -32.52
N ASN B 652 16.57 -11.79 -32.84
CA ASN B 652 15.33 -11.00 -33.04
C ASN B 652 14.31 -11.80 -33.88
N PRO B 653 13.12 -12.10 -33.30
CA PRO B 653 12.16 -12.98 -33.99
C PRO B 653 11.36 -12.28 -35.10
N GLY B 654 11.52 -10.96 -35.22
CA GLY B 654 10.74 -10.18 -36.18
C GLY B 654 11.44 -9.96 -37.51
N LEU B 655 12.64 -10.52 -37.64
CA LEU B 655 13.49 -10.20 -38.82
C LEU B 655 12.95 -10.73 -40.16
N ASP B 656 12.04 -11.69 -40.09
CA ASP B 656 11.41 -12.20 -41.32
C ASP B 656 10.12 -11.46 -41.71
N ILE B 657 9.85 -10.37 -41.01
CA ILE B 657 8.77 -9.49 -41.43
C ILE B 657 9.29 -8.59 -42.57
N GLN B 658 8.52 -8.45 -43.64
CA GLN B 658 8.94 -7.57 -44.75
C GLN B 658 9.20 -6.15 -44.28
N PRO B 659 10.38 -5.60 -44.60
CA PRO B 659 10.71 -4.24 -44.15
C PRO B 659 9.83 -3.24 -44.86
N SER B 660 9.56 -2.11 -44.22
CA SER B 660 8.84 -1.03 -44.88
CA SER B 660 8.84 -1.02 -44.86
C SER B 660 9.74 -0.33 -45.88
N TYR B 661 11.04 -0.31 -45.61
CA TYR B 661 12.02 0.18 -46.59
C TYR B 661 13.31 -0.59 -46.36
N ALA B 662 13.99 -0.98 -47.44
CA ALA B 662 15.34 -1.51 -47.27
C ALA B 662 16.22 -1.19 -48.47
N MET B 663 17.46 -0.80 -48.20
CA MET B 663 18.45 -0.65 -49.27
C MET B 663 19.78 -1.13 -48.76
N THR B 664 20.40 -2.06 -49.50
CA THR B 664 21.72 -2.57 -49.10
C THR B 664 22.81 -1.62 -49.60
N THR B 665 24.02 -1.81 -49.08
CA THR B 665 25.17 -1.07 -49.54
C THR B 665 25.45 -1.28 -51.05
N SER B 666 25.33 -2.52 -51.52
CA SER B 666 25.52 -2.78 -52.96
C SER B 666 24.44 -2.08 -53.78
N GLU B 667 23.19 -2.13 -53.33
CA GLU B 667 22.10 -1.38 -53.98
C GLU B 667 22.32 0.13 -54.00
N ALA B 668 22.74 0.69 -52.87
CA ALA B 668 23.03 2.12 -52.79
C ALA B 668 24.14 2.54 -53.77
N LYS B 669 25.19 1.73 -53.87
CA LYS B 669 26.32 2.06 -54.77
C LYS B 669 25.86 2.08 -56.23
N ARG B 670 25.02 1.12 -56.56
CA ARG B 670 24.45 0.98 -57.89
C ARG B 670 23.56 2.19 -58.20
N ALA B 671 22.84 2.66 -57.19
CA ALA B 671 21.93 3.81 -57.33
C ALA B 671 22.65 5.09 -57.71
N VAL B 672 23.95 5.17 -57.43
CA VAL B 672 24.75 6.35 -57.80
C VAL B 672 25.93 6.05 -58.76
N HIS B 673 26.08 4.79 -59.15
CA HIS B 673 27.13 4.33 -60.08
C HIS B 673 28.53 4.40 -59.47
N ARG B 682 47.25 6.42 -46.61
CA ARG B 682 46.18 6.55 -47.63
C ARG B 682 46.78 7.03 -48.96
N LEU B 683 46.36 6.42 -50.07
CA LEU B 683 45.53 5.22 -50.05
C LEU B 683 45.74 4.29 -51.24
N ALA B 684 46.31 3.15 -50.96
CA ALA B 684 46.06 1.97 -51.71
C ALA B 684 44.58 1.62 -51.55
N PHE B 685 44.05 1.78 -50.35
CA PHE B 685 42.68 1.38 -50.11
C PHE B 685 41.79 2.62 -49.90
N GLU B 686 40.60 2.64 -50.46
CA GLU B 686 39.74 3.76 -50.19
C GLU B 686 39.19 3.77 -48.73
N GLY B 687 38.86 4.95 -48.23
CA GLY B 687 38.19 5.01 -46.94
C GLY B 687 36.67 4.93 -47.10
N SER B 688 35.95 5.45 -46.10
CA SER B 688 34.48 5.50 -46.10
C SER B 688 33.96 6.23 -47.36
N CYS B 689 32.88 5.70 -47.94
CA CYS B 689 32.09 6.43 -48.95
C CYS B 689 31.91 7.94 -48.64
N CYS B 690 31.53 8.27 -47.39
CA CYS B 690 31.24 9.66 -46.98
C CYS B 690 32.50 10.50 -46.79
N GLY B 691 33.68 9.87 -46.83
CA GLY B 691 34.94 10.59 -46.66
C GLY B 691 35.29 11.30 -47.95
N ALA C 16 -45.96 8.20 44.51
CA ALA C 16 -45.04 8.20 45.67
C ALA C 16 -43.63 7.67 45.31
N ALA C 17 -42.63 8.54 45.52
CA ALA C 17 -41.22 8.26 45.21
C ALA C 17 -40.63 7.36 46.30
N PRO C 18 -39.55 6.61 45.97
CA PRO C 18 -38.88 5.85 47.02
C PRO C 18 -38.18 6.75 48.04
N ALA C 19 -38.08 6.27 49.27
CA ALA C 19 -37.35 7.00 50.32
C ALA C 19 -35.91 7.22 49.85
N ARG C 20 -35.37 8.39 50.14
CA ARG C 20 -33.95 8.68 49.92
C ARG C 20 -33.07 7.75 50.76
N PRO C 21 -31.88 7.40 50.24
CA PRO C 21 -30.91 6.62 51.00
C PRO C 21 -30.29 7.42 52.16
N ALA C 22 -29.73 6.71 53.13
CA ALA C 22 -28.94 7.35 54.18
C ALA C 22 -27.73 8.15 53.64
N HIS C 23 -27.21 7.78 52.47
CA HIS C 23 -25.94 8.33 51.96
C HIS C 23 -26.01 8.29 50.43
N PRO C 24 -25.58 9.36 49.74
CA PRO C 24 -25.75 9.46 48.27
C PRO C 24 -25.03 8.34 47.48
N LEU C 25 -24.05 7.70 48.10
CA LEU C 25 -23.35 6.62 47.41
C LEU C 25 -23.93 5.25 47.69
N ASP C 26 -25.00 5.18 48.49
CA ASP C 26 -25.57 3.85 48.79
C ASP C 26 -26.09 3.28 47.47
N PRO C 27 -25.95 1.98 47.28
CA PRO C 27 -26.58 1.34 46.12
C PRO C 27 -28.11 1.48 46.14
N LEU C 28 -28.74 1.40 44.97
CA LEU C 28 -30.20 1.36 44.88
C LEU C 28 -30.79 0.28 45.79
N SER C 29 -31.79 0.65 46.59
CA SER C 29 -32.52 -0.33 47.39
C SER C 29 -33.41 -1.16 46.47
N THR C 30 -34.02 -2.23 46.99
CA THR C 30 -34.96 -2.96 46.17
C THR C 30 -36.15 -2.06 45.75
N ALA C 31 -36.61 -1.19 46.65
CA ALA C 31 -37.71 -0.28 46.28
C ALA C 31 -37.31 0.66 45.15
N GLU C 32 -36.08 1.16 45.19
CA GLU C 32 -35.62 2.06 44.12
C GLU C 32 -35.50 1.34 42.80
N ILE C 33 -34.99 0.11 42.85
CA ILE C 33 -34.88 -0.68 41.62
C ILE C 33 -36.26 -0.85 40.98
N LYS C 34 -37.25 -1.24 41.81
CA LYS C 34 -38.59 -1.46 41.29
C LYS C 34 -39.19 -0.15 40.79
N ALA C 35 -39.00 0.95 41.54
CA ALA C 35 -39.47 2.27 41.08
C ALA C 35 -38.84 2.61 39.71
N ALA C 36 -37.54 2.36 39.57
CA ALA C 36 -36.90 2.68 38.29
C ALA C 36 -37.46 1.85 37.14
N THR C 37 -37.64 0.55 37.36
CA THR C 37 -38.13 -0.28 36.25
C THR C 37 -39.61 0.01 35.95
N ASN C 38 -40.39 0.36 36.97
CA ASN C 38 -41.77 0.83 36.71
C ASN C 38 -41.77 2.07 35.85
N THR C 39 -40.86 3.00 36.16
CA THR C 39 -40.75 4.26 35.42
C THR C 39 -40.44 3.95 33.97
N VAL C 40 -39.45 3.09 33.76
CA VAL C 40 -39.00 2.76 32.41
C VAL C 40 -40.09 2.00 31.61
N LYS C 41 -40.76 1.05 32.25
CA LYS C 41 -41.81 0.26 31.55
C LYS C 41 -42.93 1.19 31.11
N SER C 42 -43.18 2.21 31.92
CA SER C 42 -44.23 3.16 31.61
C SER C 42 -43.80 4.08 30.47
N TYR C 43 -42.55 4.54 30.51
CA TYR C 43 -42.03 5.34 29.40
C TYR C 43 -42.11 4.58 28.07
N PHE C 44 -41.83 3.28 28.13
CA PHE C 44 -41.89 2.43 26.94
C PHE C 44 -43.21 1.63 26.88
N ALA C 45 -44.31 2.18 27.40
CA ALA C 45 -45.59 1.46 27.42
C ALA C 45 -45.97 0.99 26.03
N GLY C 46 -46.44 -0.25 25.93
CA GLY C 46 -46.86 -0.78 24.65
C GLY C 46 -45.73 -1.43 23.87
N LYS C 47 -44.49 -1.31 24.38
CA LYS C 47 -43.32 -2.05 23.84
C LYS C 47 -42.92 -3.20 24.73
N LYS C 48 -42.47 -4.29 24.13
CA LYS C 48 -41.96 -5.42 24.90
C LYS C 48 -40.45 -5.27 25.22
N ILE C 49 -40.13 -5.01 26.48
CA ILE C 49 -38.75 -4.72 26.83
C ILE C 49 -38.31 -5.63 27.96
N SER C 50 -37.00 -5.84 28.07
CA SER C 50 -36.46 -6.55 29.20
C SER C 50 -35.26 -5.79 29.80
N PHE C 51 -35.05 -5.97 31.11
CA PHE C 51 -34.01 -5.22 31.82
C PHE C 51 -32.72 -6.02 31.85
N ASN C 52 -31.65 -5.35 31.44
CA ASN C 52 -30.34 -5.93 31.48
C ASN C 52 -29.52 -5.42 32.69
N THR C 53 -29.65 -4.11 33.00
CA THR C 53 -28.91 -3.45 34.10
C THR C 53 -29.85 -2.39 34.68
N VAL C 54 -30.00 -2.37 35.99
CA VAL C 54 -30.61 -1.23 36.69
C VAL C 54 -29.75 -0.95 37.92
N THR C 55 -29.06 0.18 37.95
CA THR C 55 -28.02 0.38 38.95
C THR C 55 -27.89 1.87 39.31
N LEU C 56 -27.30 2.17 40.44
CA LEU C 56 -27.04 3.55 40.77
C LEU C 56 -26.22 4.22 39.66
N ARG C 57 -26.67 5.40 39.23
CA ARG C 57 -25.76 6.37 38.58
C ARG C 57 -25.15 7.27 39.67
N GLU C 58 -23.87 7.05 40.00
CA GLU C 58 -23.29 7.79 41.13
C GLU C 58 -23.27 9.30 40.83
N PRO C 59 -23.39 10.13 41.87
CA PRO C 59 -23.24 11.58 41.71
C PRO C 59 -21.95 11.92 41.00
N ALA C 60 -21.96 13.00 40.25
CA ALA C 60 -20.72 13.58 39.73
C ALA C 60 -19.73 13.81 40.88
N ARG C 61 -18.45 13.64 40.62
CA ARG C 61 -17.43 13.79 41.66
C ARG C 61 -17.50 15.19 42.30
N LYS C 62 -17.62 16.23 41.49
CA LYS C 62 -17.70 17.60 42.03
C LYS C 62 -18.90 17.75 42.93
N ALA C 63 -20.07 17.31 42.45
CA ALA C 63 -21.29 17.37 43.26
C ALA C 63 -21.17 16.63 44.60
N TYR C 64 -20.64 15.41 44.58
CA TYR C 64 -20.48 14.65 45.83
C TYR C 64 -19.59 15.39 46.82
N ILE C 65 -18.42 15.79 46.36
CA ILE C 65 -17.45 16.42 47.25
C ILE C 65 -18.01 17.75 47.80
N GLN C 66 -18.69 18.49 46.94
CA GLN C 66 -19.28 19.78 47.39
C GLN C 66 -20.41 19.53 48.43
N TRP C 67 -21.17 18.45 48.23
CA TRP C 67 -22.20 18.04 49.18
C TRP C 67 -21.57 17.59 50.52
N LYS C 68 -20.53 16.76 50.44
CA LYS C 68 -19.88 16.18 51.63
C LYS C 68 -19.09 17.19 52.47
N GLU C 69 -18.38 18.10 51.81
CA GLU C 69 -17.37 18.94 52.48
C GLU C 69 -17.66 20.43 52.42
N GLN C 70 -18.67 20.86 51.66
CA GLN C 70 -18.86 22.29 51.40
C GLN C 70 -20.27 22.78 51.63
N GLY C 71 -21.11 21.95 52.26
CA GLY C 71 -22.50 22.28 52.47
C GLY C 71 -23.23 22.49 51.15
N GLY C 72 -22.83 21.73 50.13
CA GLY C 72 -23.38 21.93 48.80
C GLY C 72 -24.69 21.21 48.53
N PRO C 73 -25.24 21.39 47.32
CA PRO C 73 -26.50 20.76 46.92
C PRO C 73 -26.51 19.23 47.10
N LEU C 74 -27.65 18.70 47.52
CA LEU C 74 -27.85 17.24 47.54
C LEU C 74 -27.91 16.73 46.10
N PRO C 75 -26.98 15.86 45.72
CA PRO C 75 -27.05 15.33 44.34
C PRO C 75 -28.34 14.55 44.10
N PRO C 76 -28.95 14.70 42.92
CA PRO C 76 -30.13 13.92 42.61
C PRO C 76 -29.84 12.42 42.70
N ARG C 77 -30.85 11.66 43.08
CA ARG C 77 -30.73 10.21 43.18
C ARG C 77 -31.17 9.59 41.85
N LEU C 78 -30.22 9.02 41.11
CA LEU C 78 -30.41 8.62 39.70
C LEU C 78 -30.12 7.13 39.49
N ALA C 79 -30.96 6.48 38.69
CA ALA C 79 -30.74 5.06 38.30
C ALA C 79 -30.36 5.05 36.82
N TYR C 80 -29.31 4.30 36.50
CA TYR C 80 -28.96 4.00 35.11
C TYR C 80 -29.56 2.64 34.76
N TYR C 81 -30.17 2.57 33.57
CA TYR C 81 -30.73 1.33 33.10
C TYR C 81 -30.23 1.01 31.71
N VAL C 82 -30.18 -0.29 31.43
CA VAL C 82 -29.96 -0.79 30.07
C VAL C 82 -31.08 -1.79 29.80
N ILE C 83 -31.79 -1.62 28.67
CA ILE C 83 -32.88 -2.54 28.29
C ILE C 83 -32.70 -3.04 26.85
N LEU C 84 -33.29 -4.19 26.57
CA LEU C 84 -33.45 -4.69 25.22
C LEU C 84 -34.90 -4.55 24.85
N GLU C 85 -35.17 -4.40 23.56
CA GLU C 85 -36.56 -4.41 23.09
C GLU C 85 -36.71 -5.52 22.05
N ALA C 86 -37.75 -6.34 22.21
CA ALA C 86 -37.98 -7.46 21.29
C ALA C 86 -38.00 -6.95 19.85
N GLY C 87 -37.19 -7.57 18.98
CA GLY C 87 -37.17 -7.20 17.56
C GLY C 87 -36.41 -5.94 17.19
N LYS C 88 -35.67 -5.37 18.16
CA LYS C 88 -34.83 -4.19 17.91
C LYS C 88 -33.36 -4.55 18.20
N PRO C 89 -32.43 -4.05 17.37
CA PRO C 89 -31.02 -4.40 17.53
C PRO C 89 -30.39 -3.63 18.69
N GLY C 90 -29.38 -4.22 19.30
CA GLY C 90 -28.61 -3.53 20.35
C GLY C 90 -29.46 -3.28 21.60
N VAL C 91 -29.23 -2.12 22.21
CA VAL C 91 -29.86 -1.81 23.50
C VAL C 91 -30.43 -0.40 23.52
N LYS C 92 -31.16 -0.09 24.57
CA LYS C 92 -31.41 1.30 24.89
C LYS C 92 -30.89 1.51 26.30
N GLU C 93 -30.38 2.70 26.58
CA GLU C 93 -29.96 2.99 27.96
C GLU C 93 -30.43 4.39 28.32
N GLY C 94 -30.39 4.72 29.61
CA GLY C 94 -30.81 6.04 30.04
C GLY C 94 -30.76 6.19 31.53
N LEU C 95 -31.32 7.29 32.01
CA LEU C 95 -31.31 7.61 33.42
C LEU C 95 -32.75 7.86 33.89
N VAL C 96 -33.02 7.45 35.13
CA VAL C 96 -34.31 7.75 35.78
C VAL C 96 -34.01 8.62 36.99
N ASP C 97 -34.69 9.76 37.07
CA ASP C 97 -34.65 10.55 38.29
C ASP C 97 -35.67 9.94 39.25
N LEU C 98 -35.17 9.39 40.35
CA LEU C 98 -36.03 8.61 41.23
C LEU C 98 -37.04 9.48 42.00
N ALA C 99 -36.65 10.71 42.32
CA ALA C 99 -37.50 11.61 43.10
C ALA C 99 -38.75 12.01 42.33
N SER C 100 -38.64 12.12 41.01
CA SER C 100 -39.76 12.51 40.16
C SER C 100 -40.31 11.35 39.34
N LEU C 101 -39.80 10.14 39.56
CA LEU C 101 -40.21 8.96 38.78
C LEU C 101 -40.29 9.29 37.29
N SER C 102 -39.21 9.85 36.75
CA SER C 102 -39.19 10.20 35.34
CA SER C 102 -39.17 10.23 35.33
C SER C 102 -37.90 9.76 34.64
N VAL C 103 -38.03 9.36 33.38
CA VAL C 103 -36.85 9.16 32.53
C VAL C 103 -36.29 10.51 32.12
N ILE C 104 -35.02 10.79 32.39
CA ILE C 104 -34.51 12.13 32.12
C ILE C 104 -33.49 12.14 30.99
N GLU C 105 -33.07 10.97 30.54
CA GLU C 105 -32.06 10.89 29.50
C GLU C 105 -32.24 9.48 28.92
N THR C 106 -32.19 9.37 27.59
CA THR C 106 -32.38 8.07 26.95
CA THR C 106 -32.42 8.08 26.90
C THR C 106 -31.61 8.07 25.62
N ARG C 107 -31.12 6.90 25.23
CA ARG C 107 -30.62 6.78 23.85
C ARG C 107 -30.53 5.33 23.40
N ALA C 108 -30.66 5.16 22.09
CA ALA C 108 -30.61 3.85 21.45
C ALA C 108 -29.20 3.61 20.94
N LEU C 109 -28.64 2.46 21.30
CA LEU C 109 -27.34 2.08 20.78
C LEU C 109 -27.52 0.77 20.01
N GLU C 110 -27.75 0.89 18.70
CA GLU C 110 -28.18 -0.28 17.93
C GLU C 110 -27.04 -1.25 17.60
N THR C 111 -25.80 -0.84 17.88
CA THR C 111 -24.65 -1.61 17.40
C THR C 111 -23.70 -1.99 18.52
N VAL C 112 -24.23 -2.13 19.73
CA VAL C 112 -23.45 -2.74 20.83
C VAL C 112 -24.22 -3.91 21.42
N GLN C 113 -23.54 -4.75 22.21
CA GLN C 113 -24.24 -5.74 23.04
C GLN C 113 -23.83 -5.58 24.49
N PRO C 114 -24.75 -5.84 25.41
CA PRO C 114 -24.53 -5.57 26.83
C PRO C 114 -24.04 -6.79 27.63
N ILE C 115 -23.62 -6.52 28.86
CA ILE C 115 -23.25 -7.54 29.82
C ILE C 115 -24.24 -8.72 29.84
N LEU C 116 -23.70 -9.93 29.92
CA LEU C 116 -24.53 -11.12 30.01
C LEU C 116 -24.93 -11.39 31.46
N THR C 117 -26.23 -11.42 31.74
CA THR C 117 -26.70 -11.62 33.09
C THR C 117 -26.80 -13.11 33.42
N VAL C 118 -27.06 -13.43 34.70
CA VAL C 118 -27.22 -14.83 35.08
CA VAL C 118 -27.24 -14.83 35.11
C VAL C 118 -28.40 -15.49 34.36
N GLU C 119 -29.50 -14.74 34.17
CA GLU C 119 -30.62 -15.24 33.34
C GLU C 119 -30.21 -15.51 31.90
N ASP C 120 -29.45 -14.60 31.31
CA ASP C 120 -28.97 -14.82 29.94
C ASP C 120 -28.19 -16.10 29.85
N LEU C 121 -27.32 -16.35 30.82
CA LEU C 121 -26.47 -17.50 30.76
C LEU C 121 -27.17 -18.81 31.18
N CYS C 122 -28.08 -18.73 32.16
CA CYS C 122 -28.83 -19.92 32.57
CA CYS C 122 -29.03 -19.80 32.58
C CYS C 122 -29.65 -20.61 31.47
N SER C 123 -29.89 -19.96 30.33
CA SER C 123 -30.81 -20.51 29.35
C SER C 123 -30.13 -21.37 28.30
N THR C 124 -28.80 -21.29 28.23
CA THR C 124 -28.07 -21.83 27.09
C THR C 124 -27.99 -23.36 27.07
N GLU C 125 -27.92 -23.99 28.24
CA GLU C 125 -27.80 -25.47 28.23
C GLU C 125 -29.04 -26.12 27.65
N GLU C 126 -30.21 -25.56 27.96
CA GLU C 126 -31.46 -26.07 27.41
C GLU C 126 -31.47 -25.92 25.89
N VAL C 127 -30.94 -24.81 25.40
CA VAL C 127 -30.92 -24.56 23.95
C VAL C 127 -30.03 -25.60 23.23
N ILE C 128 -28.82 -25.82 23.72
CA ILE C 128 -27.93 -26.77 23.03
C ILE C 128 -28.34 -28.25 23.20
N ARG C 129 -28.90 -28.61 24.36
CA ARG C 129 -29.32 -30.00 24.55
C ARG C 129 -30.44 -30.37 23.57
N ASN C 130 -31.21 -29.37 23.15
CA ASN C 130 -32.36 -29.64 22.31
C ASN C 130 -32.17 -29.36 20.82
N ASP C 131 -30.97 -28.94 20.44
CA ASP C 131 -30.75 -28.51 19.07
C ASP C 131 -30.32 -29.70 18.23
N PRO C 132 -31.04 -29.98 17.13
CA PRO C 132 -30.70 -31.19 16.36
C PRO C 132 -29.23 -31.24 15.88
N ALA C 133 -28.64 -30.12 15.49
CA ALA C 133 -27.26 -30.16 14.99
C ALA C 133 -26.29 -30.42 16.13
N VAL C 134 -26.59 -29.88 17.31
CA VAL C 134 -25.74 -30.20 18.48
C VAL C 134 -25.86 -31.68 18.83
N ILE C 135 -27.08 -32.21 18.82
CA ILE C 135 -27.26 -33.62 19.19
C ILE C 135 -26.48 -34.49 18.23
N GLU C 136 -26.54 -34.15 16.95
CA GLU C 136 -25.75 -34.86 15.95
C GLU C 136 -24.23 -34.89 16.22
N GLN C 137 -23.69 -33.73 16.60
CA GLN C 137 -22.27 -33.66 16.99
C GLN C 137 -21.94 -34.44 18.26
N CYS C 138 -22.90 -34.55 19.17
CA CYS C 138 -22.66 -35.30 20.40
C CYS C 138 -22.59 -36.78 20.02
N VAL C 139 -23.49 -37.19 19.12
CA VAL C 139 -23.49 -38.60 18.65
C VAL C 139 -22.20 -38.94 17.92
N LEU C 140 -21.75 -38.04 17.04
CA LEU C 140 -20.46 -38.23 16.36
C LEU C 140 -19.32 -38.29 17.36
N SER C 141 -19.52 -37.67 18.52
CA SER C 141 -18.48 -37.63 19.55
C SER C 141 -18.54 -38.83 20.52
N GLY C 142 -19.47 -39.74 20.32
CA GLY C 142 -19.58 -40.92 21.18
C GLY C 142 -20.63 -40.86 22.29
N ILE C 143 -21.51 -39.87 22.24
CA ILE C 143 -22.59 -39.76 23.24
C ILE C 143 -23.93 -40.01 22.57
N PRO C 144 -24.65 -41.09 22.97
CA PRO C 144 -25.91 -41.38 22.25
C PRO C 144 -26.91 -40.22 22.35
N ALA C 145 -27.81 -40.16 21.37
CA ALA C 145 -28.80 -39.08 21.24
C ALA C 145 -29.76 -39.01 22.42
N ASN C 146 -30.06 -40.15 23.03
CA ASN C 146 -30.95 -40.14 24.19
C ASN C 146 -30.26 -39.76 25.51
N GLU C 147 -28.95 -39.45 25.47
CA GLU C 147 -28.21 -39.14 26.69
C GLU C 147 -27.85 -37.65 26.82
N MET C 148 -28.62 -36.79 26.18
CA MET C 148 -28.27 -35.37 26.16
C MET C 148 -28.29 -34.77 27.57
N HIS C 149 -28.95 -35.42 28.52
CA HIS C 149 -28.95 -34.90 29.91
C HIS C 149 -27.57 -34.94 30.56
N LYS C 150 -26.64 -35.67 29.93
CA LYS C 150 -25.28 -35.83 30.42
C LYS C 150 -24.36 -34.81 29.75
N VAL C 151 -24.92 -34.01 28.85
CA VAL C 151 -24.12 -33.03 28.14
C VAL C 151 -24.36 -31.70 28.84
N TYR C 152 -23.27 -30.98 29.10
CA TYR C 152 -23.33 -29.69 29.78
C TYR C 152 -22.56 -28.65 28.96
N CYS C 153 -22.78 -27.38 29.26
CA CYS C 153 -21.85 -26.40 28.70
C CYS C 153 -21.67 -25.21 29.62
N ASP C 154 -20.49 -24.62 29.55
CA ASP C 154 -20.29 -23.31 30.19
C ASP C 154 -20.64 -22.28 29.13
N PRO C 155 -21.64 -21.44 29.40
CA PRO C 155 -22.09 -20.42 28.45
C PRO C 155 -21.21 -19.17 28.58
N TRP C 156 -20.46 -18.88 27.53
CA TRP C 156 -19.50 -17.76 27.55
C TRP C 156 -20.06 -16.71 26.60
N THR C 157 -19.76 -15.43 26.81
CA THR C 157 -19.89 -14.55 25.66
C THR C 157 -19.04 -15.09 24.51
N ILE C 158 -19.49 -14.85 23.28
CA ILE C 158 -18.68 -15.20 22.11
C ILE C 158 -17.38 -14.38 22.15
N GLY C 159 -17.39 -13.32 22.97
CA GLY C 159 -16.21 -12.45 23.08
C GLY C 159 -16.13 -11.50 21.87
N TYR C 160 -15.59 -12.00 20.77
CA TYR C 160 -15.74 -11.33 19.49
C TYR C 160 -15.55 -12.33 18.36
N ASP C 161 -16.48 -12.34 17.41
CA ASP C 161 -16.33 -13.20 16.24
C ASP C 161 -16.64 -12.34 15.03
N GLU C 162 -15.66 -12.19 14.13
CA GLU C 162 -15.77 -11.29 13.00
C GLU C 162 -16.77 -11.78 11.94
N ARG C 163 -17.31 -12.98 12.11
CA ARG C 163 -18.42 -13.39 11.26
C ARG C 163 -19.76 -12.71 11.56
N TRP C 164 -19.92 -12.23 12.80
CA TRP C 164 -21.23 -11.62 13.20
C TRP C 164 -21.16 -10.24 13.82
N GLY C 165 -19.96 -9.78 14.20
CA GLY C 165 -19.83 -8.46 14.83
C GLY C 165 -20.80 -8.35 16.02
N THR C 166 -21.49 -7.22 16.13
CA THR C 166 -22.53 -7.02 17.17
C THR C 166 -23.94 -7.20 16.56
N GLY C 167 -24.02 -7.74 15.35
CA GLY C 167 -25.33 -7.77 14.65
C GLY C 167 -26.35 -8.73 15.25
N LYS C 168 -25.89 -9.74 15.99
CA LYS C 168 -26.77 -10.62 16.78
C LYS C 168 -26.14 -10.68 18.16
N ARG C 169 -26.93 -11.02 19.17
CA ARG C 169 -26.34 -11.16 20.50
C ARG C 169 -25.98 -12.63 20.73
N LEU C 170 -24.70 -12.93 20.89
CA LEU C 170 -24.27 -14.30 20.78
C LEU C 170 -23.51 -14.79 22.00
N GLN C 171 -23.66 -16.09 22.25
CA GLN C 171 -22.83 -16.81 23.21
C GLN C 171 -22.15 -17.97 22.49
N GLN C 172 -21.01 -18.43 23.04
CA GLN C 172 -20.43 -19.68 22.61
C GLN C 172 -20.50 -20.67 23.76
N ALA C 173 -20.82 -21.92 23.47
CA ALA C 173 -21.04 -22.90 24.51
C ALA C 173 -19.83 -23.80 24.57
N LEU C 174 -19.07 -23.76 25.67
CA LEU C 174 -17.95 -24.70 25.80
C LEU C 174 -18.47 -26.00 26.40
N VAL C 175 -18.42 -27.08 25.62
CA VAL C 175 -19.28 -28.24 25.89
C VAL C 175 -18.48 -29.31 26.64
N TYR C 176 -19.10 -29.93 27.64
CA TYR C 176 -18.47 -30.95 28.46
C TYR C 176 -19.45 -32.11 28.65
N TYR C 177 -18.99 -33.21 29.27
CA TYR C 177 -19.83 -34.38 29.48
C TYR C 177 -19.67 -34.84 30.93
N ARG C 178 -20.78 -35.25 31.57
CA ARG C 178 -20.72 -35.84 32.91
C ARG C 178 -21.29 -37.26 32.84
N SER C 179 -20.58 -38.23 33.38
CA SER C 179 -21.16 -39.57 33.45
CA SER C 179 -21.12 -39.60 33.50
C SER C 179 -22.20 -39.68 34.57
N ASP C 180 -22.06 -38.85 35.60
CA ASP C 180 -22.98 -38.81 36.73
C ASP C 180 -23.07 -37.33 37.07
N GLU C 181 -24.25 -36.86 37.51
CA GLU C 181 -24.45 -35.43 37.74
C GLU C 181 -23.48 -34.83 38.78
N ASP C 182 -22.93 -35.66 39.67
CA ASP C 182 -21.96 -35.19 40.71
C ASP C 182 -20.50 -35.13 40.23
N ASP C 183 -20.27 -35.52 38.98
CA ASP C 183 -18.91 -35.40 38.39
C ASP C 183 -18.52 -33.95 38.26
N SER C 184 -17.23 -33.70 38.27
CA SER C 184 -16.69 -32.48 37.74
C SER C 184 -16.47 -32.69 36.26
N GLN C 185 -17.12 -31.89 35.43
CA GLN C 185 -17.21 -32.19 34.01
C GLN C 185 -15.90 -31.88 33.29
N TYR C 186 -14.97 -31.15 33.93
CA TYR C 186 -13.86 -30.58 33.19
C TYR C 186 -12.82 -31.58 32.69
N SER C 187 -12.89 -32.83 33.16
CA SER C 187 -12.02 -33.86 32.60
C SER C 187 -12.51 -34.32 31.22
N HIS C 188 -13.74 -33.94 30.86
CA HIS C 188 -14.36 -34.48 29.65
C HIS C 188 -14.97 -33.42 28.72
N PRO C 189 -14.15 -32.46 28.28
CA PRO C 189 -14.63 -31.55 27.23
C PRO C 189 -14.91 -32.30 25.95
N LEU C 190 -15.80 -31.75 25.12
CA LEU C 190 -15.98 -32.22 23.77
C LEU C 190 -15.24 -31.32 22.77
N ASP C 191 -15.21 -31.73 21.50
CA ASP C 191 -14.32 -31.08 20.55
C ASP C 191 -14.91 -29.90 19.79
N PHE C 192 -16.20 -29.66 19.94
CA PHE C 192 -16.88 -28.68 19.09
C PHE C 192 -17.51 -27.53 19.88
N CYS C 193 -17.87 -26.46 19.19
CA CYS C 193 -18.30 -25.24 19.88
C CYS C 193 -19.57 -24.64 19.22
N PRO C 194 -20.74 -24.89 19.81
CA PRO C 194 -21.97 -24.28 19.34
C PRO C 194 -21.99 -22.78 19.59
N ILE C 195 -22.51 -22.03 18.61
CA ILE C 195 -22.72 -20.57 18.73
C ILE C 195 -24.23 -20.36 18.87
N VAL C 196 -24.63 -19.60 19.88
CA VAL C 196 -26.04 -19.48 20.25
C VAL C 196 -26.51 -18.03 20.17
N ASP C 197 -27.62 -17.80 19.48
CA ASP C 197 -28.31 -16.52 19.51
C ASP C 197 -29.12 -16.42 20.80
N THR C 198 -28.63 -15.58 21.69
CA THR C 198 -29.12 -15.46 23.07
C THR C 198 -30.60 -15.08 23.10
N GLU C 199 -30.98 -14.16 22.23
CA GLU C 199 -32.35 -13.65 22.25
C GLU C 199 -33.34 -14.51 21.48
N GLU C 200 -32.86 -15.19 20.43
CA GLU C 200 -33.70 -16.14 19.72
C GLU C 200 -33.76 -17.52 20.36
N LYS C 201 -32.84 -17.78 21.28
CA LYS C 201 -32.69 -19.09 21.91
C LYS C 201 -32.50 -20.19 20.87
N LYS C 202 -31.55 -19.99 19.97
CA LYS C 202 -31.22 -21.04 19.02
C LYS C 202 -29.76 -21.10 18.68
N VAL C 203 -29.32 -22.27 18.24
CA VAL C 203 -27.95 -22.46 17.79
C VAL C 203 -27.90 -22.00 16.34
N ILE C 204 -26.98 -21.09 16.00
CA ILE C 204 -26.94 -20.60 14.63
C ILE C 204 -25.74 -21.15 13.86
N PHE C 205 -24.77 -21.74 14.56
CA PHE C 205 -23.57 -22.26 13.92
C PHE C 205 -22.89 -23.21 14.90
N ILE C 206 -22.14 -24.16 14.40
CA ILE C 206 -21.26 -24.94 15.29
C ILE C 206 -19.84 -24.96 14.70
N ASP C 207 -18.87 -24.49 15.47
CA ASP C 207 -17.49 -24.60 15.04
C ASP C 207 -17.04 -26.02 15.25
N ILE C 208 -16.68 -26.69 14.17
CA ILE C 208 -16.27 -28.11 14.26
C ILE C 208 -14.82 -28.27 13.78
N PRO C 209 -13.95 -28.93 14.56
CA PRO C 209 -12.54 -28.94 14.19
C PRO C 209 -12.26 -29.93 13.04
N ASN C 210 -11.23 -29.68 12.22
CA ASN C 210 -10.88 -30.57 11.11
C ASN C 210 -10.52 -31.95 11.60
N ARG C 211 -9.84 -32.01 12.74
CA ARG C 211 -9.57 -33.29 13.38
C ARG C 211 -10.54 -33.54 14.54
N ARG C 212 -11.35 -34.57 14.42
CA ARG C 212 -12.31 -34.90 15.48
C ARG C 212 -11.63 -35.66 16.60
N ARG C 213 -12.08 -35.41 17.82
CA ARG C 213 -11.62 -36.13 19.00
CA ARG C 213 -11.64 -36.17 18.98
C ARG C 213 -12.90 -36.53 19.74
N LYS C 214 -13.15 -37.83 19.87
CA LYS C 214 -14.33 -38.27 20.57
C LYS C 214 -14.16 -38.14 22.09
N VAL C 215 -15.27 -38.25 22.82
CA VAL C 215 -15.26 -38.06 24.27
C VAL C 215 -14.26 -39.00 24.93
N SER C 216 -13.54 -38.51 25.93
CA SER C 216 -12.64 -39.37 26.72
C SER C 216 -13.36 -40.58 27.30
N LYS C 217 -12.69 -41.73 27.29
CA LYS C 217 -13.25 -42.91 27.96
C LYS C 217 -12.76 -43.04 29.40
N HIS C 218 -11.88 -42.15 29.82
CA HIS C 218 -11.32 -42.23 31.16
C HIS C 218 -12.37 -41.91 32.21
N LYS C 219 -12.11 -42.33 33.46
CA LYS C 219 -12.92 -41.89 34.62
C LYS C 219 -12.86 -40.37 34.74
N HIS C 220 -13.89 -39.78 35.35
CA HIS C 220 -13.88 -38.33 35.61
C HIS C 220 -12.90 -38.05 36.72
N ALA C 221 -12.22 -36.91 36.61
CA ALA C 221 -11.29 -36.50 37.65
C ALA C 221 -12.04 -35.72 38.74
N ASN C 222 -12.44 -36.41 39.80
CA ASN C 222 -13.38 -35.86 40.77
C ASN C 222 -12.71 -35.49 42.09
N PHE C 223 -13.42 -34.72 42.93
CA PHE C 223 -12.79 -34.15 44.12
C PHE C 223 -13.63 -34.02 45.38
N TYR C 224 -14.89 -34.49 45.37
CA TYR C 224 -15.63 -34.59 46.65
C TYR C 224 -15.09 -35.75 47.50
N PRO C 225 -15.33 -35.70 48.82
CA PRO C 225 -14.82 -36.77 49.66
C PRO C 225 -15.23 -38.17 49.18
N LYS C 226 -16.44 -38.37 48.70
CA LYS C 226 -16.80 -39.74 48.28
C LYS C 226 -15.90 -40.21 47.15
N HIS C 227 -15.53 -39.28 46.26
CA HIS C 227 -14.61 -39.63 45.16
C HIS C 227 -13.19 -39.89 45.62
N MET C 228 -12.73 -39.09 46.58
CA MET C 228 -11.36 -39.22 47.07
C MET C 228 -11.20 -40.55 47.82
N ILE C 229 -12.23 -40.96 48.56
CA ILE C 229 -12.17 -42.22 49.30
C ILE C 229 -11.97 -43.36 48.31
N GLU C 230 -12.67 -43.30 47.19
CA GLU C 230 -12.46 -44.30 46.14
C GLU C 230 -11.06 -44.18 45.58
N LYS C 231 -10.58 -42.94 45.38
CA LYS C 231 -9.38 -42.72 44.60
C LYS C 231 -8.11 -42.96 45.41
N VAL C 232 -8.07 -42.52 46.67
CA VAL C 232 -6.87 -42.73 47.52
C VAL C 232 -7.11 -43.55 48.78
N GLY C 233 -8.35 -43.99 48.99
CA GLY C 233 -8.61 -44.97 50.04
C GLY C 233 -9.30 -44.41 51.25
N ALA C 234 -9.03 -43.15 51.59
CA ALA C 234 -9.60 -42.53 52.78
C ALA C 234 -9.26 -41.06 52.79
N MET C 235 -10.12 -40.25 53.42
CA MET C 235 -9.79 -38.85 53.72
C MET C 235 -8.84 -38.81 54.91
N ARG C 236 -8.10 -37.71 55.03
CA ARG C 236 -7.36 -37.43 56.26
C ARG C 236 -8.35 -37.26 57.40
N PRO C 237 -7.94 -37.68 58.62
CA PRO C 237 -8.80 -37.39 59.76
C PRO C 237 -8.98 -35.87 59.95
N GLU C 238 -10.11 -35.45 60.49
CA GLU C 238 -10.32 -34.05 60.74
C GLU C 238 -9.20 -33.51 61.62
N ALA C 239 -8.57 -32.41 61.21
CA ALA C 239 -7.54 -31.78 62.04
C ALA C 239 -8.21 -31.19 63.30
N PRO C 240 -7.46 -31.08 64.41
CA PRO C 240 -7.99 -30.35 65.57
C PRO C 240 -8.30 -28.89 65.21
N PRO C 241 -9.34 -28.32 65.82
CA PRO C 241 -9.81 -27.01 65.39
C PRO C 241 -8.88 -25.86 65.80
N ILE C 242 -8.89 -24.80 65.01
CA ILE C 242 -8.32 -23.51 65.40
C ILE C 242 -9.44 -22.48 65.52
N ASN C 243 -9.80 -22.13 66.75
CA ASN C 243 -10.96 -21.28 66.99
C ASN C 243 -10.55 -19.82 67.18
N VAL C 244 -11.23 -18.90 66.48
CA VAL C 244 -11.00 -17.47 66.69
C VAL C 244 -12.25 -16.85 67.27
N THR C 245 -12.11 -16.21 68.43
CA THR C 245 -13.26 -15.55 69.03
C THR C 245 -12.94 -14.10 69.34
N GLN C 246 -13.98 -13.27 69.29
CA GLN C 246 -13.91 -11.90 69.77
C GLN C 246 -14.99 -11.66 70.83
N PRO C 247 -14.73 -12.14 72.08
CA PRO C 247 -15.64 -12.13 73.22
C PRO C 247 -16.24 -10.77 73.51
N GLU C 248 -15.45 -9.70 73.34
CA GLU C 248 -15.95 -8.34 73.55
C GLU C 248 -16.29 -7.56 72.28
N GLY C 249 -16.55 -8.26 71.18
CA GLY C 249 -16.98 -7.58 69.96
C GLY C 249 -15.80 -7.08 69.13
N VAL C 250 -16.08 -6.25 68.13
CA VAL C 250 -15.06 -5.84 67.15
C VAL C 250 -14.74 -4.37 67.36
N SER C 251 -13.64 -3.92 66.78
CA SER C 251 -13.22 -2.57 67.00
C SER C 251 -13.77 -1.64 65.92
N PHE C 252 -14.29 -2.20 64.82
CA PHE C 252 -14.82 -1.35 63.75
C PHE C 252 -16.28 -0.98 64.00
N LYS C 253 -16.71 0.09 63.37
CA LYS C 253 -18.08 0.59 63.57
C LYS C 253 -18.65 0.89 62.20
N MET C 254 -19.81 0.31 61.88
CA MET C 254 -20.49 0.64 60.64
C MET C 254 -21.74 1.41 60.92
N THR C 255 -21.99 2.41 60.07
CA THR C 255 -23.21 3.21 60.14
C THR C 255 -23.83 3.13 58.75
N GLY C 256 -24.77 2.21 58.57
CA GLY C 256 -25.20 1.78 57.24
C GLY C 256 -24.03 1.15 56.48
N ASN C 257 -23.67 1.76 55.36
CA ASN C 257 -22.50 1.34 54.56
C ASN C 257 -21.20 2.06 54.90
N VAL C 258 -21.24 2.96 55.87
CA VAL C 258 -20.06 3.73 56.22
C VAL C 258 -19.26 2.98 57.29
N MET C 259 -17.97 2.83 57.04
CA MET C 259 -17.09 2.09 57.93
C MET C 259 -16.16 3.08 58.63
N GLU C 260 -15.96 2.87 59.93
CA GLU C 260 -14.87 3.54 60.65
C GLU C 260 -14.04 2.48 61.35
N TRP C 261 -12.73 2.51 61.14
CA TRP C 261 -11.85 1.53 61.78
C TRP C 261 -10.42 2.06 61.80
N SER C 262 -9.81 2.12 62.98
CA SER C 262 -8.39 2.51 63.10
C SER C 262 -8.12 3.81 62.33
N ASN C 263 -9.03 4.76 62.48
CA ASN C 263 -8.88 6.13 61.93
C ASN C 263 -9.29 6.26 60.46
N PHE C 264 -9.46 5.11 59.78
CA PHE C 264 -9.98 5.14 58.42
C PHE C 264 -11.47 5.37 58.49
N LYS C 265 -11.98 6.10 57.52
CA LYS C 265 -13.41 6.18 57.28
C LYS C 265 -13.64 6.10 55.78
N PHE C 266 -14.64 5.33 55.36
CA PHE C 266 -14.94 5.17 53.94
C PHE C 266 -16.33 4.58 53.76
N HIS C 267 -16.80 4.61 52.53
CA HIS C 267 -18.12 4.10 52.23
C HIS C 267 -17.93 2.81 51.42
N ILE C 268 -18.61 1.75 51.86
CA ILE C 268 -18.57 0.46 51.16
C ILE C 268 -19.77 0.35 50.23
N GLY C 269 -19.50 0.49 48.94
CA GLY C 269 -20.55 0.41 47.91
C GLY C 269 -20.42 -0.93 47.20
N PHE C 270 -21.36 -1.22 46.30
CA PHE C 270 -21.37 -2.50 45.56
C PHE C 270 -22.23 -2.32 44.33
N ASN C 271 -21.76 -2.82 43.18
CA ASN C 271 -22.63 -2.85 42.03
C ASN C 271 -22.46 -4.11 41.18
N TYR C 272 -23.35 -4.26 40.20
CA TYR C 272 -23.48 -5.49 39.41
C TYR C 272 -22.17 -5.84 38.71
N ARG C 273 -21.32 -4.83 38.50
CA ARG C 273 -20.23 -4.92 37.51
C ARG C 273 -18.88 -5.02 38.21
N GLU C 274 -18.58 -4.02 39.03
CA GLU C 274 -17.29 -3.93 39.69
C GLU C 274 -17.28 -4.78 40.98
N GLY C 275 -18.46 -5.11 41.47
CA GLY C 275 -18.58 -5.70 42.82
C GLY C 275 -18.34 -4.59 43.82
N ILE C 276 -17.38 -4.79 44.71
CA ILE C 276 -17.10 -3.83 45.79
C ILE C 276 -16.52 -2.52 45.23
N VAL C 277 -17.04 -1.38 45.71
CA VAL C 277 -16.53 -0.06 45.33
C VAL C 277 -16.32 0.73 46.62
N LEU C 278 -15.07 1.10 46.89
CA LEU C 278 -14.76 1.80 48.15
C LEU C 278 -14.63 3.28 47.83
N SER C 279 -15.37 4.11 48.56
CA SER C 279 -15.46 5.53 48.20
C SER C 279 -15.11 6.43 49.42
N ASP C 280 -14.73 7.68 49.12
CA ASP C 280 -14.67 8.75 50.13
C ASP C 280 -13.81 8.25 51.30
N VAL C 281 -12.61 7.78 50.97
CA VAL C 281 -11.74 7.15 51.96
C VAL C 281 -10.85 8.26 52.57
N SER C 282 -10.90 8.42 53.89
CA SER C 282 -10.09 9.41 54.61
C SER C 282 -9.42 8.76 55.84
N TYR C 283 -8.41 9.44 56.37
CA TYR C 283 -7.71 8.95 57.57
C TYR C 283 -7.72 10.10 58.60
N ASN C 284 -8.13 9.79 59.83
CA ASN C 284 -8.20 10.78 60.89
C ASN C 284 -6.86 10.87 61.60
N ASP C 285 -6.07 11.86 61.20
CA ASP C 285 -4.71 12.03 61.68
C ASP C 285 -4.76 12.95 62.92
N HIS C 286 -5.05 12.36 64.08
CA HIS C 286 -5.24 13.16 65.31
C HIS C 286 -6.14 14.35 65.19
N GLY C 287 -7.32 14.13 64.62
CA GLY C 287 -8.36 15.15 64.53
C GLY C 287 -8.35 15.90 63.22
N ASN C 288 -7.26 15.77 62.45
CA ASN C 288 -7.23 16.32 61.10
C ASN C 288 -7.63 15.22 60.12
N VAL C 289 -8.88 15.25 59.66
CA VAL C 289 -9.39 14.22 58.76
C VAL C 289 -8.89 14.49 57.34
N ARG C 290 -8.05 13.60 56.82
CA ARG C 290 -7.34 13.85 55.56
C ARG C 290 -7.86 12.89 54.48
N PRO C 291 -8.36 13.43 53.37
CA PRO C 291 -8.78 12.58 52.25
C PRO C 291 -7.58 11.84 51.67
N ILE C 292 -7.83 10.60 51.22
CA ILE C 292 -6.86 9.81 50.47
C ILE C 292 -7.37 9.45 49.06
N PHE C 293 -8.49 8.73 48.99
CA PHE C 293 -9.09 8.36 47.66
C PHE C 293 -10.54 8.76 47.60
N HIS C 294 -10.96 9.27 46.45
CA HIS C 294 -12.37 9.41 46.17
C HIS C 294 -13.06 8.07 45.85
N ARG C 295 -12.40 7.19 45.12
CA ARG C 295 -13.04 5.93 44.72
C ARG C 295 -11.93 4.96 44.33
N ILE C 296 -12.09 3.70 44.74
CA ILE C 296 -11.16 2.67 44.29
C ILE C 296 -11.94 1.36 44.10
N SER C 297 -11.63 0.65 43.02
CA SER C 297 -12.40 -0.55 42.66
C SER C 297 -11.61 -1.25 41.57
N LEU C 298 -12.05 -2.46 41.22
CA LEU C 298 -11.61 -3.10 39.98
C LEU C 298 -12.59 -2.70 38.89
N SER C 299 -12.08 -2.26 37.73
CA SER C 299 -12.95 -1.63 36.71
C SER C 299 -13.10 -2.48 35.43
N GLU C 300 -12.21 -3.46 35.26
CA GLU C 300 -12.27 -4.38 34.13
C GLU C 300 -11.24 -5.50 34.37
N MET C 301 -11.39 -6.59 33.64
CA MET C 301 -10.40 -7.68 33.65
C MET C 301 -10.24 -8.17 32.22
N ILE C 302 -9.17 -8.89 31.93
CA ILE C 302 -9.20 -9.72 30.73
C ILE C 302 -8.38 -10.98 31.01
N VAL C 303 -8.84 -12.11 30.51
CA VAL C 303 -8.18 -13.39 30.84
C VAL C 303 -7.83 -14.09 29.51
N PRO C 304 -6.81 -13.55 28.79
CA PRO C 304 -6.55 -14.01 27.42
C PRO C 304 -5.83 -15.36 27.38
N TYR C 305 -6.43 -16.30 26.65
CA TYR C 305 -5.82 -17.59 26.45
C TYR C 305 -4.80 -17.56 25.30
N GLY C 306 -3.88 -18.52 25.31
CA GLY C 306 -2.65 -18.42 24.54
C GLY C 306 -2.52 -19.54 23.53
N SER C 307 -3.62 -20.22 23.21
CA SER C 307 -3.62 -21.14 22.06
C SER C 307 -4.10 -20.41 20.81
N PRO C 308 -3.29 -20.44 19.72
CA PRO C 308 -3.69 -19.74 18.51
C PRO C 308 -4.73 -20.50 17.67
N GLU C 309 -5.00 -21.76 18.02
CA GLU C 309 -5.85 -22.58 17.18
C GLU C 309 -7.32 -22.17 17.26
N PHE C 310 -8.00 -22.25 16.14
CA PHE C 310 -9.39 -21.84 16.04
C PHE C 310 -10.24 -22.88 16.76
N PRO C 311 -11.23 -22.45 17.56
CA PRO C 311 -11.71 -21.09 17.82
C PRO C 311 -11.21 -20.54 19.15
N HIS C 312 -10.03 -20.98 19.61
CA HIS C 312 -9.62 -20.64 20.98
C HIS C 312 -9.22 -19.18 21.12
N GLN C 313 -9.11 -18.46 20.01
CA GLN C 313 -8.85 -17.01 20.10
C GLN C 313 -10.01 -16.26 20.77
N ARG C 314 -11.19 -16.89 20.80
CA ARG C 314 -12.38 -16.28 21.40
C ARG C 314 -12.44 -16.48 22.90
N LYS C 315 -11.40 -17.08 23.47
CA LYS C 315 -11.29 -17.19 24.93
C LYS C 315 -10.41 -16.07 25.46
N HIS C 316 -11.03 -14.95 25.81
CA HIS C 316 -10.33 -13.82 26.44
C HIS C 316 -11.32 -13.01 27.24
N ALA C 317 -12.03 -13.69 28.14
CA ALA C 317 -13.18 -13.10 28.86
C ALA C 317 -12.74 -11.79 29.52
N LEU C 318 -13.53 -10.72 29.36
CA LEU C 318 -13.38 -9.55 30.20
C LEU C 318 -14.46 -9.63 31.30
N ASP C 319 -14.14 -10.37 32.37
CA ASP C 319 -15.20 -10.92 33.23
C ASP C 319 -16.05 -9.78 33.81
N ILE C 320 -15.39 -8.68 34.17
CA ILE C 320 -16.11 -7.57 34.81
C ILE C 320 -17.12 -6.92 33.84
N GLY C 321 -16.66 -6.61 32.63
CA GLY C 321 -17.52 -5.94 31.65
C GLY C 321 -18.49 -6.88 30.92
N GLU C 322 -18.17 -8.17 30.90
CA GLU C 322 -18.97 -9.11 30.11
C GLU C 322 -19.93 -9.90 30.97
N TYR C 323 -19.64 -10.04 32.27
CA TYR C 323 -20.55 -10.84 33.16
C TYR C 323 -20.90 -10.12 34.45
N GLY C 324 -19.92 -9.44 35.03
CA GLY C 324 -20.15 -8.57 36.21
C GLY C 324 -19.70 -9.26 37.49
N ALA C 325 -18.71 -8.68 38.17
CA ALA C 325 -18.25 -9.23 39.47
C ALA C 325 -19.34 -9.20 40.55
N GLY C 326 -20.33 -8.32 40.39
CA GLY C 326 -21.51 -8.35 41.29
C GLY C 326 -22.49 -9.45 40.89
N TYR C 327 -22.93 -9.44 39.64
CA TYR C 327 -23.81 -10.51 39.12
C TYR C 327 -23.32 -11.93 39.44
N MET C 328 -21.99 -12.10 39.42
CA MET C 328 -21.39 -13.44 39.58
C MET C 328 -21.11 -13.78 41.03
N THR C 329 -21.42 -12.86 41.94
CA THR C 329 -20.83 -12.97 43.27
C THR C 329 -21.55 -14.08 44.08
N ASN C 330 -20.79 -14.80 44.91
CA ASN C 330 -21.35 -15.90 45.73
C ASN C 330 -21.98 -15.33 46.99
N PRO C 331 -23.14 -15.90 47.40
CA PRO C 331 -23.54 -15.70 48.81
C PRO C 331 -22.55 -16.35 49.77
N LEU C 332 -22.07 -15.62 50.76
CA LEU C 332 -20.91 -16.06 51.56
C LEU C 332 -21.30 -16.74 52.90
N SER C 333 -20.29 -17.34 53.55
CA SER C 333 -20.47 -18.41 54.56
C SER C 333 -21.92 -18.87 54.70
N LEU C 334 -22.29 -19.98 54.07
CA LEU C 334 -21.60 -21.28 54.15
C LEU C 334 -20.28 -21.41 53.36
N GLY C 335 -19.24 -21.95 53.99
CA GLY C 335 -19.31 -22.43 55.37
C GLY C 335 -17.99 -23.02 55.88
N CYS C 336 -16.94 -22.22 55.90
CA CYS C 336 -17.08 -20.77 55.85
C CYS C 336 -15.99 -20.08 55.04
N ASP C 337 -16.39 -19.49 53.93
CA ASP C 337 -15.55 -18.60 53.16
C ASP C 337 -14.76 -17.64 54.04
N CYS C 338 -15.40 -17.08 55.06
CA CYS C 338 -14.74 -16.15 55.97
C CYS C 338 -15.06 -16.45 57.43
N LYS C 339 -14.03 -16.76 58.22
CA LYS C 339 -14.23 -17.11 59.64
C LYS C 339 -13.92 -15.95 60.59
N GLY C 340 -14.55 -15.96 61.76
CA GLY C 340 -14.42 -14.87 62.74
C GLY C 340 -15.79 -14.32 63.14
N VAL C 341 -15.79 -13.14 63.78
CA VAL C 341 -16.99 -12.30 63.86
C VAL C 341 -17.14 -11.42 62.61
N ILE C 342 -18.18 -11.69 61.82
CA ILE C 342 -18.35 -11.12 60.48
C ILE C 342 -19.53 -10.16 60.47
N HIS C 343 -19.40 -9.07 59.70
CA HIS C 343 -20.55 -8.24 59.32
C HIS C 343 -20.80 -8.43 57.80
N TYR C 344 -22.02 -8.74 57.40
CA TYR C 344 -22.31 -9.01 55.97
C TYR C 344 -23.10 -7.85 55.38
N LEU C 345 -22.95 -7.62 54.07
CA LEU C 345 -23.87 -6.77 53.30
C LEU C 345 -24.51 -7.59 52.19
N ASP C 346 -25.78 -7.31 51.85
CA ASP C 346 -26.49 -7.99 50.75
C ASP C 346 -26.29 -7.13 49.48
N ALA C 347 -26.45 -7.75 48.30
CA ALA C 347 -26.41 -6.98 47.04
C ALA C 347 -27.80 -7.06 46.39
N HIS C 348 -28.22 -6.00 45.70
CA HIS C 348 -29.53 -6.02 45.04
C HIS C 348 -29.36 -5.60 43.57
N PHE C 349 -29.96 -6.36 42.65
CA PHE C 349 -29.94 -6.04 41.22
C PHE C 349 -31.38 -6.07 40.66
N SER C 350 -31.53 -5.89 39.35
CA SER C 350 -32.80 -6.19 38.66
C SER C 350 -32.67 -7.48 37.85
N ASP C 351 -33.75 -8.26 37.76
CA ASP C 351 -33.84 -9.30 36.76
C ASP C 351 -34.49 -8.80 35.46
N ARG C 352 -34.61 -9.68 34.46
CA ARG C 352 -35.06 -9.23 33.13
C ARG C 352 -36.47 -8.64 33.20
N ALA C 353 -37.27 -9.15 34.13
CA ALA C 353 -38.65 -8.68 34.28
C ALA C 353 -38.74 -7.32 35.00
N GLY C 354 -37.61 -6.82 35.47
CA GLY C 354 -37.62 -5.54 36.20
C GLY C 354 -37.91 -5.72 37.68
N ASP C 355 -37.85 -6.95 38.18
CA ASP C 355 -38.00 -7.18 39.61
C ASP C 355 -36.66 -7.17 40.34
N PRO C 356 -36.63 -6.67 41.58
CA PRO C 356 -35.36 -6.72 42.32
C PRO C 356 -34.99 -8.14 42.71
N ILE C 357 -33.70 -8.44 42.62
CA ILE C 357 -33.20 -9.69 43.13
C ILE C 357 -32.06 -9.42 44.11
N THR C 358 -31.89 -10.35 45.04
CA THR C 358 -30.96 -10.14 46.16
C THR C 358 -29.95 -11.26 46.17
N VAL C 359 -28.67 -10.92 46.31
CA VAL C 359 -27.67 -11.90 46.72
C VAL C 359 -27.38 -11.64 48.19
N LYS C 360 -27.80 -12.57 49.05
CA LYS C 360 -27.55 -12.45 50.48
C LYS C 360 -26.05 -12.60 50.81
N ASN C 361 -25.56 -11.79 51.73
CA ASN C 361 -24.21 -11.96 52.25
C ASN C 361 -23.22 -11.94 51.08
N ALA C 362 -23.34 -10.92 50.24
CA ALA C 362 -22.44 -10.78 49.09
C ALA C 362 -21.05 -10.27 49.53
N VAL C 363 -21.04 -9.48 50.61
CA VAL C 363 -19.78 -8.84 51.06
C VAL C 363 -19.57 -9.23 52.51
N CYS C 364 -18.35 -9.65 52.83
CA CYS C 364 -17.99 -10.05 54.19
C CYS C 364 -17.03 -8.99 54.75
N ILE C 365 -17.24 -8.57 56.01
CA ILE C 365 -16.37 -7.56 56.63
C ILE C 365 -15.95 -8.10 57.98
N HIS C 366 -14.64 -8.16 58.23
CA HIS C 366 -14.18 -8.62 59.52
C HIS C 366 -12.78 -8.12 59.77
N GLU C 367 -12.37 -8.18 61.02
CA GLU C 367 -11.00 -7.79 61.34
C GLU C 367 -10.26 -9.01 61.82
N GLU C 368 -8.97 -9.07 61.56
CA GLU C 368 -8.19 -10.18 62.05
C GLU C 368 -6.75 -9.83 62.35
N ASP C 369 -6.13 -10.69 63.16
CA ASP C 369 -4.71 -10.52 63.47
CA ASP C 369 -4.70 -10.63 63.46
C ASP C 369 -3.90 -10.54 62.19
N ASP C 370 -2.89 -9.67 62.17
CA ASP C 370 -2.02 -9.62 61.01
C ASP C 370 -0.55 -9.63 61.41
N GLY C 371 -0.20 -10.37 62.45
CA GLY C 371 1.20 -10.51 62.85
C GLY C 371 1.68 -9.24 63.54
N LEU C 372 2.97 -8.95 63.43
CA LEU C 372 3.55 -7.84 64.19
C LEU C 372 3.33 -6.58 63.39
N LEU C 373 3.04 -5.47 64.07
CA LEU C 373 2.98 -4.18 63.41
C LEU C 373 4.37 -3.52 63.47
N PHE C 374 5.01 -3.58 64.65
CA PHE C 374 6.42 -3.21 64.78
C PHE C 374 7.01 -3.72 66.10
N LYS C 375 8.34 -3.76 66.16
CA LYS C 375 9.07 -4.25 67.33
C LYS C 375 10.45 -3.59 67.32
N HIS C 376 10.98 -3.31 68.50
CA HIS C 376 12.41 -3.04 68.63
C HIS C 376 12.84 -3.37 70.03
N SER C 377 14.04 -3.92 70.16
CA SER C 377 14.64 -4.25 71.46
C SER C 377 16.07 -3.73 71.47
N ASP C 378 16.59 -3.43 72.66
CA ASP C 378 17.93 -2.88 72.80
C ASP C 378 18.86 -4.02 73.20
N PHE C 379 19.91 -4.28 72.41
CA PHE C 379 20.89 -5.31 72.71
C PHE C 379 21.62 -5.02 74.02
N ARG C 380 21.61 -3.74 74.44
CA ARG C 380 22.50 -3.34 75.55
C ARG C 380 22.13 -4.01 76.87
N ASP C 381 20.86 -4.33 77.06
CA ASP C 381 20.45 -5.11 78.23
C ASP C 381 19.84 -6.44 77.83
N ASN C 382 20.41 -7.04 76.78
CA ASN C 382 19.96 -8.34 76.25
CA ASN C 382 19.96 -8.34 76.30
C ASN C 382 18.47 -8.35 75.93
N PHE C 383 18.00 -7.26 75.32
CA PHE C 383 16.62 -7.14 74.85
C PHE C 383 15.59 -7.04 75.95
N ALA C 384 16.03 -6.71 77.17
CA ALA C 384 15.07 -6.42 78.24
C ALA C 384 14.29 -5.15 77.89
N THR C 385 14.99 -4.17 77.34
CA THR C 385 14.33 -2.98 76.82
C THR C 385 13.71 -3.39 75.48
N SER C 386 12.39 -3.40 75.44
CA SER C 386 11.67 -3.96 74.29
C SER C 386 10.26 -3.43 74.19
N LEU C 387 9.85 -3.16 72.95
CA LEU C 387 8.47 -2.82 72.64
C LEU C 387 8.00 -3.63 71.44
N VAL C 388 6.80 -4.20 71.55
CA VAL C 388 6.21 -5.02 70.51
C VAL C 388 4.74 -4.61 70.41
N THR C 389 4.27 -4.33 69.20
CA THR C 389 2.85 -4.04 68.97
C THR C 389 2.32 -4.90 67.84
N ARG C 390 1.24 -5.62 68.11
CA ARG C 390 0.67 -6.56 67.13
C ARG C 390 -0.22 -5.79 66.19
N ALA C 391 -0.33 -6.27 64.96
CA ALA C 391 -1.15 -5.63 63.92
C ALA C 391 -2.54 -6.26 63.84
N THR C 392 -3.53 -5.43 63.52
CA THR C 392 -4.83 -5.91 63.12
C THR C 392 -5.12 -5.37 61.73
N LYS C 393 -5.75 -6.19 60.90
CA LYS C 393 -6.17 -5.71 59.58
C LYS C 393 -7.66 -5.81 59.47
N LEU C 394 -8.23 -4.88 58.69
CA LEU C 394 -9.67 -4.94 58.38
C LEU C 394 -9.84 -5.43 56.95
N VAL C 395 -10.78 -6.35 56.73
CA VAL C 395 -10.85 -7.06 55.44
C VAL C 395 -12.28 -6.92 54.91
N VAL C 396 -12.42 -6.42 53.67
CA VAL C 396 -13.74 -6.29 53.05
C VAL C 396 -13.68 -7.13 51.79
N SER C 397 -14.49 -8.20 51.71
CA SER C 397 -14.26 -9.21 50.66
C SER C 397 -15.52 -9.71 49.97
N GLN C 398 -15.31 -10.27 48.78
CA GLN C 398 -16.35 -10.99 48.08
C GLN C 398 -15.64 -12.12 47.33
N ILE C 399 -16.42 -13.10 46.89
CA ILE C 399 -15.88 -14.15 46.01
C ILE C 399 -16.89 -14.27 44.87
N PHE C 400 -16.43 -14.22 43.62
CA PHE C 400 -17.36 -14.43 42.49
C PHE C 400 -16.91 -15.63 41.60
N THR C 401 -17.86 -16.24 40.92
CA THR C 401 -17.57 -17.44 40.12
C THR C 401 -17.83 -17.08 38.66
N ALA C 402 -16.81 -17.21 37.82
CA ALA C 402 -16.95 -16.98 36.41
C ALA C 402 -16.84 -18.37 35.73
N ALA C 403 -17.97 -19.07 35.68
CA ALA C 403 -18.05 -20.44 35.16
C ALA C 403 -17.10 -21.36 35.89
N ASN C 404 -15.96 -21.66 35.28
CA ASN C 404 -14.96 -22.56 35.92
C ASN C 404 -14.15 -21.96 37.07
N TYR C 405 -13.84 -20.66 37.00
CA TYR C 405 -12.94 -20.02 37.98
C TYR C 405 -13.65 -19.34 39.17
N GLU C 406 -12.94 -19.23 40.30
CA GLU C 406 -13.43 -18.47 41.47
C GLU C 406 -12.38 -17.39 41.72
N TYR C 407 -12.84 -16.17 41.87
CA TYR C 407 -11.97 -15.06 42.22
C TYR C 407 -12.36 -14.55 43.62
N CYS C 408 -11.43 -14.67 44.57
CA CYS C 408 -11.65 -14.21 45.94
C CYS C 408 -10.94 -12.86 46.11
N LEU C 409 -11.70 -11.83 46.44
CA LEU C 409 -11.17 -10.45 46.42
C LEU C 409 -11.20 -9.89 47.83
N TYR C 410 -10.05 -9.44 48.32
CA TYR C 410 -9.96 -8.99 49.71
C TYR C 410 -9.36 -7.58 49.74
N TRP C 411 -10.17 -6.59 50.10
CA TRP C 411 -9.65 -5.24 50.26
C TRP C 411 -9.24 -5.11 51.71
N VAL C 412 -7.99 -4.76 51.93
CA VAL C 412 -7.41 -4.87 53.27
C VAL C 412 -6.91 -3.49 53.74
N PHE C 413 -7.37 -3.05 54.91
CA PHE C 413 -6.85 -1.80 55.50
C PHE C 413 -5.93 -2.12 56.66
N MET C 414 -4.81 -1.40 56.78
CA MET C 414 -3.80 -1.74 57.77
C MET C 414 -3.47 -0.58 58.69
N GLN C 415 -2.90 -0.89 59.83
CA GLN C 415 -2.75 0.12 60.86
C GLN C 415 -1.57 1.07 60.69
N ASP C 416 -0.77 0.83 59.66
CA ASP C 416 0.23 1.82 59.28
C ASP C 416 -0.30 2.75 58.20
N GLY C 417 -1.60 2.64 57.93
CA GLY C 417 -2.28 3.49 56.98
C GLY C 417 -2.19 3.03 55.54
N ALA C 418 -1.60 1.86 55.34
CA ALA C 418 -1.58 1.27 54.00
C ALA C 418 -2.91 0.55 53.69
N ILE C 419 -3.15 0.40 52.40
CA ILE C 419 -4.30 -0.32 51.84
C ILE C 419 -3.78 -1.32 50.82
N ARG C 420 -4.24 -2.57 50.91
CA ARG C 420 -3.73 -3.63 50.05
C ARG C 420 -4.92 -4.25 49.35
N LEU C 421 -4.74 -4.69 48.10
CA LEU C 421 -5.72 -5.58 47.49
C LEU C 421 -5.09 -6.96 47.33
N ASP C 422 -5.70 -7.96 47.98
CA ASP C 422 -5.22 -9.35 47.86
C ASP C 422 -6.26 -10.12 47.06
N ILE C 423 -5.80 -10.95 46.12
CA ILE C 423 -6.71 -11.77 45.33
C ILE C 423 -6.22 -13.19 45.47
N ARG C 424 -7.16 -14.13 45.61
CA ARG C 424 -6.86 -15.56 45.53
C ARG C 424 -7.68 -16.19 44.44
N LEU C 425 -6.98 -16.81 43.48
CA LEU C 425 -7.64 -17.45 42.38
CA LEU C 425 -7.61 -17.46 42.34
C LEU C 425 -7.77 -18.94 42.70
N THR C 426 -8.98 -19.49 42.54
CA THR C 426 -9.18 -20.91 42.72
C THR C 426 -10.29 -21.35 41.75
N GLY C 427 -10.92 -22.50 42.00
CA GLY C 427 -11.85 -23.06 41.04
C GLY C 427 -11.12 -24.04 40.12
N ILE C 428 -11.57 -24.10 38.87
CA ILE C 428 -11.19 -25.20 37.97
C ILE C 428 -10.57 -24.61 36.71
N LEU C 429 -9.46 -25.22 36.27
CA LEU C 429 -8.90 -24.91 34.94
C LEU C 429 -9.97 -25.00 33.85
N ASN C 430 -9.95 -24.05 32.92
CA ASN C 430 -10.64 -24.27 31.67
C ASN C 430 -9.89 -25.32 30.87
N THR C 431 -10.62 -26.29 30.33
CA THR C 431 -9.99 -27.42 29.62
C THR C 431 -10.61 -27.61 28.23
N TYR C 432 -9.79 -28.09 27.30
CA TYR C 432 -10.27 -28.51 25.99
C TYR C 432 -9.78 -29.94 25.76
N ILE C 433 -10.37 -30.63 24.77
CA ILE C 433 -10.04 -32.04 24.60
C ILE C 433 -8.66 -32.22 23.90
N LEU C 434 -7.98 -33.28 24.29
CA LEU C 434 -6.68 -33.61 23.74
C LEU C 434 -6.76 -35.05 23.24
N GLY C 435 -6.36 -35.29 21.98
CA GLY C 435 -6.36 -36.65 21.42
C GLY C 435 -5.32 -37.53 22.09
N ASP C 436 -5.49 -38.84 22.00
CA ASP C 436 -4.55 -39.79 22.61
C ASP C 436 -3.08 -39.51 22.29
N ASP C 437 -2.80 -39.17 21.03
CA ASP C 437 -1.42 -38.96 20.60
C ASP C 437 -1.10 -37.50 20.32
N GLU C 438 -1.91 -36.59 20.85
CA GLU C 438 -1.79 -35.16 20.55
C GLU C 438 -0.93 -34.52 21.65
N GLU C 439 0.04 -33.71 21.24
CA GLU C 439 0.90 -32.99 22.20
C GLU C 439 0.15 -31.71 22.59
N ALA C 440 0.03 -31.44 23.89
CA ALA C 440 -0.61 -30.20 24.35
C ALA C 440 0.31 -28.95 24.17
N GLY C 441 1.62 -29.14 24.33
CA GLY C 441 2.55 -27.99 24.33
C GLY C 441 2.68 -27.52 22.89
N PRO C 442 3.11 -26.27 22.67
CA PRO C 442 3.60 -25.38 23.71
C PRO C 442 2.48 -24.49 24.27
N TRP C 443 1.24 -24.69 23.83
CA TRP C 443 0.16 -23.76 24.19
C TRP C 443 -0.63 -24.20 25.42
N GLY C 444 -0.41 -25.42 25.90
CA GLY C 444 -1.19 -25.91 27.03
C GLY C 444 -0.47 -27.07 27.66
N THR C 445 -1.09 -27.66 28.67
CA THR C 445 -0.49 -28.74 29.45
C THR C 445 -1.51 -29.87 29.51
N ARG C 446 -1.03 -31.11 29.35
CA ARG C 446 -1.89 -32.29 29.60
C ARG C 446 -1.93 -32.53 31.11
N VAL C 447 -3.02 -32.12 31.76
CA VAL C 447 -3.09 -32.16 33.26
C VAL C 447 -3.81 -33.45 33.72
N TYR C 448 -4.28 -34.24 32.75
CA TYR C 448 -5.03 -35.48 32.99
C TYR C 448 -5.21 -36.12 31.57
N PRO C 449 -5.42 -37.44 31.50
CA PRO C 449 -5.48 -38.02 30.14
C PRO C 449 -6.61 -37.43 29.27
N ASN C 450 -6.26 -37.05 28.03
CA ASN C 450 -7.17 -36.41 27.07
C ASN C 450 -7.65 -35.01 27.50
N VAL C 451 -6.92 -34.34 28.38
CA VAL C 451 -7.33 -33.02 28.86
C VAL C 451 -6.21 -32.02 28.58
N ASN C 452 -6.50 -30.98 27.79
CA ASN C 452 -5.52 -29.91 27.50
C ASN C 452 -5.97 -28.61 28.20
N ALA C 453 -5.20 -28.18 29.19
CA ALA C 453 -5.47 -26.90 29.88
C ALA C 453 -4.59 -25.84 29.22
N HIS C 454 -5.22 -24.96 28.45
CA HIS C 454 -4.47 -23.94 27.69
C HIS C 454 -3.84 -22.89 28.61
N ASN C 455 -2.69 -22.38 28.17
CA ASN C 455 -2.02 -21.22 28.80
C ASN C 455 -2.96 -20.03 28.77
N HIS C 456 -2.88 -19.16 29.79
CA HIS C 456 -3.67 -17.92 29.79
C HIS C 456 -3.07 -16.94 30.80
N GLN C 457 -3.43 -15.66 30.68
CA GLN C 457 -3.12 -14.67 31.71
C GLN C 457 -4.40 -14.30 32.43
N HIS C 458 -4.27 -13.88 33.69
CA HIS C 458 -5.38 -13.16 34.34
C HIS C 458 -4.93 -11.72 34.60
N LEU C 459 -5.58 -10.74 33.99
CA LEU C 459 -5.16 -9.33 34.12
C LEU C 459 -6.33 -8.52 34.64
N PHE C 460 -6.04 -7.52 35.46
CA PHE C 460 -7.08 -6.77 36.18
C PHE C 460 -6.72 -5.29 36.01
N SER C 461 -7.75 -4.45 35.94
CA SER C 461 -7.55 -3.01 35.85
C SER C 461 -8.07 -2.34 37.12
N LEU C 462 -7.18 -2.05 38.05
CA LEU C 462 -7.51 -1.32 39.27
C LEU C 462 -7.70 0.18 38.94
N ARG C 463 -8.86 0.72 39.29
CA ARG C 463 -9.17 2.12 38.99
C ARG C 463 -9.08 2.91 40.28
N ILE C 464 -8.17 3.88 40.31
CA ILE C 464 -7.98 4.75 41.48
C ILE C 464 -8.32 6.18 41.11
N ASP C 465 -9.27 6.75 41.85
CA ASP C 465 -9.60 8.16 41.75
C ASP C 465 -9.10 8.81 43.03
N PRO C 466 -7.90 9.42 42.97
CA PRO C 466 -7.24 9.80 44.18
C PRO C 466 -7.64 11.20 44.64
N ARG C 467 -7.38 11.48 45.91
CA ARG C 467 -7.55 12.83 46.45
C ARG C 467 -6.52 12.97 47.54
N ILE C 468 -5.24 12.74 47.22
CA ILE C 468 -4.26 12.56 48.28
C ILE C 468 -4.16 13.86 49.08
N ASP C 469 -4.59 13.81 50.35
CA ASP C 469 -4.59 15.00 51.19
C ASP C 469 -5.36 16.13 50.50
N GLY C 470 -6.36 15.82 49.70
CA GLY C 470 -7.19 16.86 49.08
C GLY C 470 -7.01 16.91 47.58
N ASP C 471 -7.54 17.93 46.93
CA ASP C 471 -7.69 17.89 45.47
C ASP C 471 -6.51 18.53 44.76
N GLY C 472 -6.24 18.09 43.52
CA GLY C 472 -5.08 18.56 42.77
C GLY C 472 -3.92 17.59 43.01
N ASN C 473 -3.84 16.56 42.19
CA ASN C 473 -2.88 15.47 42.40
C ASN C 473 -2.07 15.27 41.11
N SER C 474 -0.96 14.52 41.24
CA SER C 474 -0.11 14.16 40.11
C SER C 474 0.32 12.71 40.35
N ALA C 475 0.94 12.12 39.34
CA ALA C 475 1.50 10.77 39.46
C ALA C 475 2.90 10.75 38.90
N ALA C 476 3.72 9.82 39.39
CA ALA C 476 5.12 9.71 38.95
C ALA C 476 5.55 8.25 38.92
N ALA C 477 6.52 7.92 38.05
CA ALA C 477 7.30 6.69 38.19
C ALA C 477 8.54 6.95 39.04
N CYS C 478 8.85 6.01 39.93
CA CYS C 478 10.01 6.11 40.84
C CYS C 478 10.93 4.92 40.54
N ASP C 479 12.13 5.24 40.05
CA ASP C 479 13.10 4.22 39.66
C ASP C 479 14.36 4.33 40.50
N ALA C 480 14.80 3.21 41.09
CA ALA C 480 16.10 3.18 41.77
C ALA C 480 17.20 3.16 40.74
N LYS C 481 18.19 4.03 40.90
CA LYS C 481 19.27 4.16 39.95
C LYS C 481 20.58 4.31 40.69
N SER C 482 21.66 3.71 40.20
CA SER C 482 23.01 4.04 40.68
CA SER C 482 22.97 4.05 40.73
C SER C 482 23.33 5.47 40.29
N SER C 483 24.16 6.15 41.07
CA SER C 483 24.70 7.44 40.64
C SER C 483 25.27 7.29 39.21
N PRO C 484 25.14 8.35 38.38
CA PRO C 484 25.77 8.30 37.06
C PRO C 484 27.30 8.48 37.13
N TYR C 485 27.83 8.93 38.26
CA TYR C 485 29.29 9.07 38.41
C TYR C 485 29.94 7.72 38.65
N PRO C 486 31.09 7.48 38.02
CA PRO C 486 31.72 6.16 38.02
C PRO C 486 32.41 5.84 39.34
N LEU C 487 32.62 4.57 39.59
CA LEU C 487 33.48 4.08 40.67
C LEU C 487 34.84 4.79 40.59
N GLY C 488 35.32 5.33 41.72
CA GLY C 488 36.66 5.95 41.75
C GLY C 488 36.64 7.45 41.49
N SER C 489 35.47 8.00 41.19
CA SER C 489 35.36 9.46 41.00
C SER C 489 35.25 10.14 42.38
N PRO C 490 35.53 11.46 42.44
CA PRO C 490 35.32 12.12 43.73
C PRO C 490 33.86 12.02 44.23
N GLU C 491 32.91 11.96 43.27
CA GLU C 491 31.46 11.95 43.58
C GLU C 491 30.97 10.58 44.05
N ASN C 492 31.70 9.53 43.72
CA ASN C 492 31.21 8.15 43.98
C ASN C 492 32.40 7.25 44.23
N MET C 493 33.27 7.64 45.18
CA MET C 493 34.61 7.03 45.30
C MET C 493 34.53 5.48 45.33
N TYR C 494 33.60 4.93 46.12
CA TYR C 494 33.53 3.48 46.31
C TYR C 494 32.39 2.87 45.53
N GLY C 495 31.73 3.66 44.67
CA GLY C 495 30.78 3.07 43.71
C GLY C 495 29.43 2.67 44.29
N ASN C 496 29.14 3.09 45.52
CA ASN C 496 27.93 2.66 46.26
C ASN C 496 26.73 3.60 46.15
N ALA C 497 26.94 4.81 45.64
CA ALA C 497 25.87 5.83 45.64
C ALA C 497 24.65 5.40 44.82
N PHE C 498 23.44 5.59 45.35
CA PHE C 498 22.24 5.37 44.54
C PHE C 498 21.09 6.23 45.06
N TYR C 499 20.08 6.47 44.20
CA TYR C 499 19.02 7.41 44.52
C TYR C 499 17.74 6.95 43.83
N SER C 500 16.65 7.63 44.11
CA SER C 500 15.39 7.33 43.48
C SER C 500 15.09 8.42 42.47
N GLU C 501 14.99 8.05 41.20
CA GLU C 501 14.73 9.01 40.16
C GLU C 501 13.22 9.09 39.96
N LYS C 502 12.65 10.26 40.23
CA LYS C 502 11.21 10.43 40.13
C LYS C 502 10.87 11.12 38.82
N THR C 503 10.08 10.46 38.00
CA THR C 503 9.63 11.07 36.75
C THR C 503 8.17 11.44 36.92
N THR C 504 7.88 12.73 37.06
CA THR C 504 6.48 13.15 37.22
C THR C 504 5.83 13.18 35.85
N PHE C 505 4.62 12.63 35.75
CA PHE C 505 3.95 12.60 34.45
C PHE C 505 3.27 13.95 34.18
N LYS C 506 3.66 14.59 33.09
CA LYS C 506 3.11 15.91 32.76
CA LYS C 506 3.12 15.90 32.76
C LYS C 506 1.89 15.77 31.87
N THR C 507 1.98 14.90 30.86
CA THR C 507 0.84 14.61 29.96
C THR C 507 0.53 13.10 29.99
N VAL C 508 -0.66 12.76 29.51
CA VAL C 508 -1.12 11.36 29.53
C VAL C 508 -0.05 10.46 28.95
N LYS C 509 0.50 10.86 27.81
CA LYS C 509 1.51 10.00 27.16
C LYS C 509 2.66 9.61 28.08
N ASP C 510 3.12 10.57 28.92
CA ASP C 510 4.19 10.28 29.89
C ASP C 510 3.87 9.12 30.85
N SER C 511 2.59 8.97 31.18
CA SER C 511 2.18 8.04 32.24
C SER C 511 2.18 6.57 31.78
N LEU C 512 2.24 6.34 30.47
CA LEU C 512 2.03 5.00 29.93
C LEU C 512 3.28 4.15 30.12
N THR C 513 3.35 3.47 31.26
CA THR C 513 4.62 2.95 31.75
C THR C 513 4.36 1.52 32.28
N ASN C 514 5.41 0.71 32.26
CA ASN C 514 5.32 -0.66 32.72
C ASN C 514 6.12 -0.82 33.98
N TYR C 515 5.82 -1.86 34.75
CA TYR C 515 6.71 -2.24 35.85
C TYR C 515 8.09 -2.64 35.28
N GLU C 516 9.17 -2.22 35.93
CA GLU C 516 10.51 -2.56 35.46
C GLU C 516 11.31 -3.14 36.61
N SER C 517 11.63 -4.43 36.51
CA SER C 517 12.45 -5.07 37.53
C SER C 517 13.85 -4.40 37.64
N ALA C 518 14.32 -3.85 36.53
CA ALA C 518 15.69 -3.29 36.51
C ALA C 518 15.83 -2.08 37.42
N THR C 519 14.71 -1.42 37.77
CA THR C 519 14.79 -0.22 38.61
C THR C 519 13.96 -0.40 39.89
N GLY C 520 13.37 -1.58 40.03
CA GLY C 520 12.40 -1.84 41.09
C GLY C 520 11.28 -0.80 41.10
N ARG C 521 10.70 -0.55 39.93
CA ARG C 521 9.84 0.61 39.76
C ARG C 521 8.64 0.61 40.73
N SER C 522 8.34 1.77 41.29
CA SER C 522 7.07 1.95 41.99
C SER C 522 6.43 3.24 41.41
N TRP C 523 5.18 3.52 41.77
CA TRP C 523 4.56 4.76 41.30
C TRP C 523 4.00 5.53 42.48
N ASP C 524 4.16 6.85 42.45
CA ASP C 524 3.61 7.70 43.51
C ASP C 524 2.37 8.40 42.97
N ILE C 525 1.37 8.52 43.82
CA ILE C 525 0.27 9.43 43.57
C ILE C 525 0.34 10.45 44.68
N PHE C 526 0.52 11.71 44.31
CA PHE C 526 0.89 12.73 45.32
C PHE C 526 0.16 14.04 45.14
N ASN C 527 0.27 14.91 46.15
CA ASN C 527 -0.32 16.21 46.08
C ASN C 527 0.81 17.23 46.00
N PRO C 528 1.07 17.79 44.81
CA PRO C 528 2.21 18.67 44.61
C PRO C 528 1.98 20.04 45.26
N ASN C 529 0.77 20.26 45.79
CA ASN C 529 0.44 21.51 46.48
C ASN C 529 0.83 21.54 47.92
N LYS C 530 1.32 20.41 48.43
CA LYS C 530 1.62 20.30 49.85
C LYS C 530 3.01 19.71 50.06
N VAL C 531 3.57 19.95 51.23
CA VAL C 531 4.87 19.39 51.52
CA VAL C 531 4.94 19.54 51.54
C VAL C 531 4.95 18.87 52.93
N ASN C 532 5.63 17.74 53.07
CA ASN C 532 5.90 17.18 54.39
C ASN C 532 6.92 18.09 55.13
N PRO C 533 6.63 18.48 56.39
CA PRO C 533 7.49 19.46 57.07
C PRO C 533 8.85 18.91 57.48
N TYR C 534 8.97 17.58 57.52
CA TYR C 534 10.27 16.96 57.76
C TYR C 534 11.05 16.72 56.47
N SER C 535 10.50 15.89 55.58
CA SER C 535 11.26 15.40 54.42
C SER C 535 11.31 16.41 53.30
N GLY C 536 10.37 17.36 53.28
CA GLY C 536 10.33 18.34 52.21
C GLY C 536 9.67 17.82 50.95
N LYS C 537 9.17 16.58 50.98
CA LYS C 537 8.56 15.96 49.78
C LYS C 537 7.04 16.09 49.86
N PRO C 538 6.33 15.96 48.72
CA PRO C 538 4.87 16.02 48.76
C PRO C 538 4.26 14.75 49.40
N PRO C 539 3.11 14.89 50.10
CA PRO C 539 2.46 13.71 50.66
C PRO C 539 2.02 12.81 49.52
N SER C 540 2.18 11.50 49.68
CA SER C 540 1.89 10.56 48.61
C SER C 540 1.36 9.27 49.17
N TYR C 541 0.65 8.52 48.31
CA TYR C 541 0.53 7.09 48.47
C TYR C 541 1.30 6.44 47.31
N LYS C 542 2.10 5.45 47.67
CA LYS C 542 2.97 4.80 46.70
C LYS C 542 2.39 3.44 46.32
N LEU C 543 2.19 3.21 45.02
CA LEU C 543 1.75 1.91 44.51
C LEU C 543 2.98 1.01 44.45
N VAL C 544 2.96 -0.04 45.28
CA VAL C 544 4.01 -1.07 45.28
C VAL C 544 3.43 -2.37 44.75
N SER C 545 3.84 -2.74 43.55
CA SER C 545 3.11 -3.77 42.84
C SER C 545 4.08 -4.41 41.87
N THR C 546 4.31 -5.72 41.99
CA THR C 546 5.28 -6.33 41.10
C THR C 546 4.65 -7.47 40.28
N GLN C 547 3.41 -7.83 40.59
CA GLN C 547 2.79 -8.84 39.76
C GLN C 547 2.13 -8.18 38.56
N CYS C 548 2.97 -7.79 37.62
CA CYS C 548 2.59 -6.87 36.53
C CYS C 548 3.03 -7.48 35.21
N PRO C 549 2.28 -8.48 34.71
CA PRO C 549 2.75 -9.20 33.50
C PRO C 549 2.71 -8.27 32.28
N PRO C 550 3.65 -8.44 31.33
CA PRO C 550 3.37 -7.76 30.06
C PRO C 550 2.14 -8.42 29.45
N LEU C 551 1.44 -7.70 28.58
CA LEU C 551 0.37 -8.32 27.81
C LEU C 551 1.03 -9.15 26.71
N LEU C 552 0.80 -10.47 26.67
CA LEU C 552 1.58 -11.32 25.75
C LEU C 552 1.00 -11.34 24.33
N ALA C 553 -0.31 -11.06 24.19
CA ALA C 553 -0.92 -10.95 22.83
C ALA C 553 -0.31 -9.77 22.09
N LYS C 554 -0.15 -9.89 20.77
CA LYS C 554 0.61 -8.91 20.00
C LYS C 554 -0.13 -7.57 19.92
N GLU C 555 0.61 -6.52 19.56
CA GLU C 555 -0.03 -5.25 19.20
C GLU C 555 -0.93 -5.48 18.03
N GLY C 556 -2.12 -4.90 18.12
CA GLY C 556 -3.08 -5.04 17.06
C GLY C 556 -3.85 -6.32 17.10
N SER C 557 -3.56 -7.22 18.06
CA SER C 557 -4.37 -8.44 18.20
C SER C 557 -5.78 -8.08 18.69
N LEU C 558 -6.67 -9.05 18.63
CA LEU C 558 -8.01 -8.89 19.16
C LEU C 558 -8.01 -8.59 20.68
N VAL C 559 -7.20 -9.34 21.43
CA VAL C 559 -6.99 -9.07 22.87
C VAL C 559 -6.50 -7.63 23.12
N ALA C 560 -5.43 -7.24 22.44
CA ALA C 560 -4.83 -5.93 22.70
C ALA C 560 -5.81 -4.80 22.32
N LYS C 561 -6.61 -5.00 21.27
CA LYS C 561 -7.56 -3.97 20.83
C LYS C 561 -8.76 -3.81 21.79
N ARG C 562 -9.28 -4.93 22.28
CA ARG C 562 -10.45 -4.90 23.17
C ARG C 562 -10.09 -4.50 24.62
N ALA C 563 -8.82 -4.60 24.97
CA ALA C 563 -8.33 -4.19 26.31
C ALA C 563 -7.15 -3.24 26.16
N PRO C 564 -7.40 -2.00 25.69
CA PRO C 564 -6.30 -1.08 25.43
C PRO C 564 -5.57 -0.67 26.71
N TRP C 565 -6.23 -0.84 27.86
CA TRP C 565 -5.60 -0.55 29.16
C TRP C 565 -4.54 -1.57 29.54
N ALA C 566 -4.63 -2.80 28.99
CA ALA C 566 -3.80 -3.91 29.49
C ALA C 566 -2.37 -3.85 28.99
N SER C 567 -2.12 -3.03 27.98
CA SER C 567 -0.80 -2.94 27.32
CA SER C 567 -0.78 -3.06 27.39
C SER C 567 0.21 -2.20 28.16
N HIS C 568 -0.26 -1.48 29.20
CA HIS C 568 0.64 -0.78 30.13
C HIS C 568 0.30 -1.11 31.56
N SER C 569 1.32 -1.15 32.42
CA SER C 569 1.04 -1.35 33.85
C SER C 569 0.31 -0.13 34.42
N VAL C 570 0.59 1.05 33.87
CA VAL C 570 -0.03 2.30 34.42
C VAL C 570 -0.51 3.15 33.28
N ASN C 571 -1.74 3.66 33.40
CA ASN C 571 -2.33 4.61 32.46
C ASN C 571 -2.93 5.69 33.37
N VAL C 572 -2.51 6.95 33.21
CA VAL C 572 -3.18 8.03 33.95
C VAL C 572 -3.83 9.03 32.99
N VAL C 573 -5.10 9.33 33.21
CA VAL C 573 -5.83 10.23 32.32
C VAL C 573 -6.52 11.28 33.17
N PRO C 574 -7.00 12.37 32.52
CA PRO C 574 -7.80 13.34 33.29
C PRO C 574 -9.09 12.72 33.77
N TYR C 575 -9.56 13.17 34.92
CA TYR C 575 -10.88 12.77 35.41
C TYR C 575 -11.92 13.43 34.51
N LYS C 576 -12.94 12.67 34.13
CA LYS C 576 -14.26 13.21 33.71
C LYS C 576 -15.32 12.29 34.29
N ASP C 577 -16.53 12.80 34.49
CA ASP C 577 -17.54 11.94 35.06
C ASP C 577 -17.77 10.76 34.11
N ASN C 578 -18.21 9.64 34.67
CA ASN C 578 -18.54 8.48 33.86
C ASN C 578 -17.36 7.87 33.08
N ARG C 579 -16.12 8.07 33.56
CA ARG C 579 -14.99 7.33 33.03
C ARG C 579 -14.69 6.18 33.98
N LEU C 580 -15.58 5.19 33.98
CA LEU C 580 -15.45 4.01 34.84
C LEU C 580 -14.74 2.86 34.14
N TYR C 581 -15.21 2.52 32.94
CA TYR C 581 -14.93 1.18 32.37
C TYR C 581 -14.02 1.26 31.13
N PRO C 582 -12.76 0.77 31.26
CA PRO C 582 -11.75 1.17 30.29
C PRO C 582 -11.77 0.35 28.98
N SER C 583 -12.62 -0.66 28.90
CA SER C 583 -12.91 -1.32 27.61
C SER C 583 -14.27 -0.89 27.05
N GLY C 584 -14.80 0.21 27.57
CA GLY C 584 -16.04 0.76 27.04
C GLY C 584 -17.21 0.34 27.91
N ASP C 585 -18.35 0.98 27.69
CA ASP C 585 -19.54 0.70 28.51
C ASP C 585 -20.24 -0.62 28.19
N HIS C 586 -20.20 -1.02 26.93
CA HIS C 586 -20.86 -2.26 26.52
C HIS C 586 -19.83 -3.13 25.82
N VAL C 587 -19.34 -4.13 26.54
CA VAL C 587 -18.10 -4.81 26.14
C VAL C 587 -18.30 -6.01 25.16
N PRO C 588 -19.28 -6.87 25.43
CA PRO C 588 -19.36 -8.09 24.60
C PRO C 588 -19.48 -7.76 23.11
N GLN C 589 -18.67 -8.45 22.29
CA GLN C 589 -18.74 -8.35 20.80
C GLN C 589 -18.22 -7.05 20.18
N TRP C 590 -17.68 -6.14 21.00
CA TRP C 590 -16.92 -5.03 20.46
C TRP C 590 -15.63 -5.57 19.83
N SER C 591 -15.32 -5.12 18.61
CA SER C 591 -14.16 -5.64 17.89
C SER C 591 -12.84 -5.10 18.44
N GLY C 592 -12.95 -4.03 19.25
CA GLY C 592 -11.78 -3.31 19.67
C GLY C 592 -11.42 -2.16 18.73
N ASP C 593 -12.20 -1.96 17.66
CA ASP C 593 -11.98 -0.75 16.80
C ASP C 593 -12.82 0.40 17.33
N GLY C 594 -12.23 1.59 17.41
CA GLY C 594 -13.01 2.77 17.77
C GLY C 594 -12.42 3.50 18.96
N VAL C 595 -12.74 4.80 19.05
CA VAL C 595 -12.24 5.62 20.14
C VAL C 595 -13.26 5.56 21.28
N ARG C 596 -13.10 4.62 22.20
CA ARG C 596 -13.99 4.54 23.37
C ARG C 596 -13.15 3.97 24.51
N GLY C 597 -13.65 4.08 25.74
CA GLY C 597 -12.91 3.56 26.90
C GLY C 597 -11.56 4.22 27.02
N MET C 598 -10.56 3.46 27.49
CA MET C 598 -9.21 3.97 27.69
C MET C 598 -8.66 4.61 26.42
N ARG C 599 -8.97 4.07 25.24
CA ARG C 599 -8.42 4.66 24.01
C ARG C 599 -8.94 6.09 23.82
N GLU C 600 -10.20 6.31 24.18
CA GLU C 600 -10.78 7.66 24.14
C GLU C 600 -10.16 8.55 25.19
N TRP C 601 -9.94 8.03 26.39
CA TRP C 601 -9.46 8.89 27.47
C TRP C 601 -7.99 9.27 27.24
N ILE C 602 -7.22 8.36 26.66
CA ILE C 602 -5.82 8.69 26.30
C ILE C 602 -5.80 9.74 25.18
N GLY C 603 -6.68 9.57 24.20
CA GLY C 603 -6.73 10.49 23.03
C GLY C 603 -5.39 10.59 22.30
N ASP C 604 -4.92 11.82 22.05
CA ASP C 604 -3.61 11.96 21.42
C ASP C 604 -2.48 11.99 22.44
N GLY C 605 -2.79 11.77 23.72
CA GLY C 605 -1.73 11.65 24.76
C GLY C 605 -1.24 13.00 25.29
N SER C 606 -1.83 14.09 24.80
CA SER C 606 -1.26 15.42 25.06
C SER C 606 -1.88 16.11 26.28
N GLU C 607 -2.97 15.60 26.82
CA GLU C 607 -3.67 16.39 27.86
C GLU C 607 -2.90 16.39 29.16
N ASN C 608 -3.05 17.47 29.93
CA ASN C 608 -2.32 17.63 31.18
C ASN C 608 -2.83 16.68 32.26
N ILE C 609 -1.92 16.06 33.00
CA ILE C 609 -2.30 15.28 34.20
C ILE C 609 -1.44 15.66 35.41
N ASP C 610 -0.78 16.81 35.35
CA ASP C 610 0.03 17.26 36.48
C ASP C 610 -0.78 18.27 37.30
N ASN C 611 -1.04 17.96 38.55
CA ASN C 611 -1.76 18.86 39.48
C ASN C 611 -3.20 19.15 39.03
N THR C 612 -3.97 18.08 38.90
CA THR C 612 -5.34 18.23 38.42
C THR C 612 -6.13 17.07 38.96
N ASP C 613 -7.38 16.90 38.51
CA ASP C 613 -8.13 15.72 38.88
C ASP C 613 -7.80 14.60 37.91
N ILE C 614 -7.21 13.52 38.43
CA ILE C 614 -6.68 12.47 37.54
C ILE C 614 -7.36 11.14 37.86
N LEU C 615 -7.21 10.15 36.96
CA LEU C 615 -7.67 8.77 37.22
C LEU C 615 -6.49 7.88 36.90
N PHE C 616 -6.17 6.96 37.81
CA PHE C 616 -4.96 6.16 37.70
C PHE C 616 -5.43 4.71 37.53
N PHE C 617 -5.20 4.13 36.34
CA PHE C 617 -5.61 2.76 36.06
C PHE C 617 -4.38 1.86 36.03
N HIS C 618 -4.36 0.86 36.89
CA HIS C 618 -3.20 -0.02 37.04
C HIS C 618 -3.53 -1.43 36.53
N THR C 619 -2.69 -1.98 35.67
CA THR C 619 -2.89 -3.34 35.16
C THR C 619 -1.96 -4.26 35.95
N PHE C 620 -2.54 -5.29 36.57
CA PHE C 620 -1.73 -6.25 37.29
C PHE C 620 -2.33 -7.64 37.09
N GLY C 621 -1.65 -8.69 37.56
CA GLY C 621 -2.25 -10.04 37.47
C GLY C 621 -1.14 -11.06 37.28
N ILE C 622 -1.45 -12.20 36.62
CA ILE C 622 -0.50 -13.33 36.60
C ILE C 622 -0.53 -14.00 35.24
N THR C 623 0.53 -14.72 34.91
CA THR C 623 0.53 -15.54 33.70
C THR C 623 0.52 -17.00 34.15
N HIS C 624 -0.44 -17.79 33.68
CA HIS C 624 -0.71 -19.12 34.24
C HIS C 624 -0.34 -20.19 33.21
N PHE C 625 0.72 -20.95 33.48
CA PHE C 625 1.06 -22.16 32.71
C PHE C 625 0.61 -23.40 33.52
N PRO C 626 -0.52 -24.03 33.14
CA PRO C 626 -1.13 -24.98 34.08
C PRO C 626 -0.21 -26.18 34.32
N ALA C 627 -0.40 -26.84 35.45
CA ALA C 627 0.35 -28.04 35.78
C ALA C 627 -0.65 -28.97 36.47
N PRO C 628 -0.29 -30.24 36.61
CA PRO C 628 -1.28 -31.19 37.19
C PRO C 628 -1.69 -30.85 38.63
N GLU C 629 -0.84 -30.12 39.37
CA GLU C 629 -1.23 -29.66 40.73
C GLU C 629 -2.50 -28.81 40.72
N ASP C 630 -2.81 -28.19 39.58
CA ASP C 630 -3.96 -27.27 39.50
C ASP C 630 -5.26 -28.05 39.26
N PHE C 631 -5.16 -29.37 39.00
CA PHE C 631 -6.32 -30.17 38.54
C PHE C 631 -6.61 -31.30 39.56
N PRO C 632 -7.90 -31.72 39.75
CA PRO C 632 -9.09 -31.26 39.02
C PRO C 632 -9.69 -30.01 39.67
N LEU C 633 -9.09 -29.56 40.77
CA LEU C 633 -9.52 -28.35 41.48
C LEU C 633 -8.25 -27.62 41.95
N MET C 634 -8.15 -26.32 41.75
CA MET C 634 -6.85 -25.66 41.87
C MET C 634 -6.63 -25.02 43.24
N PRO C 635 -5.49 -25.28 43.89
CA PRO C 635 -5.18 -24.62 45.15
C PRO C 635 -5.05 -23.10 44.93
N ALA C 636 -5.52 -22.31 45.89
CA ALA C 636 -5.53 -20.85 45.78
C ALA C 636 -4.17 -20.27 45.33
N GLU C 637 -4.23 -19.41 44.32
CA GLU C 637 -3.03 -18.72 43.85
C GLU C 637 -3.14 -17.23 44.18
N PRO C 638 -2.12 -16.68 44.86
CA PRO C 638 -2.21 -15.31 45.35
C PRO C 638 -1.73 -14.26 44.37
N ILE C 639 -2.39 -13.10 44.42
CA ILE C 639 -1.95 -11.89 43.75
C ILE C 639 -2.14 -10.77 44.76
N THR C 640 -1.23 -9.80 44.78
CA THR C 640 -1.38 -8.70 45.71
C THR C 640 -0.72 -7.42 45.21
N LEU C 641 -1.26 -6.29 45.65
CA LEU C 641 -0.61 -5.00 45.45
C LEU C 641 -0.89 -4.15 46.69
N MET C 642 -0.10 -3.10 46.89
CA MET C 642 -0.41 -2.23 47.99
CA MET C 642 -0.30 -2.23 48.06
C MET C 642 -0.17 -0.77 47.68
N LEU C 643 -0.89 0.09 48.42
CA LEU C 643 -0.81 1.53 48.32
C LEU C 643 -0.40 1.99 49.72
N ARG C 644 0.82 2.50 49.86
CA ARG C 644 1.34 2.82 51.17
C ARG C 644 1.66 4.30 51.31
N PRO C 645 1.34 4.86 52.49
CA PRO C 645 1.66 6.26 52.69
C PRO C 645 3.16 6.47 52.73
N ARG C 646 3.65 7.44 51.94
CA ARG C 646 5.06 7.84 52.01
C ARG C 646 5.10 9.36 52.00
N HIS C 647 5.66 9.93 53.06
CA HIS C 647 5.68 11.39 53.26
C HIS C 647 4.28 11.97 53.47
N PHE C 648 3.32 11.08 53.67
CA PHE C 648 1.97 11.49 54.04
C PHE C 648 1.93 11.93 55.51
N PHE C 649 2.47 11.08 56.38
CA PHE C 649 2.54 11.40 57.81
C PHE C 649 3.90 11.97 58.13
N THR C 650 4.06 12.53 59.34
CA THR C 650 5.40 12.94 59.76
C THR C 650 6.06 11.90 60.66
N GLU C 651 5.31 10.87 61.06
CA GLU C 651 5.91 9.73 61.76
C GLU C 651 4.99 8.54 61.67
N ASN C 652 5.47 7.37 62.05
CA ASN C 652 4.68 6.15 62.08
C ASN C 652 3.32 6.42 62.75
N PRO C 653 2.19 6.23 62.02
CA PRO C 653 0.90 6.66 62.56
C PRO C 653 0.33 5.64 63.55
N GLY C 654 1.00 4.51 63.72
CA GLY C 654 0.49 3.47 64.60
C GLY C 654 0.99 3.54 66.06
N LEU C 655 1.85 4.50 66.39
CA LEU C 655 2.56 4.49 67.69
C LEU C 655 1.68 4.77 68.92
N ASP C 656 0.45 5.23 68.69
CA ASP C 656 -0.50 5.41 69.78
C ASP C 656 -1.43 4.21 69.96
N ILE C 657 -1.15 3.12 69.26
CA ILE C 657 -1.79 1.82 69.52
C ILE C 657 -1.12 1.20 70.77
N GLN C 658 -1.90 0.75 71.74
CA GLN C 658 -1.26 0.15 72.94
C GLN C 658 -0.38 -1.05 72.55
N PRO C 659 0.89 -1.06 72.98
CA PRO C 659 1.75 -2.21 72.72
C PRO C 659 1.21 -3.48 73.39
N SER C 660 1.53 -4.65 72.82
CA SER C 660 1.26 -5.90 73.50
CA SER C 660 1.25 -5.91 73.48
C SER C 660 2.25 -6.13 74.62
N TYR C 661 3.46 -5.59 74.47
CA TYR C 661 4.49 -5.67 75.52
C TYR C 661 5.36 -4.45 75.39
N ALA C 662 5.63 -3.76 76.50
CA ALA C 662 6.61 -2.69 76.51
C ALA C 662 7.38 -2.66 77.84
N MET C 663 8.70 -2.65 77.77
CA MET C 663 9.51 -2.38 78.95
CA MET C 663 9.54 -2.44 78.94
C MET C 663 10.60 -1.41 78.57
N THR C 664 10.73 -0.35 79.36
CA THR C 664 11.73 0.68 79.09
C THR C 664 13.05 0.29 79.77
N THR C 665 14.12 0.99 79.45
CA THR C 665 15.42 0.74 80.05
C THR C 665 15.37 0.97 81.57
N SER C 666 14.74 2.07 82.00
CA SER C 666 14.58 2.32 83.44
C SER C 666 13.81 1.20 84.16
N GLU C 667 12.74 0.70 83.52
CA GLU C 667 11.93 -0.36 84.10
C GLU C 667 12.76 -1.66 84.18
N ALA C 668 13.52 -1.95 83.12
CA ALA C 668 14.36 -3.13 83.12
C ALA C 668 15.40 -3.04 84.24
N LYS C 669 15.99 -1.86 84.42
CA LYS C 669 16.97 -1.67 85.50
C LYS C 669 16.35 -1.89 86.88
N ARG C 670 15.12 -1.42 87.06
CA ARG C 670 14.39 -1.59 88.32
C ARG C 670 14.13 -3.06 88.64
N ALA C 671 13.67 -3.84 87.66
CA ALA C 671 13.65 -5.30 87.81
C ALA C 671 15.05 -5.81 88.15
N VAL C 672 15.93 -4.86 88.48
CA VAL C 672 17.38 -5.10 88.65
C VAL C 672 17.82 -6.34 87.89
N ALA C 684 36.12 4.55 84.38
CA ALA C 684 35.46 5.74 84.99
C ALA C 684 33.98 5.87 84.58
N PHE C 685 33.67 5.62 83.31
CA PHE C 685 32.29 5.52 82.87
C PHE C 685 31.92 4.06 82.57
N GLU C 686 30.75 3.63 83.03
CA GLU C 686 30.23 2.27 82.76
C GLU C 686 30.11 2.00 81.25
N GLY C 687 30.29 0.74 80.85
CA GLY C 687 30.00 0.33 79.48
C GLY C 687 28.56 -0.11 79.34
N SER C 688 28.27 -0.86 78.26
CA SER C 688 26.96 -1.51 78.05
C SER C 688 26.57 -2.39 79.24
N CYS C 689 25.29 -2.40 79.56
CA CYS C 689 24.78 -3.28 80.62
C CYS C 689 25.19 -4.75 80.37
N CYS C 690 25.15 -5.18 79.11
CA CYS C 690 25.48 -6.57 78.73
C CYS C 690 26.98 -6.86 78.81
N GLY C 691 27.81 -5.81 78.90
CA GLY C 691 29.27 -5.94 78.95
C GLY C 691 29.78 -6.44 80.29
CU CU1 D . 21.67 -0.66 -24.97
C1 GOL E . 6.63 31.08 -29.93
O1 GOL E . 7.79 31.82 -29.62
C2 GOL E . 5.50 32.09 -30.19
O2 GOL E . 4.98 32.60 -28.96
C3 GOL E . 5.97 33.25 -31.04
O3 GOL E . 4.79 33.92 -31.44
C1 GOL F . 0.70 14.89 7.26
O1 GOL F . 0.78 16.25 6.89
C2 GOL F . 0.74 14.80 8.78
O2 GOL F . 1.96 14.22 9.15
C3 GOL F . -0.40 13.93 9.24
O3 GOL F . 0.06 13.05 10.23
C1 GOL G . 5.77 42.03 -31.30
O1 GOL G . 7.02 42.37 -31.85
C2 GOL G . 5.99 40.92 -30.29
O2 GOL G . 6.97 40.06 -30.81
C3 GOL G . 4.72 40.11 -30.08
O3 GOL G . 5.07 38.90 -29.44
C1 GOL H . 6.25 6.06 -31.00
O1 GOL H . 5.89 5.68 -32.31
C2 GOL H . 5.75 7.47 -30.64
O2 GOL H . 4.52 7.79 -31.25
C3 GOL H . 5.56 7.54 -29.14
O3 GOL H . 4.69 8.61 -28.94
C1 GOL I . 40.56 10.28 -14.98
O1 GOL I . 39.54 11.10 -14.48
C2 GOL I . 40.53 8.90 -14.29
O2 GOL I . 40.72 9.05 -12.89
C3 GOL I . 41.62 7.98 -14.87
O3 GOL I . 42.88 8.64 -15.03
CU CU1 J . -7.46 7.29 -8.84
C1 GOL K . 20.27 -17.57 -35.18
O1 GOL K . 21.61 -17.26 -35.55
C2 GOL K . 19.58 -18.22 -36.37
O2 GOL K . 20.29 -19.37 -36.79
C3 GOL K . 18.19 -18.68 -35.97
O3 GOL K . 17.70 -19.45 -37.06
C1 GOL L . -6.18 -24.37 -29.85
O1 GOL L . -5.61 -25.09 -30.93
C2 GOL L . -5.11 -23.35 -29.49
O2 GOL L . -3.88 -24.02 -29.33
C3 GOL L . -5.44 -22.53 -28.25
O3 GOL L . -5.88 -23.40 -27.24
P PO4 M . -21.62 29.35 -7.84
O1 PO4 M . -20.96 28.04 -8.26
O2 PO4 M . -21.26 30.44 -8.82
O3 PO4 M . -23.13 29.19 -7.84
O4 PO4 M . -21.19 29.79 -6.46
C1 GOL N . 17.08 -29.77 -28.58
O1 GOL N . 18.40 -30.06 -28.93
C2 GOL N . 16.57 -28.70 -29.53
O2 GOL N . 17.41 -27.59 -29.43
C3 GOL N . 15.14 -28.29 -29.15
O3 GOL N . 14.75 -27.15 -29.87
C1 GOL O . -21.80 24.62 2.57
O1 GOL O . -23.17 24.70 2.18
C2 GOL O . -21.64 23.73 3.81
O2 GOL O . -21.43 22.39 3.40
C3 GOL O . -20.49 24.18 4.74
O3 GOL O . -20.52 23.49 5.98
C1 GOL P . 32.40 -10.64 -10.08
O1 GOL P . 32.89 -9.75 -9.09
C2 GOL P . 31.04 -11.07 -9.57
O2 GOL P . 30.70 -10.14 -8.58
C3 GOL P . 30.02 -10.98 -10.68
O3 GOL P . 29.32 -12.20 -10.72
C1 GOL Q . -10.66 -6.58 10.67
O1 GOL Q . -9.69 -7.21 9.88
C2 GOL Q . -10.04 -5.27 11.17
O2 GOL Q . -8.98 -5.54 12.07
C3 GOL Q . -11.09 -4.35 11.80
O3 GOL Q . -11.86 -5.03 12.77
CU CU1 R . -5.24 -19.29 35.50
C1 GOL S . 23.55 13.01 41.42
O1 GOL S . 24.19 12.36 40.34
C2 GOL S . 22.09 12.57 41.39
O2 GOL S . 21.76 12.21 40.08
C3 GOL S . 21.21 13.73 41.76
O3 GOL S . 19.90 13.22 41.81
C1 GOL T . -12.26 18.61 42.54
O1 GOL T . -12.49 19.30 41.33
C2 GOL T . -13.35 18.93 43.56
O2 GOL T . -14.55 19.05 42.84
C3 GOL T . -13.00 20.26 44.22
O3 GOL T . -14.08 20.77 44.97
C1 GOL U . -5.77 -11.99 52.49
O1 GOL U . -5.98 -10.74 53.10
C2 GOL U . -6.98 -12.80 52.95
O2 GOL U . -7.18 -12.50 54.32
C3 GOL U . -6.75 -14.28 52.69
O3 GOL U . -7.56 -15.06 53.55
C1 GOL V . -10.78 -7.50 15.42
O1 GOL V . -10.26 -6.44 16.16
C2 GOL V . -9.64 -8.40 14.90
O2 GOL V . -8.73 -7.67 14.10
C3 GOL V . -10.22 -9.59 14.10
O3 GOL V . -11.08 -9.15 13.04
C1 GOL W . -17.81 8.20 54.14
O1 GOL W . -18.63 8.76 53.14
C2 GOL W . -18.04 9.08 55.38
O2 GOL W . -17.18 10.21 55.39
C3 GOL W . -19.50 9.55 55.42
O3 GOL W . -19.76 10.00 56.73
C1 GOL X . -7.01 -42.01 35.84
O1 GOL X . -5.70 -41.72 35.42
C2 GOL X . -7.59 -42.94 34.79
O2 GOL X . -7.17 -42.45 33.53
C3 GOL X . -9.10 -43.08 34.85
O3 GOL X . -9.51 -44.09 33.93
C1 GOL Y . -8.45 -39.70 20.98
O1 GOL Y . -8.46 -39.04 19.72
C2 GOL Y . -9.84 -39.74 21.67
O2 GOL Y . -10.18 -38.48 22.24
C3 GOL Y . -9.90 -40.82 22.75
O3 GOL Y . -11.24 -41.23 22.97
C1 GOL Z . -21.59 -41.96 26.62
O1 GOL Z . -22.64 -42.82 27.00
C2 GOL Z . -20.28 -42.73 26.53
O2 GOL Z . -20.34 -43.86 27.36
C3 GOL Z . -19.14 -41.86 27.00
O3 GOL Z . -17.96 -42.63 27.07
#